data_2Y6E
#
_entry.id   2Y6E
#
_cell.length_a   110.500
_cell.length_b   151.030
_cell.length_c   178.670
_cell.angle_alpha   90.00
_cell.angle_beta   90.00
_cell.angle_gamma   90.00
#
_symmetry.space_group_name_H-M   'P 21 21 21'
#
loop_
_entity.id
_entity.type
_entity.pdbx_description
1 polymer 'UBIQUITIN CARBOXYL-TERMINAL HYDROLASE 4'
2 non-polymer 'ZINC ION'
3 non-polymer 'SULFATE ION'
4 water water
#
_entity_poly.entity_id   1
_entity_poly.type   'polypeptide(L)'
_entity_poly.pdbx_seq_one_letter_code
;GMHIQPGLCGLGNLGNT(CME)FMNSALQCLSNTAPLTDYFLKDEYEAEINRDNPLGMKGEIAEAYAELIKQMWSGRDAH
VAPRMFKTQVGRFAPQFSGYQQQDSQELLAFLLDGLHEDLNRVKKKPYLELKDANGRPDAVVAKEAWENHRLRNDSVIVD
TFHGLFKSTLVCPECAKVSVTFDPFCYLTLPLPLKKDRVMEGPMLQPQKKKKTTVALRDCIELFTTMETLGEHDPWYCPN
CKKHQQATKKFDLWSLPKILVVHLKRFSYNRYWRDKLDTVVEFPIRGLNMSEFVCNLSARPYVYDLIAVSNHYGAMGVGH
YTAYAKNKLNGKWYYFDDSNVSLASEDQIVTKAAYVLFYQRRDDEFYKTPS
;
_entity_poly.pdbx_strand_id   A,B,C,D,E,F
#
# COMPACT_ATOMS: atom_id res chain seq x y z
N ILE A 4 -2.68 15.62 39.37
CA ILE A 4 -2.53 16.40 38.14
C ILE A 4 -3.69 17.41 38.07
N GLN A 5 -3.38 18.67 37.70
CA GLN A 5 -4.37 19.74 37.55
C GLN A 5 -5.26 19.46 36.31
N PRO A 6 -6.61 19.54 36.44
CA PRO A 6 -7.47 19.23 35.28
C PRO A 6 -7.23 20.18 34.11
N GLY A 7 -7.13 19.59 32.92
CA GLY A 7 -6.88 20.30 31.67
C GLY A 7 -5.42 20.36 31.27
N LEU A 8 -4.51 20.05 32.20
CA LEU A 8 -3.06 20.03 31.93
C LEU A 8 -2.68 18.59 31.55
N CYS A 9 -3.23 18.18 30.43
CA CYS A 9 -3.10 16.85 29.88
C CYS A 9 -2.57 16.94 28.44
N GLY A 10 -1.40 16.34 28.23
CA GLY A 10 -0.78 16.26 26.92
C GLY A 10 -1.45 15.20 26.09
N LEU A 11 -1.25 15.24 24.77
CA LEU A 11 -1.81 14.25 23.86
C LEU A 11 -0.68 13.56 23.15
N GLY A 12 -0.61 12.25 23.26
CA GLY A 12 0.44 11.49 22.61
C GLY A 12 0.37 11.62 21.10
N ASN A 13 1.52 11.67 20.44
CA ASN A 13 1.55 11.72 18.98
C ASN A 13 1.39 10.26 18.50
N LEU A 14 0.45 10.02 17.57
CA LEU A 14 0.20 8.65 17.08
C LEU A 14 0.72 8.45 15.64
N GLY A 15 1.76 9.23 15.28
CA GLY A 15 2.37 9.18 13.95
C GLY A 15 1.82 10.29 13.08
N ASN A 16 2.51 11.44 13.07
CA ASN A 16 2.18 12.68 12.35
C ASN A 16 0.77 13.23 12.76
N THR A 17 0.46 13.23 14.07
CA THR A 17 -0.86 13.70 14.53
C THR A 17 -0.76 14.99 15.34
N PHE A 19 -0.74 18.02 14.21
CA PHE A 19 -1.72 18.96 13.66
C PHE A 19 -3.07 18.82 14.38
N MET A 20 -3.41 17.57 14.75
CA MET A 20 -4.65 17.24 15.43
C MET A 20 -4.58 17.62 16.92
N ASN A 21 -3.48 17.24 17.60
CA ASN A 21 -3.28 17.55 19.01
C ASN A 21 -3.33 19.06 19.28
N SER A 22 -2.71 19.89 18.39
CA SER A 22 -2.65 21.35 18.48
C SER A 22 -4.08 21.94 18.44
N ALA A 23 -4.88 21.55 17.43
CA ALA A 23 -6.26 21.96 17.27
C ALA A 23 -7.07 21.49 18.48
N LEU A 24 -6.85 20.23 18.93
CA LEU A 24 -7.55 19.65 20.10
C LEU A 24 -7.25 20.40 21.40
N GLN A 25 -6.01 20.88 21.59
CA GLN A 25 -5.63 21.65 22.79
C GLN A 25 -6.33 23.02 22.82
N CYS A 26 -6.51 23.62 21.64
CA CYS A 26 -7.21 24.90 21.49
C CYS A 26 -8.66 24.75 21.83
N LEU A 27 -9.30 23.71 21.30
CA LEU A 27 -10.71 23.39 21.57
C LEU A 27 -10.93 22.98 23.02
N SER A 28 -9.98 22.21 23.60
CA SER A 28 -10.06 21.77 25.00
C SER A 28 -10.10 22.97 25.96
N ASN A 29 -9.35 24.02 25.62
CA ASN A 29 -9.23 25.21 26.45
C ASN A 29 -10.23 26.31 26.05
N THR A 30 -11.30 25.92 25.32
CA THR A 30 -12.46 26.75 24.97
C THR A 30 -13.50 26.32 26.00
N ALA A 31 -13.52 27.06 27.14
CA ALA A 31 -14.35 26.81 28.30
C ALA A 31 -15.85 26.60 27.97
N PRO A 32 -16.56 27.40 27.12
CA PRO A 32 -17.99 27.11 26.84
C PRO A 32 -18.22 25.74 26.22
N LEU A 33 -17.28 25.25 25.42
CA LEU A 33 -17.37 23.95 24.76
C LEU A 33 -17.02 22.82 25.73
N THR A 34 -15.91 22.92 26.51
CA THR A 34 -15.51 21.87 27.46
C THR A 34 -16.58 21.72 28.54
N ASP A 35 -17.08 22.85 29.10
CA ASP A 35 -18.13 22.86 30.12
C ASP A 35 -19.39 22.14 29.66
N TYR A 36 -19.77 22.31 28.39
CA TYR A 36 -20.91 21.64 27.77
C TYR A 36 -20.78 20.11 27.85
N PHE A 37 -19.59 19.54 27.52
CA PHE A 37 -19.35 18.10 27.58
C PHE A 37 -19.18 17.58 29.00
N LEU A 38 -18.49 18.34 29.87
CA LEU A 38 -18.28 17.94 31.28
C LEU A 38 -19.59 17.96 32.07
N LYS A 39 -20.56 18.85 31.70
CA LYS A 39 -21.89 18.93 32.33
C LYS A 39 -22.68 17.66 32.07
N ASP A 40 -22.27 16.90 31.02
CA ASP A 40 -22.74 15.57 30.63
C ASP A 40 -24.28 15.48 30.53
N GLU A 41 -24.88 16.44 29.80
CA GLU A 41 -26.34 16.46 29.58
C GLU A 41 -26.61 16.58 28.07
N TYR A 42 -25.51 16.67 27.29
CA TYR A 42 -25.43 16.77 25.83
C TYR A 42 -25.97 15.50 25.11
N GLU A 43 -26.15 14.37 25.84
CA GLU A 43 -26.57 13.09 25.29
C GLU A 43 -27.92 13.21 24.54
N ALA A 44 -28.82 14.06 25.06
CA ALA A 44 -30.14 14.31 24.46
C ALA A 44 -30.01 15.07 23.12
N GLU A 45 -28.88 15.78 22.90
CA GLU A 45 -28.62 16.60 21.72
C GLU A 45 -27.84 15.87 20.61
N ILE A 46 -27.32 14.64 20.86
CA ILE A 46 -26.61 13.87 19.84
C ILE A 46 -27.59 13.50 18.72
N ASN A 47 -27.29 13.95 17.49
CA ASN A 47 -28.09 13.73 16.28
C ASN A 47 -27.46 12.62 15.44
N ARG A 48 -28.06 11.42 15.52
CA ARG A 48 -27.57 10.21 14.83
C ARG A 48 -28.13 10.01 13.42
N ASP A 49 -29.18 10.75 13.05
CA ASP A 49 -29.85 10.64 11.75
C ASP A 49 -29.45 11.75 10.77
N ASN A 50 -28.74 12.80 11.23
CA ASN A 50 -28.35 13.93 10.40
C ASN A 50 -27.55 13.48 9.15
N PRO A 51 -28.08 13.75 7.92
CA PRO A 51 -27.38 13.36 6.69
C PRO A 51 -26.05 14.10 6.48
N LEU A 52 -25.83 15.17 7.25
CA LEU A 52 -24.59 15.95 7.14
C LEU A 52 -23.59 15.63 8.26
N GLY A 53 -24.00 14.80 9.22
CA GLY A 53 -23.18 14.39 10.35
C GLY A 53 -22.52 13.03 10.21
N MET A 54 -21.92 12.57 11.31
CA MET A 54 -21.19 11.31 11.37
C MET A 54 -21.86 10.38 12.38
N LYS A 55 -23.21 10.41 12.41
CA LYS A 55 -24.10 9.59 13.23
C LYS A 55 -23.87 9.80 14.73
N GLY A 56 -23.36 10.99 15.11
CA GLY A 56 -23.07 11.34 16.49
C GLY A 56 -21.72 10.85 17.00
N GLU A 57 -21.00 10.06 16.17
CA GLU A 57 -19.74 9.40 16.52
C GLU A 57 -18.53 10.36 16.71
N ILE A 58 -18.47 11.50 16.00
CA ILE A 58 -17.39 12.45 16.20
C ILE A 58 -17.64 13.20 17.54
N ALA A 59 -18.90 13.57 17.82
CA ALA A 59 -19.29 14.21 19.08
C ALA A 59 -18.98 13.27 20.29
N GLU A 60 -19.27 11.97 20.15
CA GLU A 60 -19.08 10.99 21.22
C GLU A 60 -17.61 10.72 21.49
N ALA A 61 -16.77 10.62 20.42
CA ALA A 61 -15.34 10.40 20.54
C ALA A 61 -14.69 11.64 21.16
N TYR A 62 -15.16 12.84 20.79
CA TYR A 62 -14.67 14.12 21.31
C TYR A 62 -15.03 14.27 22.80
N ALA A 63 -16.29 13.98 23.17
CA ALA A 63 -16.80 14.04 24.55
C ALA A 63 -15.98 13.17 25.51
N GLU A 64 -15.71 11.91 25.11
CA GLU A 64 -14.95 10.91 25.82
C GLU A 64 -13.50 11.42 26.07
N LEU A 65 -12.85 11.96 25.03
CA LEU A 65 -11.50 12.50 25.09
C LEU A 65 -11.40 13.74 26.03
N ILE A 66 -12.33 14.69 25.91
CA ILE A 66 -12.36 15.91 26.74
C ILE A 66 -12.56 15.55 28.22
N LYS A 67 -13.35 14.49 28.53
CA LYS A 67 -13.56 14.01 29.90
C LYS A 67 -12.26 13.42 30.47
N GLN A 68 -11.47 12.73 29.63
CA GLN A 68 -10.16 12.17 30.00
C GLN A 68 -9.15 13.30 30.28
N MET A 69 -9.11 14.32 29.42
CA MET A 69 -8.20 15.47 29.51
C MET A 69 -8.51 16.37 30.70
N TRP A 70 -9.76 16.34 31.22
CA TRP A 70 -10.17 17.20 32.34
C TRP A 70 -10.47 16.40 33.61
N SER A 71 -10.08 15.11 33.67
CA SER A 71 -10.29 14.25 34.83
C SER A 71 -9.30 14.55 35.98
N GLY A 72 -8.09 14.96 35.63
CA GLY A 72 -7.01 15.23 36.59
C GLY A 72 -6.27 13.97 37.00
N ARG A 73 -6.54 12.85 36.28
CA ARG A 73 -5.97 11.54 36.55
C ARG A 73 -4.73 11.26 35.70
N ASP A 74 -4.64 11.85 34.51
CA ASP A 74 -3.52 11.61 33.61
C ASP A 74 -2.80 12.89 33.19
N ALA A 75 -1.48 12.78 33.06
CA ALA A 75 -0.59 13.86 32.61
C ALA A 75 -0.62 13.93 31.09
N HIS A 76 -0.96 12.80 30.44
CA HIS A 76 -1.10 12.65 29.00
C HIS A 76 -1.99 11.46 28.67
N VAL A 77 -2.67 11.54 27.52
CA VAL A 77 -3.51 10.49 26.97
C VAL A 77 -3.19 10.31 25.49
N ALA A 78 -3.33 9.09 24.98
CA ALA A 78 -3.17 8.79 23.55
C ALA A 78 -4.58 8.83 22.94
N PRO A 79 -4.92 9.83 22.11
CA PRO A 79 -6.30 9.92 21.59
C PRO A 79 -6.59 8.91 20.46
N ARG A 80 -6.47 7.60 20.75
CA ARG A 80 -6.60 6.54 19.74
C ARG A 80 -7.98 6.43 19.14
N MET A 81 -9.04 6.42 19.96
CA MET A 81 -10.41 6.32 19.46
C MET A 81 -10.74 7.51 18.57
N PHE A 82 -10.36 8.73 19.02
CA PHE A 82 -10.61 9.95 18.29
C PHE A 82 -9.91 9.96 16.92
N LYS A 83 -8.60 9.62 16.90
CA LYS A 83 -7.76 9.55 15.69
C LYS A 83 -8.35 8.56 14.68
N THR A 84 -8.81 7.40 15.17
CA THR A 84 -9.43 6.33 14.39
C THR A 84 -10.72 6.81 13.73
N GLN A 85 -11.59 7.48 14.49
CA GLN A 85 -12.87 7.97 14.02
C GLN A 85 -12.67 9.07 12.96
N VAL A 86 -11.70 9.98 13.19
CA VAL A 86 -11.35 11.04 12.25
C VAL A 86 -10.87 10.42 10.91
N GLY A 87 -9.92 9.47 11.00
CA GLY A 87 -9.35 8.79 9.85
C GLY A 87 -10.34 7.99 9.03
N ARG A 88 -11.42 7.54 9.67
CA ARG A 88 -12.51 6.77 9.10
C ARG A 88 -13.45 7.68 8.29
N PHE A 89 -13.84 8.83 8.84
CA PHE A 89 -14.76 9.76 8.18
C PHE A 89 -14.03 10.75 7.24
N ALA A 90 -12.77 11.14 7.58
CA ALA A 90 -11.96 12.05 6.77
C ALA A 90 -10.54 11.47 6.57
N PRO A 91 -10.39 10.54 5.59
CA PRO A 91 -9.07 9.88 5.38
C PRO A 91 -7.92 10.81 4.98
N GLN A 92 -8.21 12.03 4.51
CA GLN A 92 -7.16 13.00 4.14
C GLN A 92 -6.27 13.40 5.35
N PHE A 93 -6.79 13.21 6.57
CA PHE A 93 -6.07 13.53 7.80
C PHE A 93 -5.20 12.36 8.29
N SER A 94 -5.05 11.30 7.50
CA SER A 94 -4.17 10.21 7.91
C SER A 94 -2.90 10.21 7.00
N GLY A 95 -1.78 9.67 7.48
CA GLY A 95 -0.55 9.67 6.68
C GLY A 95 0.59 10.55 7.17
N TYR A 96 1.75 10.44 6.50
CA TYR A 96 2.97 11.13 6.93
C TYR A 96 3.35 12.32 6.01
N GLN A 97 2.36 12.97 5.39
CA GLN A 97 2.54 14.16 4.56
C GLN A 97 2.20 15.42 5.43
N GLN A 98 2.50 16.62 4.88
CA GLN A 98 2.19 17.90 5.54
C GLN A 98 0.72 17.99 5.87
N GLN A 99 0.42 18.38 7.11
CA GLN A 99 -0.96 18.59 7.54
C GLN A 99 -1.20 20.08 7.91
N ASP A 100 -2.47 20.45 8.09
CA ASP A 100 -2.91 21.80 8.42
C ASP A 100 -3.85 21.74 9.62
N SER A 101 -3.46 22.31 10.78
CA SER A 101 -4.26 22.30 12.01
C SER A 101 -5.63 23.03 11.83
N GLN A 102 -5.69 24.05 10.95
CA GLN A 102 -6.92 24.78 10.63
C GLN A 102 -7.86 23.92 9.76
N GLU A 103 -7.31 23.12 8.85
CA GLU A 103 -8.09 22.24 8.03
C GLU A 103 -8.80 21.22 8.95
N LEU A 104 -8.07 20.70 9.96
CA LEU A 104 -8.65 19.77 10.91
C LEU A 104 -9.72 20.47 11.76
N LEU A 105 -9.43 21.70 12.19
CA LEU A 105 -10.29 22.54 13.03
C LEU A 105 -11.63 22.78 12.32
N ALA A 106 -11.59 23.20 11.05
CA ALA A 106 -12.78 23.44 10.21
C ALA A 106 -13.62 22.16 10.08
N PHE A 107 -12.96 21.02 9.90
CA PHE A 107 -13.63 19.72 9.81
C PHE A 107 -14.38 19.39 11.11
N LEU A 108 -13.68 19.53 12.24
CA LEU A 108 -14.15 19.21 13.59
C LEU A 108 -15.28 20.15 14.02
N LEU A 109 -15.15 21.48 13.77
CA LEU A 109 -16.19 22.45 14.10
C LEU A 109 -17.50 22.12 13.35
N ASP A 110 -17.40 21.72 12.06
CA ASP A 110 -18.56 21.34 11.27
C ASP A 110 -19.15 19.98 11.73
N GLY A 111 -18.27 19.00 11.97
CA GLY A 111 -18.66 17.67 12.42
C GLY A 111 -19.35 17.66 13.76
N LEU A 112 -18.79 18.39 14.75
CA LEU A 112 -19.37 18.55 16.08
C LEU A 112 -20.75 19.25 15.97
N HIS A 113 -20.84 20.27 15.10
CA HIS A 113 -22.09 20.98 14.90
C HIS A 113 -23.18 20.05 14.38
N GLU A 114 -22.89 19.25 13.35
CA GLU A 114 -23.87 18.37 12.75
C GLU A 114 -24.28 17.20 13.68
N ASP A 115 -23.30 16.65 14.41
CA ASP A 115 -23.53 15.58 15.37
C ASP A 115 -24.33 16.05 16.59
N LEU A 116 -24.39 17.39 16.83
CA LEU A 116 -25.08 17.98 17.97
C LEU A 116 -26.15 19.00 17.52
N ASN A 117 -26.59 18.92 16.24
CA ASN A 117 -27.57 19.83 15.69
C ASN A 117 -28.96 19.50 16.21
N ARG A 118 -29.58 20.52 16.87
CA ARG A 118 -30.91 20.44 17.49
C ARG A 118 -32.02 20.41 16.46
N VAL A 119 -31.73 20.88 15.24
CA VAL A 119 -32.67 20.86 14.12
C VAL A 119 -32.64 19.43 13.56
N LYS A 120 -33.71 18.67 13.85
CA LYS A 120 -33.87 17.27 13.45
C LYS A 120 -34.28 17.15 11.98
N LYS A 121 -35.00 18.15 11.45
CA LYS A 121 -35.40 18.18 10.04
C LYS A 121 -35.13 19.57 9.47
N LYS A 122 -34.10 19.69 8.63
CA LYS A 122 -33.69 20.95 8.03
C LYS A 122 -34.71 21.43 6.98
N PRO A 123 -35.29 22.65 7.17
CA PRO A 123 -36.27 23.14 6.20
C PRO A 123 -35.65 23.94 5.06
N TYR A 124 -36.48 24.16 4.04
CA TYR A 124 -36.16 24.95 2.88
C TYR A 124 -37.11 26.14 2.84
N LEU A 125 -36.53 27.34 2.77
CA LEU A 125 -37.25 28.60 2.62
C LEU A 125 -36.39 29.51 1.76
N GLU A 126 -37.04 30.21 0.83
CA GLU A 126 -36.36 31.13 -0.10
C GLU A 126 -35.76 32.31 0.67
N LEU A 127 -34.55 32.72 0.26
CA LEU A 127 -33.87 33.87 0.84
C LEU A 127 -34.46 35.13 0.18
N LYS A 128 -35.11 36.00 0.99
CA LYS A 128 -35.74 37.24 0.52
C LYS A 128 -34.74 38.10 -0.26
N ASP A 129 -35.20 38.78 -1.34
CA ASP A 129 -34.40 39.62 -2.23
C ASP A 129 -33.41 40.55 -1.49
N ALA A 130 -33.79 41.04 -0.26
CA ALA A 130 -32.98 41.86 0.64
C ALA A 130 -32.39 43.11 -0.06
N ASN A 131 -33.16 43.64 -1.02
CA ASN A 131 -32.83 44.73 -1.92
C ASN A 131 -33.23 46.10 -1.35
N GLY A 132 -32.20 46.88 -1.02
CA GLY A 132 -32.34 48.23 -0.49
C GLY A 132 -32.89 48.35 0.94
N ARG A 133 -33.24 47.20 1.57
CA ARG A 133 -33.80 47.13 2.93
C ARG A 133 -32.72 47.39 3.97
N PRO A 134 -33.02 47.86 5.22
CA PRO A 134 -31.93 48.18 6.15
C PRO A 134 -31.11 46.95 6.52
N ASP A 135 -29.79 47.14 6.69
CA ASP A 135 -28.83 46.09 7.05
C ASP A 135 -29.26 45.35 8.30
N ALA A 136 -29.78 46.07 9.32
CA ALA A 136 -30.25 45.50 10.58
C ALA A 136 -31.38 44.47 10.37
N VAL A 137 -32.29 44.76 9.42
CA VAL A 137 -33.43 43.93 9.07
C VAL A 137 -32.94 42.66 8.34
N VAL A 138 -32.09 42.84 7.30
CA VAL A 138 -31.56 41.78 6.44
C VAL A 138 -30.61 40.83 7.22
N ALA A 139 -29.77 41.39 8.12
CA ALA A 139 -28.87 40.59 8.96
C ALA A 139 -29.63 39.71 9.97
N LYS A 140 -30.67 40.27 10.63
CA LYS A 140 -31.54 39.58 11.61
C LYS A 140 -32.24 38.38 10.93
N GLU A 141 -32.70 38.60 9.68
CA GLU A 141 -33.35 37.62 8.83
C GLU A 141 -32.38 36.46 8.48
N ALA A 142 -31.17 36.81 8.02
CA ALA A 142 -30.08 35.88 7.67
C ALA A 142 -29.67 34.98 8.85
N TRP A 143 -29.58 35.56 10.06
CA TRP A 143 -29.23 34.86 11.29
C TRP A 143 -30.33 33.92 11.72
N GLU A 144 -31.59 34.37 11.67
CA GLU A 144 -32.75 33.56 12.05
C GLU A 144 -32.92 32.37 11.10
N ASN A 145 -32.70 32.58 9.77
CA ASN A 145 -32.77 31.53 8.75
C ASN A 145 -31.66 30.50 8.94
N HIS A 146 -30.46 30.97 9.35
CA HIS A 146 -29.32 30.14 9.68
C HIS A 146 -29.65 29.24 10.86
N ARG A 147 -30.25 29.79 11.94
CA ARG A 147 -30.62 29.03 13.15
C ARG A 147 -31.82 28.11 12.95
N LEU A 148 -32.59 28.29 11.86
CA LEU A 148 -33.71 27.39 11.54
C LEU A 148 -33.18 26.08 10.92
N ARG A 149 -31.94 26.10 10.45
CA ARG A 149 -31.25 24.96 9.87
C ARG A 149 -30.14 24.45 10.79
N ASN A 150 -29.50 25.38 11.55
CA ASN A 150 -28.33 25.11 12.37
C ASN A 150 -28.48 25.67 13.78
N ASP A 151 -28.67 24.76 14.74
CA ASP A 151 -28.83 25.11 16.14
C ASP A 151 -28.06 24.09 16.98
N SER A 152 -26.91 24.50 17.49
CA SER A 152 -26.04 23.65 18.32
C SER A 152 -25.12 24.47 19.20
N VAL A 153 -24.44 23.78 20.16
CA VAL A 153 -23.44 24.38 21.04
C VAL A 153 -22.34 25.06 20.18
N ILE A 154 -22.09 24.55 18.94
CA ILE A 154 -21.09 25.13 18.03
C ILE A 154 -21.57 26.49 17.51
N VAL A 155 -22.87 26.60 17.13
CA VAL A 155 -23.50 27.85 16.68
C VAL A 155 -23.47 28.87 17.83
N ASP A 156 -23.84 28.43 19.02
CA ASP A 156 -23.89 29.24 20.23
C ASP A 156 -22.51 29.77 20.68
N THR A 157 -21.42 29.00 20.43
CA THR A 157 -20.08 29.33 20.85
C THR A 157 -19.25 30.08 19.79
N PHE A 158 -19.24 29.58 18.53
CA PHE A 158 -18.32 30.07 17.49
C PHE A 158 -18.91 30.82 16.31
N HIS A 159 -20.25 30.86 16.15
CA HIS A 159 -20.81 31.46 14.93
C HIS A 159 -21.05 32.97 15.03
N GLY A 160 -20.66 33.62 13.96
CA GLY A 160 -20.82 35.04 13.70
C GLY A 160 -21.44 35.24 12.34
N LEU A 161 -21.57 36.50 11.93
CA LEU A 161 -22.19 36.90 10.68
C LEU A 161 -21.37 37.97 10.00
N PHE A 162 -21.16 37.81 8.70
CA PHE A 162 -20.43 38.83 7.97
C PHE A 162 -21.27 39.25 6.76
N LYS A 163 -21.06 40.51 6.33
CA LYS A 163 -21.78 41.10 5.20
C LYS A 163 -20.91 41.01 3.95
N SER A 164 -21.48 40.62 2.79
CA SER A 164 -20.73 40.59 1.53
C SER A 164 -21.42 41.50 0.53
N THR A 165 -20.67 42.42 -0.05
CA THR A 165 -21.19 43.34 -1.08
C THR A 165 -20.48 43.04 -2.41
N LEU A 166 -21.26 42.65 -3.42
CA LEU A 166 -20.74 42.35 -4.74
C LEU A 166 -21.31 43.33 -5.74
N VAL A 167 -20.42 43.98 -6.53
CA VAL A 167 -20.78 44.98 -7.54
C VAL A 167 -20.31 44.51 -8.93
N CYS A 168 -21.27 44.28 -9.84
CA CYS A 168 -21.02 43.85 -11.22
C CYS A 168 -20.34 44.97 -12.05
N PRO A 169 -19.27 44.67 -12.83
CA PRO A 169 -18.62 45.74 -13.62
C PRO A 169 -19.41 46.12 -14.88
N GLU A 170 -20.38 45.27 -15.31
CA GLU A 170 -21.18 45.51 -16.51
C GLU A 170 -22.48 46.29 -16.21
N CYS A 171 -23.38 45.77 -15.34
CA CYS A 171 -24.67 46.39 -15.05
C CYS A 171 -24.68 47.26 -13.76
N ALA A 172 -23.54 47.30 -13.01
CA ALA A 172 -23.33 48.07 -11.76
C ALA A 172 -24.29 47.63 -10.62
N LYS A 173 -24.83 46.39 -10.69
CA LYS A 173 -25.75 45.85 -9.69
C LYS A 173 -25.01 45.55 -8.39
N VAL A 174 -25.55 46.07 -7.27
CA VAL A 174 -25.02 45.90 -5.92
C VAL A 174 -25.80 44.78 -5.20
N SER A 175 -25.15 43.63 -5.00
CA SER A 175 -25.71 42.46 -4.32
C SER A 175 -25.15 42.36 -2.89
N VAL A 176 -26.03 42.56 -1.88
CA VAL A 176 -25.70 42.49 -0.46
C VAL A 176 -26.30 41.22 0.14
N THR A 177 -25.46 40.39 0.79
CA THR A 177 -25.85 39.17 1.51
C THR A 177 -25.17 39.12 2.87
N PHE A 178 -25.73 38.34 3.79
CA PHE A 178 -25.16 38.12 5.13
C PHE A 178 -24.99 36.64 5.28
N ASP A 179 -23.79 36.21 5.57
CA ASP A 179 -23.49 34.78 5.67
C ASP A 179 -22.83 34.46 7.00
N PRO A 180 -23.12 33.28 7.58
CA PRO A 180 -22.46 32.93 8.87
C PRO A 180 -21.02 32.46 8.69
N PHE A 181 -20.24 32.52 9.78
CA PHE A 181 -18.86 32.03 9.79
C PHE A 181 -18.59 31.41 11.16
N CYS A 182 -17.72 30.39 11.26
CA CYS A 182 -17.33 29.87 12.58
C CYS A 182 -15.84 30.19 12.87
N TYR A 183 -15.14 30.81 11.87
CA TYR A 183 -13.77 31.30 12.02
C TYR A 183 -13.51 32.38 10.96
N LEU A 184 -12.51 33.25 11.18
CA LEU A 184 -12.13 34.27 10.21
C LEU A 184 -10.75 33.96 9.69
N THR A 185 -10.63 33.74 8.35
CA THR A 185 -9.36 33.55 7.65
C THR A 185 -8.91 34.94 7.27
N LEU A 186 -7.81 35.43 7.91
CA LEU A 186 -7.26 36.77 7.67
C LEU A 186 -6.09 36.72 6.73
N PRO A 187 -6.11 37.53 5.65
CA PRO A 187 -4.95 37.59 4.75
C PRO A 187 -3.86 38.43 5.36
N LEU A 188 -2.60 38.04 5.11
CA LEU A 188 -1.47 38.82 5.61
C LEU A 188 -1.03 39.77 4.50
N PRO A 189 -0.54 40.99 4.83
CA PRO A 189 -0.03 41.90 3.77
C PRO A 189 1.00 41.22 2.86
N LEU A 190 0.94 41.45 1.52
CA LEU A 190 1.80 40.80 0.49
C LEU A 190 3.28 40.85 0.87
N THR A 210 7.16 42.84 10.38
CA THR A 210 6.19 42.72 11.46
C THR A 210 4.93 43.56 11.17
N VAL A 211 3.77 42.89 11.20
CA VAL A 211 2.45 43.47 10.93
C VAL A 211 1.56 43.32 12.19
N ALA A 212 0.57 44.20 12.35
CA ALA A 212 -0.37 44.14 13.47
C ALA A 212 -1.60 43.36 13.05
N LEU A 213 -2.26 42.71 14.00
CA LEU A 213 -3.48 41.94 13.76
C LEU A 213 -4.57 42.82 13.11
N ARG A 214 -4.69 44.08 13.60
CA ARG A 214 -5.65 45.07 13.12
C ARG A 214 -5.45 45.36 11.62
N ASP A 215 -4.19 45.28 11.11
CA ASP A 215 -3.86 45.46 9.69
C ASP A 215 -4.43 44.31 8.86
N CYS A 216 -4.39 43.06 9.41
CA CYS A 216 -4.93 41.87 8.76
C CYS A 216 -6.45 41.92 8.77
N ILE A 217 -7.08 42.39 9.90
CA ILE A 217 -8.54 42.59 10.00
C ILE A 217 -9.00 43.63 8.97
N GLU A 218 -8.29 44.77 8.87
CA GLU A 218 -8.59 45.85 7.93
C GLU A 218 -8.47 45.36 6.48
N LEU A 219 -7.45 44.52 6.19
CA LEU A 219 -7.22 43.92 4.88
C LEU A 219 -8.35 42.96 4.50
N PHE A 220 -8.93 42.26 5.50
CA PHE A 220 -10.03 41.34 5.29
C PHE A 220 -11.29 42.11 4.86
N THR A 221 -11.50 43.34 5.36
CA THR A 221 -12.65 44.16 5.01
C THR A 221 -12.36 45.13 3.84
N THR A 222 -11.14 45.11 3.22
CA THR A 222 -10.95 46.01 2.07
C THR A 222 -11.56 45.39 0.83
N MET A 223 -12.12 46.24 -0.03
CA MET A 223 -12.71 45.80 -1.28
C MET A 223 -11.62 45.27 -2.20
N GLU A 224 -11.90 44.13 -2.79
CA GLU A 224 -11.00 43.50 -3.74
C GLU A 224 -11.78 43.15 -4.99
N THR A 225 -11.07 42.99 -6.12
CA THR A 225 -11.69 42.62 -7.39
C THR A 225 -11.39 41.12 -7.60
N LEU A 226 -12.44 40.31 -7.82
CA LEU A 226 -12.28 38.86 -8.03
C LEU A 226 -11.44 38.58 -9.30
N GLY A 227 -10.45 37.69 -9.17
CA GLY A 227 -9.53 37.34 -10.25
C GLY A 227 -9.85 36.09 -11.04
N GLU A 228 -8.83 35.51 -11.71
CA GLU A 228 -8.95 34.29 -12.52
C GLU A 228 -9.21 33.07 -11.64
N ASP A 230 -12.14 32.45 -10.44
CA ASP A 230 -13.12 32.54 -9.37
C ASP A 230 -14.10 33.74 -9.55
N PRO A 231 -14.66 34.00 -10.77
CA PRO A 231 -15.61 35.12 -10.91
C PRO A 231 -16.98 34.82 -10.29
N TRP A 232 -17.73 35.89 -9.96
CA TRP A 232 -19.08 35.81 -9.35
C TRP A 232 -20.16 35.76 -10.44
N TYR A 233 -21.15 34.86 -10.30
CA TYR A 233 -22.25 34.77 -11.26
C TYR A 233 -23.22 35.95 -11.05
N CYS A 234 -23.52 36.68 -12.13
CA CYS A 234 -24.40 37.84 -12.12
C CYS A 234 -25.85 37.44 -12.54
N PRO A 235 -26.93 37.91 -11.84
CA PRO A 235 -28.28 37.53 -12.27
C PRO A 235 -28.82 38.31 -13.48
N ASN A 236 -28.44 39.61 -13.64
CA ASN A 236 -28.87 40.48 -14.74
C ASN A 236 -28.10 40.18 -16.03
N CYS A 237 -26.80 39.90 -15.93
CA CYS A 237 -25.91 39.58 -17.05
C CYS A 237 -26.08 38.12 -17.49
N LYS A 238 -26.39 37.22 -16.51
CA LYS A 238 -26.54 35.77 -16.69
C LYS A 238 -25.20 35.18 -17.20
N LYS A 239 -24.07 35.61 -16.57
CA LYS A 239 -22.70 35.24 -16.91
C LYS A 239 -21.75 35.44 -15.72
N HIS A 240 -20.65 34.66 -15.68
CA HIS A 240 -19.61 34.72 -14.64
C HIS A 240 -18.78 36.01 -14.79
N GLN A 241 -19.02 37.00 -13.89
CA GLN A 241 -18.39 38.32 -13.90
C GLN A 241 -17.31 38.49 -12.81
N GLN A 242 -16.22 39.21 -13.16
CA GLN A 242 -15.12 39.53 -12.26
C GLN A 242 -15.46 40.86 -11.56
N ALA A 243 -16.41 40.74 -10.61
CA ALA A 243 -17.01 41.78 -9.78
C ALA A 243 -16.14 42.15 -8.58
N THR A 244 -16.42 43.32 -7.96
CA THR A 244 -15.73 43.74 -6.74
C THR A 244 -16.43 43.09 -5.55
N LYS A 245 -15.65 42.65 -4.55
CA LYS A 245 -16.17 41.98 -3.36
C LYS A 245 -15.65 42.67 -2.10
N LYS A 246 -16.56 43.07 -1.22
CA LYS A 246 -16.19 43.71 0.04
C LYS A 246 -16.86 43.00 1.22
N PHE A 247 -16.04 42.62 2.20
CA PHE A 247 -16.52 42.00 3.42
C PHE A 247 -16.64 43.03 4.50
N ASP A 248 -17.60 42.82 5.41
CA ASP A 248 -17.82 43.62 6.61
C ASP A 248 -18.21 42.69 7.73
N LEU A 249 -17.72 42.95 8.95
CA LEU A 249 -18.06 42.12 10.12
C LEU A 249 -19.35 42.67 10.69
N TRP A 250 -20.40 41.80 10.81
CA TRP A 250 -21.68 42.24 11.34
C TRP A 250 -21.82 41.88 12.85
N SER A 251 -21.70 40.60 13.19
CA SER A 251 -21.78 40.14 14.58
C SER A 251 -20.68 39.12 14.82
N LEU A 252 -20.12 39.15 16.04
CA LEU A 252 -19.01 38.31 16.44
C LEU A 252 -19.41 37.35 17.55
N PRO A 253 -18.84 36.12 17.57
CA PRO A 253 -19.25 35.14 18.59
C PRO A 253 -18.51 35.25 19.96
N LYS A 254 -18.94 34.42 20.93
CA LYS A 254 -18.29 34.31 22.23
C LYS A 254 -16.80 33.92 22.06
N ILE A 255 -16.52 32.96 21.14
CA ILE A 255 -15.19 32.46 20.84
C ILE A 255 -14.87 32.77 19.38
N LEU A 256 -13.97 33.74 19.19
CA LEU A 256 -13.52 34.19 17.88
C LEU A 256 -12.24 33.46 17.49
N VAL A 257 -12.33 32.60 16.45
CA VAL A 257 -11.23 31.84 15.93
C VAL A 257 -10.69 32.63 14.75
N VAL A 258 -9.44 33.10 14.88
CA VAL A 258 -8.70 33.90 13.91
C VAL A 258 -7.63 33.02 13.25
N HIS A 259 -7.85 32.72 11.97
CA HIS A 259 -6.96 31.94 11.16
C HIS A 259 -6.07 32.90 10.32
N LEU A 260 -4.77 32.92 10.63
CA LEU A 260 -3.80 33.70 9.89
C LEU A 260 -3.45 32.93 8.62
N LYS A 261 -3.83 33.45 7.43
CA LYS A 261 -3.57 32.74 6.16
C LYS A 261 -2.08 32.73 5.75
N ARG A 262 -1.31 31.85 6.38
CA ARG A 262 0.13 31.71 6.17
C ARG A 262 0.46 30.83 4.95
N PHE A 263 -0.33 29.78 4.72
CA PHE A 263 -0.14 28.80 3.64
C PHE A 263 -0.86 29.11 2.35
N SER A 264 -0.19 28.79 1.27
CA SER A 264 -0.65 28.90 -0.11
C SER A 264 -0.39 27.56 -0.77
N TYR A 265 -1.47 26.84 -1.12
CA TYR A 265 -1.32 25.54 -1.74
C TYR A 265 -1.25 25.69 -3.24
N ASN A 266 -0.02 25.69 -3.76
CA ASN A 266 0.25 25.83 -5.19
C ASN A 266 0.19 24.46 -5.80
N ARG A 267 0.14 24.36 -7.13
CA ARG A 267 0.03 23.09 -7.85
C ARG A 267 1.04 22.02 -7.35
N TYR A 268 2.33 22.38 -7.24
CA TYR A 268 3.38 21.44 -6.89
C TYR A 268 4.05 21.68 -5.52
N TRP A 269 3.65 22.71 -4.77
CA TRP A 269 4.30 23.00 -3.49
C TRP A 269 3.48 23.92 -2.65
N ARG A 270 3.77 23.92 -1.35
N ARG A 270 3.74 23.90 -1.35
CA ARG A 270 3.09 24.73 -0.37
CA ARG A 270 3.03 24.74 -0.42
C ARG A 270 3.97 25.90 0.04
C ARG A 270 3.93 25.88 0.05
N ASP A 271 3.43 27.11 -0.09
CA ASP A 271 4.16 28.28 0.36
C ASP A 271 3.76 28.58 1.80
N LYS A 272 4.67 29.22 2.55
CA LYS A 272 4.39 29.66 3.90
C LYS A 272 4.93 31.06 4.14
N LEU A 273 4.06 31.96 4.62
CA LEU A 273 4.42 33.30 5.05
C LEU A 273 4.90 33.23 6.49
N ASP A 274 6.13 33.66 6.74
CA ASP A 274 6.79 33.65 8.05
C ASP A 274 6.66 34.98 8.78
N THR A 275 5.83 35.92 8.28
CA THR A 275 5.63 37.26 8.88
C THR A 275 5.18 37.16 10.35
N VAL A 276 5.79 38.00 11.20
CA VAL A 276 5.42 38.11 12.60
C VAL A 276 4.18 38.98 12.65
N VAL A 277 3.08 38.41 13.09
CA VAL A 277 1.81 39.15 13.26
C VAL A 277 1.69 39.43 14.76
N GLU A 278 1.67 40.71 15.11
CA GLU A 278 1.53 41.18 16.48
C GLU A 278 0.06 41.17 16.85
N PHE A 279 -0.29 40.41 17.88
CA PHE A 279 -1.68 40.27 18.30
C PHE A 279 -1.75 40.45 19.82
N PRO A 280 -2.82 41.10 20.33
CA PRO A 280 -2.90 41.29 21.79
C PRO A 280 -3.22 39.99 22.53
N ILE A 281 -2.69 39.88 23.74
CA ILE A 281 -2.93 38.77 24.67
C ILE A 281 -4.23 39.11 25.41
N ARG A 282 -4.38 40.39 25.75
CA ARG A 282 -5.54 40.93 26.44
C ARG A 282 -6.06 42.21 25.76
N GLY A 283 -7.38 42.39 25.81
CA GLY A 283 -8.06 43.59 25.35
C GLY A 283 -8.12 43.87 23.87
N LEU A 284 -8.38 42.87 23.06
CA LEU A 284 -8.54 43.07 21.62
C LEU A 284 -9.90 43.75 21.39
N ASN A 285 -9.89 45.04 20.97
CA ASN A 285 -11.14 45.76 20.73
C ASN A 285 -11.55 45.58 19.26
N MET A 286 -12.56 44.74 19.05
CA MET A 286 -13.08 44.38 17.76
C MET A 286 -14.17 45.34 17.28
N SER A 287 -14.69 46.17 18.19
CA SER A 287 -15.77 47.12 17.93
C SER A 287 -15.52 48.06 16.75
N GLU A 288 -14.26 48.43 16.48
CA GLU A 288 -13.99 49.38 15.39
C GLU A 288 -14.07 48.73 14.00
N PHE A 289 -14.09 47.40 13.93
CA PHE A 289 -14.15 46.66 12.67
C PHE A 289 -15.58 46.13 12.38
N VAL A 290 -16.49 46.32 13.35
CA VAL A 290 -17.88 45.88 13.26
C VAL A 290 -18.70 47.02 12.66
N CYS A 291 -19.29 46.78 11.46
CA CYS A 291 -20.03 47.84 10.76
C CYS A 291 -21.41 48.13 11.40
N ASN A 292 -21.85 47.27 12.34
CA ASN A 292 -23.09 47.38 13.13
C ASN A 292 -22.80 48.16 14.42
N LEU A 293 -23.58 49.23 14.67
CA LEU A 293 -23.41 50.11 15.79
C LEU A 293 -24.39 49.81 16.93
N SER A 294 -25.35 48.92 16.72
CA SER A 294 -26.35 48.59 17.76
C SER A 294 -25.83 47.47 18.68
N ALA A 295 -24.71 46.84 18.29
CA ALA A 295 -24.05 45.78 19.05
C ALA A 295 -23.44 46.34 20.37
N ARG A 296 -23.29 45.47 21.38
CA ARG A 296 -22.64 45.81 22.66
C ARG A 296 -21.12 45.76 22.34
N PRO A 297 -20.24 46.55 22.99
CA PRO A 297 -18.81 46.51 22.66
C PRO A 297 -18.27 45.08 22.58
N TYR A 298 -17.27 44.89 21.74
CA TYR A 298 -16.63 43.60 21.52
C TYR A 298 -15.17 43.63 21.99
N VAL A 299 -14.92 43.23 23.26
CA VAL A 299 -13.53 43.15 23.78
C VAL A 299 -13.19 41.67 24.03
N TYR A 300 -12.07 41.21 23.46
CA TYR A 300 -11.60 39.82 23.50
C TYR A 300 -10.26 39.64 24.19
N ASP A 301 -10.09 38.47 24.80
CA ASP A 301 -8.85 38.06 25.44
C ASP A 301 -8.45 36.74 24.88
N LEU A 302 -7.15 36.58 24.60
CA LEU A 302 -6.59 35.35 24.03
C LEU A 302 -6.71 34.19 25.03
N ILE A 303 -7.11 33.01 24.54
CA ILE A 303 -7.23 31.82 25.39
C ILE A 303 -6.35 30.67 24.88
N ALA A 304 -6.01 30.66 23.58
CA ALA A 304 -5.21 29.61 22.96
C ALA A 304 -4.64 30.07 21.62
N VAL A 305 -3.50 29.45 21.25
CA VAL A 305 -2.80 29.66 19.96
C VAL A 305 -2.32 28.30 19.44
N SER A 306 -2.62 28.01 18.15
CA SER A 306 -2.07 26.88 17.41
C SER A 306 -0.80 27.37 16.70
N ASN A 307 0.34 26.75 16.99
CA ASN A 307 1.65 27.13 16.46
C ASN A 307 2.13 26.11 15.45
N HIS A 308 2.87 26.59 14.43
CA HIS A 308 3.46 25.76 13.38
C HIS A 308 4.93 26.08 13.24
N TYR A 309 5.76 25.01 13.13
CA TYR A 309 7.20 25.10 12.89
C TYR A 309 7.58 24.19 11.73
N GLY A 310 8.61 24.56 10.99
CA GLY A 310 9.10 23.74 9.89
C GLY A 310 8.94 24.40 8.56
N ALA A 311 9.92 25.21 8.18
CA ALA A 311 9.92 25.92 6.88
C ALA A 311 9.71 24.91 5.74
N MET A 312 10.40 23.75 5.82
CA MET A 312 10.19 22.71 4.86
C MET A 312 10.10 21.32 5.56
N GLY A 313 9.60 20.36 4.79
CA GLY A 313 9.27 19.03 5.26
C GLY A 313 7.87 19.03 5.85
N VAL A 314 7.56 17.98 6.62
CA VAL A 314 6.25 17.71 7.26
C VAL A 314 5.90 18.78 8.31
N GLY A 315 6.87 19.31 9.03
CA GLY A 315 6.58 20.34 10.02
C GLY A 315 5.99 19.81 11.32
N HIS A 316 5.77 20.72 12.28
CA HIS A 316 5.26 20.35 13.59
C HIS A 316 4.34 21.44 14.19
N TYR A 317 3.26 20.99 14.84
CA TYR A 317 2.26 21.80 15.49
C TYR A 317 2.26 21.59 16.98
N THR A 318 2.15 22.71 17.71
CA THR A 318 2.05 22.76 19.17
C THR A 318 0.95 23.76 19.53
N ALA A 319 0.76 24.01 20.84
CA ALA A 319 -0.23 24.99 21.27
C ALA A 319 0.18 25.68 22.54
N TYR A 320 -0.22 26.96 22.66
CA TYR A 320 -0.28 27.76 23.88
C TYR A 320 -1.75 27.75 24.31
N ALA A 321 -2.00 27.63 25.59
CA ALA A 321 -3.37 27.71 26.09
C ALA A 321 -3.35 28.20 27.53
N LYS A 322 -4.34 29.02 27.87
CA LYS A 322 -4.57 29.57 29.21
C LYS A 322 -5.52 28.64 29.95
N ASN A 323 -5.07 28.10 31.10
CA ASN A 323 -5.91 27.19 31.89
C ASN A 323 -7.01 27.99 32.59
N LYS A 324 -8.28 27.58 32.34
CA LYS A 324 -9.47 28.26 32.86
C LYS A 324 -9.57 28.24 34.37
N LEU A 325 -8.99 27.21 35.03
CA LEU A 325 -9.05 27.05 36.48
C LEU A 325 -7.98 27.87 37.25
N ASN A 326 -6.75 28.05 36.71
CA ASN A 326 -5.71 28.79 37.45
C ASN A 326 -5.24 30.09 36.74
N GLY A 327 -5.70 30.33 35.50
CA GLY A 327 -5.36 31.52 34.74
C GLY A 327 -3.92 31.61 34.22
N LYS A 328 -3.16 30.51 34.28
CA LYS A 328 -1.77 30.47 33.81
C LYS A 328 -1.68 29.94 32.38
N TRP A 329 -0.61 30.34 31.66
CA TRP A 329 -0.32 29.93 30.28
C TRP A 329 0.55 28.71 30.26
N TYR A 330 0.19 27.75 29.40
CA TYR A 330 0.94 26.52 29.24
C TYR A 330 1.23 26.27 27.78
N TYR A 331 2.32 25.53 27.54
CA TYR A 331 2.78 25.07 26.24
C TYR A 331 2.49 23.56 26.14
N PHE A 332 1.80 23.15 25.07
CA PHE A 332 1.39 21.78 24.83
C PHE A 332 2.08 21.26 23.58
N ASP A 333 3.15 20.51 23.77
CA ASP A 333 3.92 19.94 22.69
C ASP A 333 3.67 18.46 22.72
N ASP A 334 2.64 18.01 22.00
CA ASP A 334 2.15 16.63 22.03
C ASP A 334 1.90 16.23 23.50
N SER A 335 2.61 15.21 24.00
CA SER A 335 2.48 14.64 25.36
C SER A 335 2.99 15.58 26.47
N ASN A 336 3.90 16.52 26.13
CA ASN A 336 4.50 17.45 27.09
C ASN A 336 3.72 18.74 27.29
N VAL A 337 3.42 19.03 28.57
CA VAL A 337 2.72 20.24 29.04
C VAL A 337 3.68 20.94 30.00
N SER A 338 4.06 22.17 29.67
CA SER A 338 4.97 22.94 30.52
C SER A 338 4.48 24.35 30.68
N LEU A 339 4.78 24.93 31.84
CA LEU A 339 4.40 26.30 32.18
C LEU A 339 5.07 27.28 31.22
N ALA A 340 4.28 28.21 30.67
CA ALA A 340 4.73 29.22 29.72
C ALA A 340 4.60 30.60 30.32
N SER A 341 5.21 31.58 29.65
CA SER A 341 5.10 33.00 29.96
C SER A 341 4.53 33.69 28.73
N GLU A 342 3.71 34.73 28.94
CA GLU A 342 3.04 35.51 27.91
C GLU A 342 4.00 36.07 26.83
N ASP A 343 5.26 36.36 27.21
CA ASP A 343 6.25 36.95 26.31
C ASP A 343 6.73 35.95 25.24
N GLN A 344 6.33 34.67 25.36
CA GLN A 344 6.70 33.62 24.40
C GLN A 344 5.65 33.40 23.30
N ILE A 345 4.38 33.79 23.55
CA ILE A 345 3.21 33.55 22.70
C ILE A 345 3.29 34.26 21.32
N VAL A 346 3.64 35.55 21.28
CA VAL A 346 3.63 36.27 20.01
C VAL A 346 4.94 36.06 19.27
N THR A 347 4.92 35.16 18.29
CA THR A 347 6.05 34.84 17.41
C THR A 347 5.50 34.56 16.01
N LYS A 348 6.41 34.32 15.04
CA LYS A 348 6.06 33.94 13.67
C LYS A 348 5.36 32.56 13.63
N ALA A 349 5.49 31.75 14.72
CA ALA A 349 4.91 30.41 14.83
C ALA A 349 3.39 30.48 15.02
N ALA A 350 2.84 31.61 15.52
CA ALA A 350 1.39 31.78 15.72
C ALA A 350 0.64 31.63 14.40
N TYR A 351 -0.31 30.70 14.37
CA TYR A 351 -1.03 30.39 13.15
C TYR A 351 -2.55 30.57 13.33
N VAL A 352 -3.13 29.94 14.34
CA VAL A 352 -4.56 30.07 14.63
C VAL A 352 -4.69 30.62 16.08
N LEU A 353 -5.42 31.73 16.22
CA LEU A 353 -5.67 32.42 17.49
C LEU A 353 -7.11 32.19 17.94
N PHE A 354 -7.28 31.84 19.24
CA PHE A 354 -8.58 31.64 19.88
C PHE A 354 -8.77 32.79 20.89
N TYR A 355 -9.82 33.59 20.66
CA TYR A 355 -10.17 34.75 21.45
C TYR A 355 -11.51 34.55 22.14
N GLN A 356 -11.61 34.92 23.44
CA GLN A 356 -12.84 34.82 24.21
C GLN A 356 -13.37 36.21 24.54
N ARG A 357 -14.65 36.46 24.21
CA ARG A 357 -15.34 37.73 24.46
C ARG A 357 -15.58 37.95 25.93
N ARG A 358 -15.41 39.21 26.35
CA ARG A 358 -15.68 39.65 27.71
C ARG A 358 -17.15 39.89 27.84
N ASP A 359 -17.80 39.18 28.75
CA ASP A 359 -19.22 39.36 28.95
C ASP A 359 -19.47 40.23 30.18
N ASP A 360 -20.34 41.26 30.02
CA ASP A 360 -20.83 42.24 31.00
C ASP A 360 -21.72 43.29 30.31
N HIS B 3 25.16 34.14 3.44
CA HIS B 3 24.17 34.91 4.22
C HIS B 3 23.79 34.16 5.54
N ILE B 4 23.78 32.83 5.47
CA ILE B 4 23.54 31.88 6.56
C ILE B 4 24.93 31.35 6.99
N GLN B 5 25.15 31.13 8.31
CA GLN B 5 26.39 30.58 8.85
C GLN B 5 26.52 29.08 8.43
N PRO B 6 27.68 28.65 7.86
CA PRO B 6 27.81 27.26 7.42
C PRO B 6 27.66 26.27 8.57
N GLY B 7 26.89 25.23 8.33
CA GLY B 7 26.62 24.18 9.32
C GLY B 7 25.35 24.37 10.12
N LEU B 8 24.79 25.61 10.12
CA LEU B 8 23.55 25.92 10.84
C LEU B 8 22.40 25.70 9.88
N CYS B 9 22.23 24.43 9.50
CA CYS B 9 21.29 23.98 8.52
C CYS B 9 20.40 22.89 9.11
N GLY B 10 19.09 23.17 9.17
CA GLY B 10 18.10 22.20 9.63
C GLY B 10 17.80 21.17 8.55
N LEU B 11 17.25 20.03 8.93
CA LEU B 11 16.89 18.96 8.01
C LEU B 11 15.40 18.73 8.10
N GLY B 12 14.69 18.87 6.99
CA GLY B 12 13.25 18.64 6.99
C GLY B 12 12.89 17.21 7.34
N ASN B 13 11.77 17.04 8.06
CA ASN B 13 11.26 15.71 8.36
C ASN B 13 10.49 15.25 7.11
N LEU B 14 10.77 14.04 6.62
CA LEU B 14 10.16 13.49 5.42
C LEU B 14 9.19 12.36 5.76
N GLY B 15 8.63 12.40 6.97
CA GLY B 15 7.67 11.40 7.45
C GLY B 15 8.36 10.33 8.26
N ASN B 16 8.39 10.51 9.60
CA ASN B 16 9.07 9.64 10.58
C ASN B 16 10.61 9.59 10.35
N THR B 17 11.26 10.71 10.02
CA THR B 17 12.71 10.67 9.73
C THR B 17 13.53 11.46 10.74
N PHE B 19 14.77 10.48 13.56
CA PHE B 19 15.85 9.57 13.99
C PHE B 19 17.05 9.76 13.09
N MET B 20 16.78 9.86 11.77
CA MET B 20 17.77 10.10 10.73
C MET B 20 18.36 11.52 10.80
N ASN B 21 17.54 12.56 10.98
CA ASN B 21 18.00 13.95 11.08
C ASN B 21 18.92 14.13 12.28
N SER B 22 18.53 13.58 13.44
CA SER B 22 19.28 13.60 14.69
C SER B 22 20.72 13.03 14.52
N ALA B 23 20.82 11.80 13.96
CA ALA B 23 22.08 11.10 13.71
C ALA B 23 22.94 11.92 12.72
N LEU B 24 22.31 12.46 11.66
CA LEU B 24 22.97 13.26 10.64
C LEU B 24 23.53 14.56 11.19
N GLN B 25 22.83 15.21 12.15
CA GLN B 25 23.33 16.45 12.78
C GLN B 25 24.59 16.18 13.64
N CYS B 26 24.63 15.00 14.28
CA CYS B 26 25.78 14.58 15.08
C CYS B 26 26.99 14.35 14.20
N LEU B 27 26.77 13.64 13.07
CA LEU B 27 27.82 13.36 12.10
C LEU B 27 28.30 14.61 11.39
N SER B 28 27.36 15.51 11.06
CA SER B 28 27.65 16.77 10.40
C SER B 28 28.61 17.63 11.22
N ASN B 29 28.45 17.58 12.57
CA ASN B 29 29.23 18.39 13.49
C ASN B 29 30.45 17.63 14.04
N THR B 30 30.86 16.56 13.34
CA THR B 30 32.09 15.80 13.57
C THR B 30 33.04 16.36 12.52
N ALA B 31 33.79 17.40 12.90
CA ALA B 31 34.71 18.18 12.06
C ALA B 31 35.69 17.31 11.23
N PRO B 32 36.39 16.26 11.76
CA PRO B 32 37.30 15.49 10.89
C PRO B 32 36.58 14.82 9.71
N LEU B 33 35.31 14.43 9.90
CA LEU B 33 34.52 13.78 8.87
C LEU B 33 33.97 14.81 7.87
N THR B 34 33.39 15.93 8.34
CA THR B 34 32.86 16.96 7.45
C THR B 34 34.00 17.57 6.60
N ASP B 35 35.15 17.89 7.22
CA ASP B 35 36.31 18.45 6.51
C ASP B 35 36.77 17.52 5.37
N TYR B 36 36.77 16.21 5.61
CA TYR B 36 37.14 15.22 4.62
C TYR B 36 36.27 15.35 3.31
N PHE B 37 34.93 15.50 3.45
CA PHE B 37 34.02 15.65 2.33
C PHE B 37 34.10 17.04 1.70
N LEU B 38 34.20 18.10 2.52
CA LEU B 38 34.28 19.47 2.01
C LEU B 38 35.58 19.73 1.26
N LYS B 39 36.65 19.00 1.59
CA LYS B 39 37.95 19.19 0.93
C LYS B 39 38.06 18.31 -0.31
N ASP B 40 36.98 17.59 -0.64
CA ASP B 40 36.85 16.67 -1.79
C ASP B 40 37.87 15.52 -1.70
N GLU B 41 38.26 15.16 -0.46
CA GLU B 41 39.23 14.09 -0.25
C GLU B 41 38.60 12.73 -0.49
N TYR B 42 37.25 12.67 -0.45
CA TYR B 42 36.46 11.49 -0.66
C TYR B 42 36.42 10.97 -2.11
N GLU B 43 36.45 11.86 -3.12
CA GLU B 43 36.28 11.46 -4.52
C GLU B 43 37.16 10.29 -4.97
N ALA B 44 38.48 10.37 -4.79
CA ALA B 44 39.41 9.34 -5.23
C ALA B 44 39.32 8.03 -4.42
N GLU B 45 38.71 8.08 -3.22
CA GLU B 45 38.64 6.97 -2.26
C GLU B 45 37.33 6.18 -2.31
N ILE B 46 36.34 6.61 -3.12
CA ILE B 46 35.06 5.88 -3.29
C ILE B 46 35.34 4.49 -3.88
N ASN B 47 34.96 3.47 -3.12
CA ASN B 47 35.08 2.07 -3.46
C ASN B 47 33.70 1.61 -3.98
N ARG B 48 33.62 1.21 -5.24
CA ARG B 48 32.34 0.80 -5.87
C ARG B 48 32.17 -0.73 -6.01
N ASP B 49 33.21 -1.51 -5.80
CA ASP B 49 33.16 -2.96 -5.95
C ASP B 49 33.15 -3.71 -4.60
N ASN B 50 33.33 -3.01 -3.49
CA ASN B 50 33.38 -3.62 -2.16
C ASN B 50 32.14 -4.50 -1.86
N PRO B 51 32.33 -5.81 -1.60
CA PRO B 51 31.17 -6.69 -1.34
C PRO B 51 30.44 -6.37 -0.04
N LEU B 52 31.06 -5.55 0.81
CA LEU B 52 30.48 -5.13 2.10
C LEU B 52 29.90 -3.71 2.07
N GLY B 53 30.06 -3.02 0.94
CA GLY B 53 29.59 -1.65 0.74
C GLY B 53 28.31 -1.54 -0.07
N MET B 54 27.94 -0.31 -0.42
CA MET B 54 26.74 0.01 -1.20
C MET B 54 27.12 0.68 -2.51
N LYS B 55 28.19 0.16 -3.13
CA LYS B 55 28.71 0.59 -4.44
C LYS B 55 29.13 2.07 -4.44
N GLY B 56 29.51 2.61 -3.28
CA GLY B 56 29.94 4.00 -3.11
C GLY B 56 28.79 4.98 -3.00
N GLU B 57 27.53 4.50 -3.18
CA GLU B 57 26.32 5.31 -3.23
C GLU B 57 25.92 5.96 -1.91
N ILE B 58 26.23 5.35 -0.77
CA ILE B 58 25.91 5.95 0.52
C ILE B 58 26.93 7.09 0.82
N ALA B 59 28.19 6.87 0.46
CA ALA B 59 29.24 7.88 0.57
C ALA B 59 28.94 9.11 -0.32
N GLU B 60 28.43 8.86 -1.54
CA GLU B 60 28.12 9.91 -2.50
C GLU B 60 26.92 10.74 -2.06
N ALA B 61 25.89 10.08 -1.53
CA ALA B 61 24.66 10.74 -1.07
C ALA B 61 24.97 11.54 0.18
N TYR B 62 25.84 11.01 1.04
CA TYR B 62 26.27 11.69 2.26
C TYR B 62 27.11 12.93 1.93
N ALA B 63 28.10 12.80 1.02
CA ALA B 63 28.98 13.87 0.56
C ALA B 63 28.19 15.06 0.02
N GLU B 64 27.20 14.78 -0.83
CA GLU B 64 26.29 15.74 -1.48
C GLU B 64 25.48 16.53 -0.41
N LEU B 65 24.90 15.82 0.57
CA LEU B 65 24.13 16.39 1.68
C LEU B 65 24.98 17.28 2.59
N ILE B 66 26.14 16.78 3.03
CA ILE B 66 27.06 17.53 3.90
C ILE B 66 27.54 18.82 3.19
N LYS B 67 27.77 18.79 1.86
CA LYS B 67 28.14 19.98 1.10
C LYS B 67 27.01 21.00 1.13
N GLN B 68 25.74 20.54 1.06
CA GLN B 68 24.55 21.40 1.14
C GLN B 68 24.42 22.04 2.53
N MET B 69 24.61 21.24 3.58
CA MET B 69 24.52 21.68 4.97
C MET B 69 25.61 22.68 5.35
N TRP B 70 26.76 22.65 4.66
CA TRP B 70 27.91 23.51 4.98
C TRP B 70 28.21 24.56 3.92
N SER B 71 27.30 24.75 2.95
CA SER B 71 27.47 25.71 1.86
C SER B 71 27.25 27.17 2.33
N GLY B 72 26.38 27.36 3.33
CA GLY B 72 26.02 28.68 3.83
C GLY B 72 24.93 29.33 2.99
N ARG B 73 24.32 28.56 2.07
CA ARG B 73 23.29 28.99 1.16
C ARG B 73 21.89 28.70 1.67
N ASP B 74 21.73 27.63 2.47
CA ASP B 74 20.42 27.23 2.99
C ASP B 74 20.36 27.15 4.51
N ALA B 75 19.21 27.58 5.05
CA ALA B 75 18.90 27.52 6.48
C ALA B 75 18.40 26.12 6.84
N HIS B 76 17.87 25.41 5.84
CA HIS B 76 17.35 24.04 5.95
C HIS B 76 17.33 23.37 4.58
N VAL B 77 17.45 22.03 4.57
CA VAL B 77 17.36 21.22 3.37
C VAL B 77 16.50 19.98 3.67
N ALA B 78 15.81 19.45 2.66
CA ALA B 78 15.06 18.19 2.76
C ALA B 78 16.00 17.09 2.22
N PRO B 79 16.53 16.19 3.07
CA PRO B 79 17.51 15.19 2.57
C PRO B 79 16.87 14.04 1.78
N ARG B 80 16.15 14.36 0.68
CA ARG B 80 15.39 13.38 -0.12
C ARG B 80 16.24 12.32 -0.78
N MET B 81 17.33 12.69 -1.45
CA MET B 81 18.21 11.73 -2.10
C MET B 81 18.83 10.76 -1.07
N PHE B 82 19.29 11.29 0.06
CA PHE B 82 19.90 10.50 1.13
C PHE B 82 18.90 9.50 1.70
N LYS B 83 17.68 9.97 2.05
CA LYS B 83 16.59 9.15 2.60
C LYS B 83 16.22 8.00 1.65
N THR B 84 16.14 8.30 0.35
CA THR B 84 15.82 7.36 -0.74
C THR B 84 16.90 6.27 -0.81
N GLN B 85 18.20 6.66 -0.82
CA GLN B 85 19.31 5.73 -0.93
C GLN B 85 19.39 4.81 0.30
N VAL B 86 19.18 5.36 1.52
CA VAL B 86 19.14 4.62 2.77
C VAL B 86 18.02 3.57 2.71
N GLY B 87 16.81 3.98 2.34
CA GLY B 87 15.66 3.08 2.25
C GLY B 87 15.84 1.96 1.25
N ARG B 88 16.55 2.24 0.19
CA ARG B 88 16.82 1.30 -0.88
C ARG B 88 17.77 0.20 -0.42
N PHE B 89 18.83 0.56 0.32
CA PHE B 89 19.82 -0.42 0.79
C PHE B 89 19.46 -1.03 2.16
N ALA B 90 18.80 -0.26 3.03
CA ALA B 90 18.36 -0.71 4.36
C ALA B 90 16.85 -0.35 4.55
N PRO B 91 15.94 -1.19 3.98
CA PRO B 91 14.49 -0.89 4.05
C PRO B 91 13.88 -0.82 5.45
N GLN B 92 14.56 -1.36 6.46
CA GLN B 92 14.08 -1.32 7.85
C GLN B 92 13.98 0.13 8.34
N PHE B 93 14.74 1.05 7.74
CA PHE B 93 14.71 2.47 8.11
C PHE B 93 13.60 3.28 7.39
N SER B 94 12.77 2.64 6.58
CA SER B 94 11.76 3.42 5.87
C SER B 94 10.33 3.17 6.41
N GLY B 95 10.22 2.33 7.42
CA GLY B 95 8.90 2.09 8.00
C GLY B 95 8.31 3.28 8.77
N TYR B 96 7.09 3.12 9.25
CA TYR B 96 6.44 4.14 10.06
C TYR B 96 6.47 3.72 11.52
N GLN B 97 7.15 2.61 11.80
CA GLN B 97 7.30 2.11 13.16
C GLN B 97 8.41 2.91 13.87
N GLN B 98 8.49 2.79 15.21
CA GLN B 98 9.51 3.48 16.01
C GLN B 98 10.90 3.15 15.51
N GLN B 99 11.71 4.19 15.40
CA GLN B 99 13.07 4.10 14.91
C GLN B 99 14.09 4.45 16.01
N ASP B 100 15.35 4.14 15.74
CA ASP B 100 16.45 4.27 16.68
C ASP B 100 17.62 5.03 16.01
N SER B 101 18.00 6.21 16.53
CA SER B 101 19.05 7.01 15.89
C SER B 101 20.44 6.33 15.98
N GLN B 102 20.63 5.49 16.98
CA GLN B 102 21.83 4.70 17.15
C GLN B 102 21.93 3.60 16.08
N GLU B 103 20.78 2.98 15.74
CA GLU B 103 20.69 1.95 14.73
C GLU B 103 21.07 2.54 13.35
N LEU B 104 20.59 3.76 13.05
CA LEU B 104 20.91 4.48 11.81
C LEU B 104 22.41 4.86 11.78
N LEU B 105 22.92 5.31 12.92
CA LEU B 105 24.30 5.72 13.11
C LEU B 105 25.26 4.58 12.86
N ALA B 106 24.99 3.39 13.48
CA ALA B 106 25.79 2.16 13.29
C ALA B 106 25.80 1.73 11.81
N PHE B 107 24.64 1.80 11.15
CA PHE B 107 24.50 1.48 9.73
C PHE B 107 25.38 2.42 8.86
N LEU B 108 25.27 3.73 9.13
CA LEU B 108 25.94 4.79 8.39
C LEU B 108 27.46 4.77 8.58
N LEU B 109 27.92 4.56 9.81
CA LEU B 109 29.36 4.44 10.13
C LEU B 109 29.98 3.24 9.39
N ASP B 110 29.25 2.10 9.31
CA ASP B 110 29.73 0.92 8.61
C ASP B 110 29.68 1.13 7.09
N GLY B 111 28.57 1.69 6.60
CA GLY B 111 28.34 2.00 5.19
C GLY B 111 29.37 2.92 4.55
N LEU B 112 29.61 4.07 5.20
CA LEU B 112 30.62 5.05 4.79
C LEU B 112 31.99 4.44 4.84
N HIS B 113 32.28 3.62 5.86
CA HIS B 113 33.59 2.95 5.97
C HIS B 113 33.83 2.06 4.76
N GLU B 114 32.88 1.20 4.44
CA GLU B 114 32.99 0.30 3.32
C GLU B 114 32.95 1.05 1.97
N ASP B 115 32.09 2.07 1.83
CA ASP B 115 32.03 2.87 0.59
C ASP B 115 33.30 3.69 0.37
N LEU B 116 34.15 3.86 1.41
CA LEU B 116 35.38 4.66 1.34
C LEU B 116 36.63 3.87 1.78
N ASN B 117 36.53 2.54 1.79
CA ASN B 117 37.61 1.63 2.19
C ASN B 117 38.71 1.59 1.12
N ARG B 118 39.93 1.99 1.53
CA ARG B 118 41.15 2.04 0.71
C ARG B 118 41.67 0.64 0.40
N VAL B 119 41.26 -0.37 1.18
CA VAL B 119 41.63 -1.76 0.92
C VAL B 119 40.66 -2.28 -0.18
N LYS B 120 41.21 -2.40 -1.40
CA LYS B 120 40.46 -2.83 -2.59
C LYS B 120 40.26 -4.34 -2.59
N LYS B 121 41.21 -5.11 -2.01
CA LYS B 121 41.10 -6.56 -1.90
C LYS B 121 41.45 -7.01 -0.48
N LYS B 122 40.42 -7.41 0.30
CA LYS B 122 40.57 -7.82 1.70
C LYS B 122 41.27 -9.19 1.79
N PRO B 123 42.41 -9.26 2.53
CA PRO B 123 43.14 -10.53 2.65
C PRO B 123 42.67 -11.42 3.81
N ASP B 129 46.07 -17.41 17.44
CA ASP B 129 45.47 -17.34 18.77
C ASP B 129 46.01 -16.13 19.59
N ALA B 130 47.36 -15.90 19.58
CA ALA B 130 48.11 -14.86 20.31
C ALA B 130 47.95 -15.05 21.83
N ASN B 131 48.72 -16.03 22.37
CA ASN B 131 48.65 -16.43 23.78
C ASN B 131 49.99 -16.28 24.50
N GLY B 132 49.89 -15.80 25.74
CA GLY B 132 51.02 -15.59 26.65
C GLY B 132 51.93 -14.43 26.35
N ARG B 133 51.73 -13.79 25.18
CA ARG B 133 52.53 -12.66 24.69
C ARG B 133 52.08 -11.35 25.37
N PRO B 134 52.94 -10.30 25.48
CA PRO B 134 52.48 -9.06 26.14
C PRO B 134 51.33 -8.39 25.40
N ASP B 135 50.43 -7.74 26.17
CA ASP B 135 49.25 -7.03 25.69
C ASP B 135 49.60 -6.01 24.60
N ALA B 136 50.73 -5.27 24.78
CA ALA B 136 51.20 -4.27 23.83
C ALA B 136 51.52 -4.87 22.46
N VAL B 137 52.09 -6.07 22.44
CA VAL B 137 52.48 -6.81 21.24
C VAL B 137 51.21 -7.31 20.50
N VAL B 138 50.28 -7.96 21.24
CA VAL B 138 49.03 -8.53 20.72
C VAL B 138 48.09 -7.42 20.18
N ALA B 139 47.99 -6.26 20.91
CA ALA B 139 47.16 -5.12 20.51
C ALA B 139 47.68 -4.48 19.21
N LYS B 140 49.02 -4.30 19.08
CA LYS B 140 49.68 -3.72 17.89
C LYS B 140 49.40 -4.59 16.66
N GLU B 141 49.47 -5.91 16.84
CA GLU B 141 49.21 -6.92 15.83
C GLU B 141 47.73 -6.85 15.37
N ALA B 142 46.79 -6.84 16.33
CA ALA B 142 45.35 -6.77 16.11
C ALA B 142 44.96 -5.50 15.31
N TRP B 143 45.59 -4.34 15.65
CA TRP B 143 45.34 -3.06 14.99
C TRP B 143 45.88 -3.07 13.54
N GLU B 144 47.10 -3.60 13.34
CA GLU B 144 47.74 -3.68 12.03
C GLU B 144 46.93 -4.62 11.09
N ASN B 145 46.44 -5.75 11.64
CA ASN B 145 45.63 -6.72 10.91
C ASN B 145 44.27 -6.12 10.53
N HIS B 146 43.72 -5.30 11.40
CA HIS B 146 42.47 -4.56 11.20
C HIS B 146 42.64 -3.60 10.01
N ARG B 147 43.72 -2.83 10.01
CA ARG B 147 44.01 -1.85 8.96
C ARG B 147 44.41 -2.50 7.62
N LEU B 148 44.77 -3.80 7.62
CA LEU B 148 45.09 -4.52 6.38
C LEU B 148 43.79 -4.90 5.65
N ARG B 149 42.67 -4.83 6.40
CA ARG B 149 41.32 -5.10 5.94
C ARG B 149 40.48 -3.84 5.88
N ASN B 150 40.67 -2.93 6.87
CA ASN B 150 39.86 -1.73 7.08
C ASN B 150 40.69 -0.46 7.17
N ASP B 151 40.71 0.32 6.07
CA ASP B 151 41.49 1.54 6.03
C ASP B 151 40.65 2.63 5.35
N SER B 152 40.03 3.50 6.17
CA SER B 152 39.20 4.62 5.68
C SER B 152 39.25 5.78 6.62
N VAL B 153 38.59 6.88 6.23
CA VAL B 153 38.38 8.06 7.07
C VAL B 153 37.57 7.69 8.34
N ILE B 154 36.72 6.63 8.27
CA ILE B 154 35.92 6.16 9.41
C ILE B 154 36.85 5.51 10.45
N VAL B 155 37.81 4.70 10.00
CA VAL B 155 38.81 4.04 10.85
C VAL B 155 39.67 5.12 11.53
N ASP B 156 40.14 6.09 10.74
CA ASP B 156 40.99 7.20 11.19
C ASP B 156 40.29 8.13 12.20
N THR B 157 38.95 8.27 12.11
CA THR B 157 38.17 9.17 12.97
C THR B 157 37.53 8.48 14.20
N PHE B 158 36.89 7.33 14.02
CA PHE B 158 36.07 6.70 15.06
C PHE B 158 36.56 5.38 15.67
N HIS B 159 37.56 4.74 15.09
CA HIS B 159 37.97 3.42 15.58
C HIS B 159 38.97 3.44 16.73
N GLY B 160 38.58 2.74 17.78
CA GLY B 160 39.36 2.46 18.98
C GLY B 160 39.55 0.96 19.08
N LEU B 161 40.20 0.50 20.13
CA LEU B 161 40.47 -0.91 20.36
C LEU B 161 40.13 -1.27 21.81
N PHE B 162 39.45 -2.39 22.00
CA PHE B 162 39.12 -2.84 23.36
C PHE B 162 39.64 -4.27 23.53
N LYS B 163 40.02 -4.60 24.77
CA LYS B 163 40.52 -5.91 25.18
C LYS B 163 39.37 -6.78 25.65
N SER B 164 39.31 -8.01 25.17
CA SER B 164 38.30 -8.97 25.59
C SER B 164 39.00 -10.14 26.29
N THR B 165 38.59 -10.43 27.53
CA THR B 165 39.13 -11.56 28.28
C THR B 165 38.01 -12.55 28.54
N LEU B 166 38.18 -13.77 28.00
CA LEU B 166 37.23 -14.88 28.19
C LEU B 166 37.88 -15.99 28.99
N VAL B 167 37.20 -16.43 30.07
CA VAL B 167 37.68 -17.46 30.99
C VAL B 167 36.68 -18.63 31.03
N CYS B 168 37.13 -19.83 30.61
CA CYS B 168 36.34 -21.06 30.60
C CYS B 168 36.08 -21.56 32.05
N PRO B 169 34.82 -21.94 32.40
CA PRO B 169 34.56 -22.41 33.77
C PRO B 169 35.05 -23.86 34.01
N GLU B 170 35.30 -24.63 32.94
CA GLU B 170 35.77 -26.01 33.07
C GLU B 170 37.32 -26.08 33.16
N CYS B 171 38.06 -25.66 32.10
CA CYS B 171 39.53 -25.77 32.04
C CYS B 171 40.29 -24.52 32.56
N ALA B 172 39.57 -23.44 32.94
CA ALA B 172 40.12 -22.16 33.47
C ALA B 172 41.01 -21.41 32.45
N LYS B 173 40.88 -21.73 31.14
CA LYS B 173 41.65 -21.11 30.06
C LYS B 173 41.27 -19.67 29.87
N VAL B 174 42.27 -18.78 29.89
CA VAL B 174 42.13 -17.34 29.72
C VAL B 174 42.46 -16.96 28.27
N SER B 175 41.44 -16.58 27.50
CA SER B 175 41.56 -16.18 26.09
C SER B 175 41.45 -14.65 25.97
N VAL B 176 42.56 -14.00 25.57
CA VAL B 176 42.64 -12.54 25.42
C VAL B 176 42.69 -12.18 23.93
N THR B 177 41.80 -11.27 23.51
CA THR B 177 41.72 -10.76 22.13
C THR B 177 41.58 -9.24 22.18
N PHE B 178 42.07 -8.56 21.12
CA PHE B 178 41.94 -7.10 20.95
C PHE B 178 41.05 -6.88 19.74
N ASP B 179 39.90 -6.23 19.99
CA ASP B 179 38.90 -6.01 18.95
C ASP B 179 38.63 -4.55 18.73
N PRO B 180 38.42 -4.13 17.47
CA PRO B 180 38.12 -2.73 17.21
C PRO B 180 36.66 -2.38 17.51
N PHE B 181 36.39 -1.10 17.72
CA PHE B 181 35.04 -0.59 17.95
C PHE B 181 34.93 0.77 17.27
N CYS B 182 33.74 1.19 16.82
CA CYS B 182 33.60 2.55 16.31
C CYS B 182 32.64 3.37 17.21
N TYR B 183 32.05 2.72 18.23
CA TYR B 183 31.22 3.36 19.26
C TYR B 183 31.19 2.49 20.52
N LEU B 184 30.79 3.08 21.67
CA LEU B 184 30.65 2.33 22.93
C LEU B 184 29.20 2.27 23.34
N THR B 185 28.63 1.07 23.46
CA THR B 185 27.26 0.90 23.95
C THR B 185 27.39 0.67 25.43
N LEU B 186 26.92 1.62 26.23
CA LEU B 186 27.01 1.56 27.68
C LEU B 186 25.71 1.12 28.31
N PRO B 187 25.76 0.07 29.16
CA PRO B 187 24.53 -0.33 29.89
C PRO B 187 24.29 0.63 31.04
N LEU B 188 23.01 0.90 31.34
CA LEU B 188 22.70 1.78 32.46
C LEU B 188 22.45 0.92 33.69
N PRO B 189 22.81 1.40 34.91
CA PRO B 189 22.56 0.61 36.13
C PRO B 189 21.09 0.25 36.33
N LEU B 190 20.86 -0.81 37.13
CA LEU B 190 19.55 -1.36 37.48
C LEU B 190 18.94 -0.59 38.66
N THR B 210 19.59 9.44 39.34
CA THR B 210 20.69 10.06 38.60
C THR B 210 22.01 9.25 38.78
N VAL B 211 22.60 8.88 37.64
CA VAL B 211 23.83 8.09 37.55
C VAL B 211 24.89 8.91 36.78
N ALA B 212 26.17 8.66 37.05
CA ALA B 212 27.27 9.31 36.37
C ALA B 212 27.69 8.49 35.17
N LEU B 213 28.20 9.15 34.12
CA LEU B 213 28.70 8.48 32.91
C LEU B 213 29.79 7.45 33.27
N ARG B 214 30.66 7.81 34.23
CA ARG B 214 31.75 6.97 34.70
C ARG B 214 31.25 5.65 35.32
N ASP B 215 30.03 5.67 35.93
CA ASP B 215 29.39 4.47 36.49
C ASP B 215 28.97 3.52 35.37
N CYS B 216 28.46 4.09 34.27
CA CYS B 216 28.08 3.36 33.05
C CYS B 216 29.32 2.76 32.38
N ILE B 217 30.46 3.52 32.35
CA ILE B 217 31.72 3.06 31.74
C ILE B 217 32.25 1.89 32.58
N GLU B 218 32.25 2.04 33.92
CA GLU B 218 32.71 1.02 34.87
C GLU B 218 31.87 -0.25 34.74
N LEU B 219 30.56 -0.11 34.54
CA LEU B 219 29.60 -1.20 34.34
C LEU B 219 29.93 -1.97 33.04
N PHE B 220 30.34 -1.24 31.98
CA PHE B 220 30.73 -1.82 30.70
C PHE B 220 32.02 -2.67 30.84
N THR B 221 32.95 -2.23 31.70
CA THR B 221 34.24 -2.90 31.90
C THR B 221 34.19 -3.94 33.05
N THR B 222 33.05 -4.11 33.75
CA THR B 222 32.95 -5.12 34.81
C THR B 222 32.65 -6.48 34.18
N MET B 223 33.27 -7.54 34.72
CA MET B 223 33.14 -8.91 34.24
C MET B 223 31.71 -9.43 34.41
N GLU B 224 31.22 -10.14 33.42
CA GLU B 224 29.90 -10.74 33.46
C GLU B 224 30.01 -12.18 32.93
N THR B 225 29.09 -13.04 33.36
CA THR B 225 29.05 -14.44 32.91
C THR B 225 28.12 -14.49 31.72
N LEU B 226 28.60 -15.11 30.61
CA LEU B 226 27.84 -15.23 29.39
C LEU B 226 26.53 -16.01 29.57
N GLY B 227 25.53 -15.61 28.81
CA GLY B 227 24.21 -16.24 28.77
C GLY B 227 24.00 -16.85 27.40
N GLU B 228 22.99 -17.72 27.29
CA GLU B 228 22.61 -18.39 26.04
C GLU B 228 21.80 -17.37 25.21
N HIS B 229 21.81 -17.42 23.86
CA HIS B 229 22.38 -18.42 22.95
C HIS B 229 23.77 -17.99 22.38
N ASP B 230 24.53 -17.16 23.14
CA ASP B 230 25.86 -16.73 22.70
C ASP B 230 27.00 -17.27 23.64
N PRO B 231 27.20 -18.61 23.73
CA PRO B 231 28.31 -19.12 24.56
C PRO B 231 29.63 -18.98 23.81
N TRP B 232 30.74 -18.98 24.55
CA TRP B 232 32.04 -18.85 23.92
C TRP B 232 32.62 -20.22 23.60
N TYR B 233 33.03 -20.44 22.33
CA TYR B 233 33.61 -21.72 21.95
C TYR B 233 35.05 -21.79 22.47
N CYS B 234 35.26 -22.70 23.43
CA CYS B 234 36.55 -22.97 24.05
C CYS B 234 37.37 -23.88 23.13
N PRO B 235 38.64 -23.49 22.81
CA PRO B 235 39.45 -24.37 21.94
C PRO B 235 40.00 -25.61 22.67
N ASN B 236 40.19 -25.52 24.00
CA ASN B 236 40.68 -26.62 24.84
C ASN B 236 39.59 -27.67 25.04
N CYS B 237 38.38 -27.23 25.44
CA CYS B 237 37.21 -28.09 25.70
C CYS B 237 36.60 -28.62 24.39
N LYS B 238 36.71 -27.82 23.29
CA LYS B 238 36.08 -28.07 21.98
C LYS B 238 34.56 -28.19 22.23
N LYS B 239 34.06 -27.30 23.12
CA LYS B 239 32.70 -27.21 23.63
C LYS B 239 32.31 -25.74 23.85
N HIS B 240 31.02 -25.41 23.60
CA HIS B 240 30.46 -24.08 23.84
C HIS B 240 30.29 -23.90 25.36
N GLN B 241 30.87 -22.83 25.92
CA GLN B 241 30.86 -22.62 27.36
C GLN B 241 30.21 -21.31 27.84
N GLN B 242 29.65 -21.37 29.06
CA GLN B 242 29.06 -20.28 29.84
C GLN B 242 30.19 -19.48 30.51
N ALA B 243 31.22 -19.11 29.72
CA ALA B 243 32.45 -18.43 30.14
C ALA B 243 32.20 -16.99 30.63
N THR B 244 33.16 -16.45 31.42
CA THR B 244 33.10 -15.07 31.90
C THR B 244 33.72 -14.19 30.83
N LYS B 245 33.16 -12.99 30.62
CA LYS B 245 33.62 -12.03 29.61
C LYS B 245 33.87 -10.66 30.25
N LYS B 246 35.08 -10.11 30.06
CA LYS B 246 35.44 -8.81 30.61
C LYS B 246 36.03 -7.93 29.53
N PHE B 247 35.49 -6.70 29.43
CA PHE B 247 35.97 -5.70 28.51
C PHE B 247 36.89 -4.73 29.19
N ASP B 248 37.88 -4.26 28.46
CA ASP B 248 38.84 -3.24 28.89
C ASP B 248 39.11 -2.32 27.73
N LEU B 249 39.28 -1.03 27.97
CA LEU B 249 39.53 -0.08 26.87
C LEU B 249 41.04 0.00 26.66
N TRP B 250 41.51 -0.24 25.42
CA TRP B 250 42.95 -0.25 25.14
C TRP B 250 43.39 1.10 24.50
N SER B 251 42.78 1.47 23.37
CA SER B 251 43.09 2.71 22.67
C SER B 251 41.80 3.36 22.27
N LEU B 252 41.73 4.69 22.35
CA LEU B 252 40.50 5.45 22.06
C LEU B 252 40.66 6.36 20.85
N PRO B 253 39.57 6.58 20.06
CA PRO B 253 39.71 7.36 18.83
C PRO B 253 39.62 8.88 19.00
N LYS B 254 39.82 9.61 17.89
CA LYS B 254 39.68 11.07 17.84
C LYS B 254 38.23 11.45 18.24
N ILE B 255 37.25 10.70 17.72
CA ILE B 255 35.83 10.92 17.98
C ILE B 255 35.25 9.68 18.67
N LEU B 256 34.97 9.83 19.99
CA LEU B 256 34.38 8.78 20.81
C LEU B 256 32.85 8.96 20.86
N VAL B 257 32.14 7.99 20.27
CA VAL B 257 30.67 7.93 20.22
C VAL B 257 30.25 7.03 21.36
N VAL B 258 29.50 7.59 22.31
CA VAL B 258 29.06 6.88 23.50
C VAL B 258 27.50 6.74 23.43
N HIS B 259 27.05 5.49 23.31
CA HIS B 259 25.64 5.15 23.21
C HIS B 259 25.12 4.63 24.55
N LEU B 260 24.19 5.35 25.17
CA LEU B 260 23.55 4.97 26.44
C LEU B 260 22.39 4.02 26.08
N LYS B 261 22.50 2.73 26.46
CA LYS B 261 21.50 1.71 26.13
C LYS B 261 20.18 1.92 26.92
N ARG B 262 19.33 2.82 26.42
CA ARG B 262 18.05 3.17 27.04
C ARG B 262 16.91 2.23 26.64
N PHE B 263 16.94 1.69 25.41
CA PHE B 263 15.85 0.83 24.85
C PHE B 263 16.01 -0.67 25.10
N SER B 264 14.85 -1.33 25.30
CA SER B 264 14.62 -2.77 25.50
C SER B 264 13.50 -3.19 24.57
N TYR B 265 13.81 -4.05 23.62
CA TYR B 265 12.83 -4.48 22.65
C TYR B 265 12.09 -5.72 23.17
N ASN B 266 10.89 -5.51 23.75
CA ASN B 266 10.03 -6.57 24.28
C ASN B 266 9.18 -7.12 23.13
N ARG B 267 8.50 -8.26 23.35
CA ARG B 267 7.69 -8.92 22.32
C ARG B 267 6.72 -7.95 21.60
N TYR B 268 5.94 -7.16 22.36
CA TYR B 268 4.93 -6.30 21.77
C TYR B 268 5.21 -4.79 21.87
N TRP B 269 6.29 -4.38 22.54
CA TRP B 269 6.57 -2.95 22.71
C TRP B 269 8.03 -2.71 23.08
N ARG B 270 8.48 -1.48 22.90
CA ARG B 270 9.82 -1.08 23.21
C ARG B 270 9.82 -0.29 24.53
N ASP B 271 10.65 -0.72 25.48
CA ASP B 271 10.79 -0.05 26.77
C ASP B 271 11.90 0.97 26.69
N LYS B 272 11.85 1.96 27.59
CA LYS B 272 12.86 2.99 27.63
C LYS B 272 13.21 3.34 29.07
N LEU B 273 14.50 3.38 29.38
CA LEU B 273 15.06 3.84 30.64
C LEU B 273 15.18 5.35 30.58
N ASP B 274 14.50 6.05 31.50
CA ASP B 274 14.46 7.52 31.56
C ASP B 274 15.48 8.07 32.57
N THR B 275 16.45 7.25 33.02
CA THR B 275 17.48 7.65 33.99
C THR B 275 18.30 8.85 33.50
N VAL B 276 18.54 9.82 34.38
CA VAL B 276 19.39 10.98 34.07
C VAL B 276 20.81 10.50 34.23
N VAL B 277 21.57 10.51 33.14
CA VAL B 277 22.98 10.14 33.12
C VAL B 277 23.75 11.47 33.06
N GLU B 278 24.54 11.73 34.10
CA GLU B 278 25.36 12.94 34.19
C GLU B 278 26.62 12.71 33.44
N PHE B 279 26.86 13.51 32.39
CA PHE B 279 28.08 13.40 31.61
C PHE B 279 28.75 14.78 31.47
N PRO B 280 30.10 14.89 31.40
CA PRO B 280 30.72 16.23 31.21
C PRO B 280 30.50 16.83 29.83
N ILE B 281 30.37 18.17 29.80
CA ILE B 281 30.31 18.95 28.56
C ILE B 281 31.78 19.17 28.10
N ARG B 282 32.70 19.23 29.07
CA ARG B 282 34.11 19.49 28.82
C ARG B 282 35.01 18.70 29.77
N GLY B 283 36.26 18.48 29.31
CA GLY B 283 37.32 17.82 30.05
C GLY B 283 37.01 16.44 30.57
N LEU B 284 36.33 15.60 29.80
CA LEU B 284 36.08 14.20 30.18
C LEU B 284 37.44 13.46 30.14
N ASN B 285 37.92 13.02 31.28
CA ASN B 285 39.16 12.27 31.37
C ASN B 285 38.87 10.75 31.31
N MET B 286 39.18 10.19 30.16
CA MET B 286 38.98 8.78 29.84
C MET B 286 40.18 7.94 30.26
N SER B 287 41.31 8.59 30.59
CA SER B 287 42.55 7.94 30.98
C SER B 287 42.39 6.94 32.15
N GLU B 288 41.43 7.15 33.06
CA GLU B 288 41.27 6.23 34.20
C GLU B 288 40.64 4.88 33.80
N PHE B 289 40.01 4.81 32.61
CA PHE B 289 39.36 3.58 32.13
C PHE B 289 40.21 2.86 31.09
N VAL B 290 41.35 3.45 30.71
CA VAL B 290 42.27 2.88 29.71
C VAL B 290 43.26 1.98 30.45
N CYS B 291 43.22 0.67 30.15
CA CYS B 291 44.08 -0.32 30.82
C CYS B 291 45.55 -0.27 30.29
N ASN B 292 45.82 0.40 29.15
CA ASN B 292 47.19 0.57 28.68
C ASN B 292 47.82 1.71 29.52
N LEU B 293 48.75 1.32 30.41
CA LEU B 293 49.42 2.23 31.35
C LEU B 293 50.48 3.12 30.66
N SER B 294 50.96 2.72 29.47
CA SER B 294 51.95 3.45 28.66
C SER B 294 51.25 4.37 27.65
N ALA B 295 49.90 4.33 27.61
CA ALA B 295 49.08 5.13 26.70
C ALA B 295 49.16 6.63 27.00
N ARG B 296 48.88 7.42 25.96
CA ARG B 296 48.78 8.88 25.94
C ARG B 296 47.58 9.33 26.78
N PRO B 297 47.58 10.53 27.40
CA PRO B 297 46.35 10.98 28.12
C PRO B 297 45.16 11.16 27.17
N TYR B 298 43.97 10.85 27.66
CA TYR B 298 42.76 10.94 26.86
C TYR B 298 41.77 11.93 27.48
N VAL B 299 41.82 13.21 27.03
CA VAL B 299 40.87 14.25 27.47
C VAL B 299 39.96 14.61 26.28
N TYR B 300 38.63 14.54 26.52
CA TYR B 300 37.54 14.78 25.56
C TYR B 300 36.58 15.94 25.94
N ASP B 301 36.06 16.61 24.90
CA ASP B 301 35.03 17.67 24.99
C ASP B 301 33.83 17.28 24.13
N LEU B 302 32.63 17.45 24.66
CA LEU B 302 31.40 17.11 23.97
C LEU B 302 31.24 17.98 22.72
N ILE B 303 30.78 17.39 21.60
CA ILE B 303 30.58 18.14 20.36
C ILE B 303 29.15 18.02 19.87
N ALA B 304 28.44 16.94 20.27
CA ALA B 304 27.07 16.67 19.82
C ALA B 304 26.36 15.66 20.72
N VAL B 305 25.04 15.76 20.78
CA VAL B 305 24.15 14.85 21.53
C VAL B 305 22.91 14.56 20.67
N SER B 306 22.58 13.26 20.49
CA SER B 306 21.33 12.80 19.90
C SER B 306 20.34 12.63 21.06
N ASN B 307 19.24 13.41 21.00
CA ASN B 307 18.22 13.42 22.05
C ASN B 307 17.00 12.66 21.62
N HIS B 308 16.29 12.07 22.58
CA HIS B 308 15.05 11.36 22.32
C HIS B 308 14.02 11.74 23.39
N TYR B 309 12.78 11.96 22.98
CA TYR B 309 11.62 12.27 23.84
C TYR B 309 10.48 11.36 23.43
N GLY B 310 9.58 11.04 24.37
CA GLY B 310 8.41 10.23 24.10
C GLY B 310 8.25 8.94 24.89
N ALA B 311 9.36 8.41 25.48
CA ALA B 311 9.46 7.18 26.30
C ALA B 311 8.91 5.92 25.56
N MET B 312 7.73 5.36 25.97
CA MET B 312 7.13 4.16 25.39
C MET B 312 6.02 4.49 24.31
N GLY B 313 5.74 5.80 24.11
CA GLY B 313 4.79 6.33 23.12
C GLY B 313 5.41 6.42 21.72
N VAL B 314 4.97 7.36 20.82
CA VAL B 314 5.59 7.38 19.48
C VAL B 314 7.09 7.81 19.59
N GLY B 315 7.36 9.01 20.06
CA GLY B 315 8.73 9.47 20.24
C GLY B 315 9.29 10.37 19.15
N HIS B 316 10.14 11.34 19.55
CA HIS B 316 10.78 12.29 18.64
C HIS B 316 12.25 12.41 18.96
N TYR B 317 13.10 12.57 17.91
CA TYR B 317 14.56 12.75 18.03
C TYR B 317 15.00 14.17 17.67
N THR B 318 15.92 14.74 18.47
CA THR B 318 16.52 16.05 18.18
C THR B 318 18.02 15.94 18.37
N ALA B 319 18.75 17.06 18.22
CA ALA B 319 20.18 17.08 18.47
C ALA B 319 20.65 18.40 19.04
N TYR B 320 21.68 18.30 19.88
CA TYR B 320 22.54 19.37 20.37
C TYR B 320 23.81 19.23 19.61
N ALA B 321 24.38 20.34 19.10
CA ALA B 321 25.68 20.30 18.44
C ALA B 321 26.40 21.61 18.57
N LYS B 322 27.72 21.54 18.76
CA LYS B 322 28.62 22.69 18.89
C LYS B 322 29.14 23.03 17.47
N ASN B 323 28.89 24.25 16.99
CA ASN B 323 29.36 24.66 15.65
C ASN B 323 30.88 24.86 15.70
N LYS B 324 31.60 24.15 14.80
CA LYS B 324 33.08 24.15 14.75
C LYS B 324 33.66 25.51 14.37
N LEU B 325 32.91 26.36 13.64
CA LEU B 325 33.40 27.68 13.22
C LEU B 325 33.20 28.80 14.26
N ASN B 326 32.14 28.76 15.10
CA ASN B 326 31.94 29.84 16.09
C ASN B 326 31.98 29.38 17.57
N GLY B 327 32.12 28.08 17.84
CA GLY B 327 32.15 27.54 19.20
C GLY B 327 30.86 27.59 20.02
N LYS B 328 29.72 27.90 19.38
CA LYS B 328 28.43 27.99 20.09
C LYS B 328 27.59 26.71 19.96
N TRP B 329 26.73 26.45 20.96
CA TRP B 329 25.83 25.30 20.99
C TRP B 329 24.49 25.63 20.34
N TYR B 330 24.01 24.70 19.52
CA TYR B 330 22.73 24.86 18.84
C TYR B 330 21.88 23.63 19.04
N TYR B 331 20.57 23.85 18.97
CA TYR B 331 19.55 22.82 19.05
C TYR B 331 18.94 22.64 17.65
N PHE B 332 19.01 21.41 17.14
CA PHE B 332 18.52 21.06 15.82
C PHE B 332 17.32 20.16 16.02
N ASP B 333 16.16 20.71 15.75
CA ASP B 333 14.87 20.01 15.85
C ASP B 333 14.32 19.96 14.45
N ASP B 334 14.70 18.92 13.72
CA ASP B 334 14.38 18.76 12.30
C ASP B 334 14.83 20.04 11.54
N SER B 335 13.91 20.76 10.89
CA SER B 335 14.16 21.97 10.08
C SER B 335 14.61 23.21 10.90
N ASN B 336 14.28 23.22 12.20
CA ASN B 336 14.57 24.30 13.14
C ASN B 336 15.92 24.21 13.82
N VAL B 337 16.70 25.30 13.72
CA VAL B 337 18.01 25.50 14.33
C VAL B 337 17.93 26.72 15.22
N SER B 338 18.16 26.54 16.52
CA SER B 338 18.13 27.66 17.46
C SER B 338 19.32 27.61 18.40
N LEU B 339 19.77 28.77 18.83
CA LEU B 339 20.88 28.90 19.78
C LEU B 339 20.51 28.24 21.11
N ALA B 340 21.44 27.41 21.62
CA ALA B 340 21.28 26.70 22.89
C ALA B 340 22.28 27.20 23.93
N SER B 341 22.05 26.78 25.19
CA SER B 341 22.93 27.02 26.34
C SER B 341 23.32 25.67 26.90
N GLU B 342 24.56 25.58 27.41
CA GLU B 342 25.14 24.37 27.97
C GLU B 342 24.30 23.73 29.10
N ASP B 343 23.54 24.53 29.84
CA ASP B 343 22.72 24.05 30.97
C ASP B 343 21.49 23.23 30.51
N GLN B 344 21.23 23.18 29.20
CA GLN B 344 20.12 22.43 28.62
C GLN B 344 20.51 21.04 28.16
N ILE B 345 21.82 20.82 27.92
CA ILE B 345 22.39 19.61 27.31
C ILE B 345 22.23 18.36 28.16
N VAL B 346 22.55 18.43 29.48
CA VAL B 346 22.52 17.22 30.33
C VAL B 346 21.12 17.06 30.92
N THR B 347 20.36 16.14 30.35
CA THR B 347 18.99 15.78 30.70
C THR B 347 18.81 14.30 30.42
N LYS B 348 17.63 13.76 30.84
CA LYS B 348 17.22 12.37 30.58
C LYS B 348 17.09 12.09 29.07
N ALA B 349 16.95 13.16 28.24
CA ALA B 349 16.81 13.10 26.79
C ALA B 349 18.08 12.66 26.08
N ALA B 350 19.27 12.84 26.72
CA ALA B 350 20.54 12.43 26.14
C ALA B 350 20.54 10.92 25.84
N TYR B 351 20.76 10.56 24.58
CA TYR B 351 20.76 9.17 24.16
C TYR B 351 22.12 8.75 23.57
N VAL B 352 22.66 9.52 22.63
CA VAL B 352 23.97 9.26 22.00
C VAL B 352 24.83 10.51 22.17
N LEU B 353 26.01 10.35 22.76
CA LEU B 353 26.99 11.42 23.01
C LEU B 353 28.17 11.30 22.05
N PHE B 354 28.58 12.44 21.46
CA PHE B 354 29.75 12.56 20.57
C PHE B 354 30.81 13.38 21.28
N TYR B 355 31.98 12.78 21.53
CA TYR B 355 33.12 13.43 22.16
C TYR B 355 34.27 13.54 21.20
N GLN B 356 35.00 14.68 21.27
CA GLN B 356 36.19 14.92 20.46
C GLN B 356 37.43 15.03 21.36
N ARG B 357 38.43 14.19 21.08
CA ARG B 357 39.71 14.15 21.80
C ARG B 357 40.54 15.42 21.59
N ARG B 358 41.23 15.86 22.64
CA ARG B 358 42.13 16.99 22.60
C ARG B 358 43.51 16.51 22.10
N ASP B 359 44.02 17.10 20.98
CA ASP B 359 45.33 16.72 20.45
C ASP B 359 46.29 17.95 20.39
N ASP B 360 46.71 18.45 21.57
CA ASP B 360 47.64 19.57 21.77
C ASP B 360 49.01 19.03 22.23
N GLU B 361 50.00 19.94 22.46
CA GLU B 361 51.36 19.61 22.94
C GLU B 361 51.34 18.86 24.30
N PHE B 362 50.22 18.97 25.04
CA PHE B 362 50.02 18.36 26.35
C PHE B 362 49.81 16.85 26.32
N TYR B 363 49.45 16.26 25.15
CA TYR B 363 49.07 14.85 25.05
C TYR B 363 49.97 13.97 24.13
N LYS B 364 51.31 14.04 24.32
CA LYS B 364 52.27 13.25 23.52
C LYS B 364 52.29 11.74 23.93
N THR B 365 52.69 10.85 22.98
CA THR B 365 52.76 9.41 23.19
C THR B 365 54.22 8.99 23.46
N HIS C 3 38.82 9.21 -23.42
CA HIS C 3 37.65 8.74 -22.67
C HIS C 3 36.42 8.66 -23.63
N ILE C 4 35.21 8.47 -23.04
CA ILE C 4 33.88 8.36 -23.66
C ILE C 4 33.53 9.70 -24.37
N GLN C 5 32.92 9.62 -25.56
CA GLN C 5 32.47 10.80 -26.34
C GLN C 5 31.29 11.47 -25.59
N PRO C 6 31.33 12.82 -25.39
CA PRO C 6 30.22 13.50 -24.66
C PRO C 6 28.87 13.35 -25.35
N GLY C 7 27.86 13.01 -24.54
CA GLY C 7 26.49 12.81 -24.99
C GLY C 7 26.14 11.37 -25.26
N LEU C 8 27.17 10.48 -25.40
CA LEU C 8 26.97 9.06 -25.64
C LEU C 8 26.91 8.34 -24.29
N CYS C 9 25.87 8.69 -23.54
CA CYS C 9 25.65 8.27 -22.18
C CYS C 9 24.26 7.68 -22.04
N GLY C 10 24.22 6.40 -21.69
CA GLY C 10 22.97 5.69 -21.45
C GLY C 10 22.39 6.07 -20.10
N LEU C 11 21.12 5.76 -19.88
CA LEU C 11 20.44 6.05 -18.64
C LEU C 11 19.93 4.76 -18.08
N GLY C 12 20.37 4.43 -16.87
CA GLY C 12 19.95 3.21 -16.21
C GLY C 12 18.47 3.17 -15.94
N ASN C 13 17.83 2.02 -16.23
CA ASN C 13 16.40 1.83 -15.92
C ASN C 13 16.33 1.63 -14.40
N LEU C 14 15.43 2.33 -13.70
CA LEU C 14 15.37 2.24 -12.24
C LEU C 14 14.08 1.58 -11.76
N GLY C 15 13.34 0.97 -12.69
CA GLY C 15 12.09 0.29 -12.40
C GLY C 15 10.97 0.92 -13.18
N ASN C 16 10.84 0.47 -14.46
CA ASN C 16 9.85 0.93 -15.43
C ASN C 16 10.02 2.44 -15.72
N THR C 17 11.27 2.91 -15.95
CA THR C 17 11.58 4.32 -16.24
C THR C 17 12.12 4.49 -17.67
N PHE C 19 10.34 4.98 -20.39
CA PHE C 19 9.55 6.07 -20.93
C PHE C 19 10.22 7.41 -20.61
N MET C 20 10.78 7.53 -19.39
CA MET C 20 11.45 8.72 -18.92
C MET C 20 12.80 8.90 -19.61
N ASN C 21 13.57 7.81 -19.70
CA ASN C 21 14.87 7.74 -20.33
C ASN C 21 14.80 8.16 -21.80
N SER C 22 13.81 7.60 -22.54
CA SER C 22 13.55 7.88 -23.95
C SER C 22 13.34 9.36 -24.17
N ALA C 23 12.40 9.97 -23.40
CA ALA C 23 12.08 11.39 -23.45
C ALA C 23 13.35 12.21 -23.12
N LEU C 24 14.10 11.77 -22.08
CA LEU C 24 15.33 12.45 -21.64
C LEU C 24 16.43 12.43 -22.69
N GLN C 25 16.56 11.32 -23.47
CA GLN C 25 17.54 11.23 -24.55
C GLN C 25 17.21 12.18 -25.69
N CYS C 26 15.93 12.38 -25.95
CA CYS C 26 15.44 13.31 -26.99
C CYS C 26 15.74 14.73 -26.60
N LEU C 27 15.48 15.08 -25.34
CA LEU C 27 15.76 16.41 -24.80
C LEU C 27 17.26 16.66 -24.70
N SER C 28 18.04 15.64 -24.31
CA SER C 28 19.50 15.73 -24.20
C SER C 28 20.15 16.09 -25.53
N ASN C 29 19.59 15.56 -26.62
CA ASN C 29 20.12 15.76 -27.96
C ASN C 29 19.40 16.92 -28.69
N THR C 30 18.77 17.81 -27.92
CA THR C 30 18.21 19.07 -28.39
C THR C 30 19.28 20.08 -28.01
N ALA C 31 20.20 20.34 -28.95
CA ALA C 31 21.37 21.19 -28.80
C ALA C 31 21.04 22.59 -28.19
N PRO C 32 20.01 23.38 -28.62
CA PRO C 32 19.78 24.69 -27.98
C PRO C 32 19.49 24.59 -26.49
N LEU C 33 18.84 23.50 -26.05
CA LEU C 33 18.51 23.26 -24.65
C LEU C 33 19.73 22.75 -23.86
N THR C 34 20.48 21.76 -24.36
CA THR C 34 21.68 21.21 -23.69
C THR C 34 22.74 22.31 -23.56
N ASP C 35 22.99 23.09 -24.64
CA ASP C 35 23.95 24.18 -24.65
C ASP C 35 23.64 25.21 -23.58
N TYR C 36 22.33 25.54 -23.40
CA TYR C 36 21.85 26.50 -22.40
C TYR C 36 22.31 26.09 -20.99
N PHE C 37 22.19 24.80 -20.64
CA PHE C 37 22.55 24.28 -19.34
C PHE C 37 24.06 24.10 -19.19
N LEU C 38 24.76 23.59 -20.23
CA LEU C 38 26.20 23.41 -20.21
C LEU C 38 26.93 24.75 -20.11
N LYS C 39 26.35 25.85 -20.67
CA LYS C 39 26.91 27.21 -20.60
C LYS C 39 26.91 27.69 -19.15
N ASP C 40 26.08 27.04 -18.29
CA ASP C 40 26.01 27.19 -16.83
C ASP C 40 25.89 28.65 -16.38
N GLU C 41 24.95 29.39 -17.01
CA GLU C 41 24.68 30.78 -16.67
C GLU C 41 23.17 30.96 -16.43
N TYR C 42 22.40 29.83 -16.61
CA TYR C 42 20.97 29.65 -16.39
C TYR C 42 20.54 29.87 -14.92
N GLU C 43 21.52 29.87 -13.96
CA GLU C 43 21.30 30.01 -12.52
C GLU C 43 20.52 31.29 -12.19
N ALA C 44 20.78 32.37 -12.94
CA ALA C 44 20.11 33.66 -12.77
C ALA C 44 18.64 33.60 -13.18
N GLU C 45 18.27 32.61 -14.05
CA GLU C 45 16.92 32.46 -14.59
C GLU C 45 16.04 31.48 -13.81
N ILE C 46 16.59 30.73 -12.83
CA ILE C 46 15.81 29.79 -12.00
C ILE C 46 14.77 30.59 -11.20
N ASN C 47 13.48 30.27 -11.39
CA ASN C 47 12.33 30.91 -10.73
C ASN C 47 11.85 30.00 -9.59
N ARG C 48 12.19 30.36 -8.36
CA ARG C 48 11.88 29.57 -7.15
C ARG C 48 10.56 29.94 -6.50
N ASP C 49 9.94 31.07 -6.88
CA ASP C 49 8.69 31.53 -6.28
C ASP C 49 7.46 31.26 -7.16
N ASN C 50 7.67 30.88 -8.42
CA ASN C 50 6.58 30.65 -9.38
C ASN C 50 5.52 29.65 -8.84
N PRO C 51 4.25 30.09 -8.64
CA PRO C 51 3.21 29.17 -8.12
C PRO C 51 2.86 28.06 -9.09
N LEU C 52 3.34 28.13 -10.35
CA LEU C 52 3.07 27.09 -11.34
C LEU C 52 4.26 26.16 -11.57
N GLY C 53 5.40 26.50 -10.96
CA GLY C 53 6.65 25.75 -11.05
C GLY C 53 6.89 24.80 -9.90
N MET C 54 8.11 24.24 -9.86
CA MET C 54 8.49 23.28 -8.84
C MET C 54 9.64 23.82 -8.01
N LYS C 55 9.61 25.14 -7.72
CA LYS C 55 10.59 25.91 -6.93
C LYS C 55 12.00 25.85 -7.54
N GLY C 56 12.09 25.67 -8.85
CA GLY C 56 13.35 25.57 -9.58
C GLY C 56 14.01 24.19 -9.51
N GLU C 57 13.42 23.25 -8.75
CA GLU C 57 13.95 21.92 -8.48
C GLU C 57 13.94 20.98 -9.68
N ILE C 58 12.95 21.09 -10.59
CA ILE C 58 12.96 20.25 -11.81
C ILE C 58 14.08 20.74 -12.75
N ALA C 59 14.25 22.07 -12.86
CA ALA C 59 15.30 22.66 -13.71
C ALA C 59 16.69 22.30 -13.17
N GLU C 60 16.86 22.27 -11.84
CA GLU C 60 18.13 21.97 -11.19
C GLU C 60 18.52 20.50 -11.30
N ALA C 61 17.58 19.56 -11.09
CA ALA C 61 17.84 18.13 -11.24
C ALA C 61 18.14 17.81 -12.72
N TYR C 62 17.42 18.49 -13.67
CA TYR C 62 17.63 18.32 -15.11
C TYR C 62 19.03 18.83 -15.52
N ALA C 63 19.42 20.03 -15.03
CA ALA C 63 20.72 20.66 -15.29
C ALA C 63 21.90 19.77 -14.86
N GLU C 64 21.79 19.17 -13.68
CA GLU C 64 22.76 18.29 -13.04
C GLU C 64 22.95 17.01 -13.88
N LEU C 65 21.82 16.40 -14.33
CA LEU C 65 21.79 15.20 -15.14
C LEU C 65 22.43 15.42 -16.50
N ILE C 66 22.08 16.50 -17.20
CA ILE C 66 22.65 16.81 -18.52
C ILE C 66 24.15 17.02 -18.43
N LYS C 67 24.63 17.69 -17.37
CA LYS C 67 26.06 17.89 -17.16
C LYS C 67 26.77 16.54 -17.04
N GLN C 68 26.12 15.56 -16.38
CA GLN C 68 26.65 14.19 -16.23
C GLN C 68 26.69 13.46 -17.56
N MET C 69 25.61 13.57 -18.35
CA MET C 69 25.45 12.93 -19.64
C MET C 69 26.39 13.50 -20.70
N TRP C 70 26.85 14.76 -20.52
CA TRP C 70 27.72 15.42 -21.49
C TRP C 70 29.14 15.66 -20.97
N SER C 71 29.52 15.03 -19.84
CA SER C 71 30.83 15.17 -19.22
C SER C 71 31.93 14.39 -19.95
N GLY C 72 31.54 13.26 -20.56
CA GLY C 72 32.44 12.36 -21.27
C GLY C 72 33.16 11.40 -20.32
N ARG C 73 32.72 11.37 -19.04
CA ARG C 73 33.32 10.54 -18.00
C ARG C 73 32.60 9.20 -17.83
N ASP C 74 31.31 9.14 -18.14
CA ASP C 74 30.51 7.92 -17.95
C ASP C 74 29.82 7.45 -19.22
N ALA C 75 29.73 6.12 -19.38
CA ALA C 75 29.07 5.44 -20.48
C ALA C 75 27.57 5.37 -20.19
N HIS C 76 27.20 5.45 -18.91
CA HIS C 76 25.83 5.44 -18.40
C HIS C 76 25.76 6.02 -16.99
N VAL C 77 24.63 6.63 -16.61
CA VAL C 77 24.40 7.15 -15.26
C VAL C 77 23.01 6.73 -14.81
N ALA C 78 22.80 6.53 -13.50
CA ALA C 78 21.47 6.20 -12.97
C ALA C 78 20.81 7.53 -12.58
N PRO C 79 19.78 8.01 -13.31
CA PRO C 79 19.19 9.33 -12.99
C PRO C 79 18.31 9.31 -11.74
N ARG C 80 18.88 8.92 -10.57
CA ARG C 80 18.15 8.77 -9.31
C ARG C 80 17.54 10.05 -8.79
N MET C 81 18.30 11.16 -8.73
CA MET C 81 17.78 12.44 -8.25
C MET C 81 16.61 12.89 -9.13
N PHE C 82 16.77 12.81 -10.46
CA PHE C 82 15.75 13.23 -11.41
C PHE C 82 14.48 12.40 -11.26
N LYS C 83 14.59 11.06 -11.21
CA LYS C 83 13.48 10.13 -11.04
C LYS C 83 12.70 10.41 -9.74
N THR C 84 13.42 10.69 -8.65
CA THR C 84 12.90 11.01 -7.32
C THR C 84 12.08 12.30 -7.38
N GLN C 85 12.64 13.35 -8.01
CA GLN C 85 11.99 14.66 -8.13
C GLN C 85 10.71 14.56 -8.96
N VAL C 86 10.71 13.79 -10.07
CA VAL C 86 9.52 13.59 -10.93
C VAL C 86 8.44 12.84 -10.14
N GLY C 87 8.81 11.77 -9.45
CA GLY C 87 7.87 11.00 -8.63
C GLY C 87 7.24 11.77 -7.50
N ARG C 88 7.95 12.78 -7.00
CA ARG C 88 7.55 13.67 -5.91
C ARG C 88 6.53 14.72 -6.40
N PHE C 89 6.78 15.36 -7.56
CA PHE C 89 5.89 16.40 -8.06
C PHE C 89 4.74 15.81 -8.91
N ALA C 90 5.01 14.72 -9.63
CA ALA C 90 4.03 14.05 -10.50
C ALA C 90 4.02 12.53 -10.23
N PRO C 91 3.30 12.11 -9.15
CA PRO C 91 3.27 10.67 -8.76
C PRO C 91 2.68 9.73 -9.81
N GLN C 92 1.93 10.23 -10.79
CA GLN C 92 1.34 9.39 -11.85
C GLN C 92 2.44 8.72 -12.71
N PHE C 93 3.66 9.29 -12.71
CA PHE C 93 4.80 8.74 -13.45
C PHE C 93 5.56 7.66 -12.66
N SER C 94 5.08 7.28 -11.45
CA SER C 94 5.78 6.23 -10.72
C SER C 94 4.94 4.93 -10.80
N GLY C 95 5.57 3.80 -10.50
CA GLY C 95 4.87 2.52 -10.59
C GLY C 95 5.28 1.67 -11.77
N TYR C 96 4.55 0.55 -11.94
CA TYR C 96 4.87 -0.45 -12.95
C TYR C 96 3.70 -0.73 -13.92
N GLN C 97 2.88 0.29 -14.22
CA GLN C 97 1.81 0.19 -15.21
C GLN C 97 2.27 0.88 -16.53
N GLN C 98 1.47 0.76 -17.62
CA GLN C 98 1.78 1.36 -18.92
C GLN C 98 2.07 2.85 -18.77
N GLN C 99 3.21 3.29 -19.32
CA GLN C 99 3.68 4.67 -19.30
C GLN C 99 3.69 5.29 -20.75
N ASP C 100 3.85 6.62 -20.83
CA ASP C 100 3.76 7.39 -22.09
C ASP C 100 4.86 8.46 -22.15
N SER C 101 5.88 8.27 -23.02
CA SER C 101 7.03 9.19 -23.22
C SER C 101 6.56 10.60 -23.56
N GLN C 102 5.45 10.71 -24.25
CA GLN C 102 4.88 11.99 -24.62
C GLN C 102 4.25 12.69 -23.39
N GLU C 103 3.57 11.92 -22.52
CA GLU C 103 2.93 12.47 -21.31
C GLU C 103 4.01 13.02 -20.39
N LEU C 104 5.10 12.28 -20.22
CA LEU C 104 6.21 12.75 -19.43
C LEU C 104 6.90 13.99 -20.09
N LEU C 105 7.08 13.96 -21.41
CA LEU C 105 7.68 15.04 -22.20
C LEU C 105 6.91 16.35 -22.01
N ALA C 106 5.55 16.31 -22.16
CA ALA C 106 4.64 17.44 -21.95
C ALA C 106 4.79 17.99 -20.52
N PHE C 107 4.89 17.09 -19.52
CA PHE C 107 5.09 17.47 -18.12
C PHE C 107 6.43 18.23 -17.93
N LEU C 108 7.52 17.67 -18.48
CA LEU C 108 8.88 18.18 -18.39
C LEU C 108 9.05 19.53 -19.12
N LEU C 109 8.49 19.66 -20.34
CA LEU C 109 8.55 20.90 -21.09
C LEU C 109 7.84 22.04 -20.32
N ASP C 110 6.69 21.74 -19.67
CA ASP C 110 5.95 22.71 -18.87
C ASP C 110 6.70 23.05 -17.57
N GLY C 111 7.25 22.01 -16.92
CA GLY C 111 7.97 22.13 -15.65
C GLY C 111 9.26 22.90 -15.75
N LEU C 112 10.03 22.66 -16.82
CA LEU C 112 11.27 23.37 -17.12
C LEU C 112 10.95 24.84 -17.45
N HIS C 113 9.85 25.07 -18.18
CA HIS C 113 9.42 26.41 -18.54
C HIS C 113 9.10 27.24 -17.29
N GLU C 114 8.32 26.72 -16.34
CA GLU C 114 7.95 27.50 -15.16
C GLU C 114 9.11 27.68 -14.18
N ASP C 115 9.99 26.69 -14.08
CA ASP C 115 11.17 26.78 -13.23
C ASP C 115 12.21 27.76 -13.81
N LEU C 116 12.10 28.08 -15.12
CA LEU C 116 13.02 29.01 -15.79
C LEU C 116 12.30 30.21 -16.38
N ASN C 117 11.05 30.48 -15.93
CA ASN C 117 10.23 31.59 -16.43
C ASN C 117 10.77 32.95 -15.93
N ARG C 118 11.10 33.81 -16.89
CA ARG C 118 11.66 35.15 -16.66
C ARG C 118 10.57 36.13 -16.18
N VAL C 119 9.29 35.77 -16.38
CA VAL C 119 8.15 36.56 -15.91
C VAL C 119 7.98 36.22 -14.43
N LYS C 120 8.38 37.14 -13.55
CA LYS C 120 8.33 36.97 -12.10
C LYS C 120 6.90 37.20 -11.56
N LYS C 121 6.08 38.00 -12.25
CA LYS C 121 4.69 38.24 -11.87
C LYS C 121 3.78 38.16 -13.11
N LYS C 122 3.02 37.05 -13.23
CA LYS C 122 2.13 36.82 -14.39
C LYS C 122 0.91 37.75 -14.35
N PRO C 123 0.69 38.56 -15.42
CA PRO C 123 -0.48 39.45 -15.45
C PRO C 123 -1.72 38.79 -16.10
N TYR C 124 -2.91 39.44 -15.98
CA TYR C 124 -4.13 38.93 -16.61
C TYR C 124 -5.00 40.11 -17.06
N ASP C 129 -9.93 37.38 -29.26
CA ASP C 129 -10.81 38.52 -29.54
C ASP C 129 -10.63 39.01 -31.00
N ALA C 130 -10.53 38.05 -31.96
CA ALA C 130 -10.38 38.35 -33.38
C ALA C 130 -11.75 38.67 -34.00
N ASN C 131 -11.99 39.96 -34.29
CA ASN C 131 -13.25 40.41 -34.85
C ASN C 131 -13.02 40.98 -36.26
N GLY C 132 -12.72 40.07 -37.18
CA GLY C 132 -12.48 40.39 -38.58
C GLY C 132 -11.23 41.20 -38.86
N ARG C 133 -10.31 41.24 -37.88
CA ARG C 133 -9.00 41.93 -37.98
C ARG C 133 -8.02 41.03 -38.77
N PRO C 134 -6.97 41.58 -39.44
CA PRO C 134 -6.06 40.69 -40.20
C PRO C 134 -5.35 39.68 -39.31
N ASP C 135 -5.13 38.47 -39.86
CA ASP C 135 -4.47 37.35 -39.17
C ASP C 135 -3.11 37.76 -38.60
N ALA C 136 -2.34 38.58 -39.34
CA ALA C 136 -1.02 39.06 -38.94
C ALA C 136 -1.09 39.90 -37.67
N VAL C 137 -2.13 40.72 -37.53
CA VAL C 137 -2.38 41.59 -36.38
C VAL C 137 -2.76 40.75 -35.15
N VAL C 138 -3.71 39.81 -35.32
CA VAL C 138 -4.24 38.94 -34.26
C VAL C 138 -3.15 37.98 -33.74
N ALA C 139 -2.35 37.40 -34.64
CA ALA C 139 -1.25 36.49 -34.30
C ALA C 139 -0.15 37.19 -33.50
N LYS C 140 0.26 38.43 -33.91
CA LYS C 140 1.27 39.26 -33.24
C LYS C 140 0.85 39.57 -31.81
N GLU C 141 -0.44 39.89 -31.64
CA GLU C 141 -1.07 40.20 -30.37
C GLU C 141 -1.05 38.97 -29.43
N ALA C 142 -1.48 37.81 -29.96
CA ALA C 142 -1.55 36.53 -29.25
C ALA C 142 -0.17 36.09 -28.76
N TRP C 143 0.88 36.28 -29.60
CA TRP C 143 2.26 35.92 -29.29
C TRP C 143 2.84 36.83 -28.22
N GLU C 144 2.60 38.14 -28.33
CA GLU C 144 3.08 39.14 -27.37
C GLU C 144 2.44 38.92 -25.99
N ASN C 145 1.12 38.60 -25.96
CA ASN C 145 0.38 38.33 -24.73
C ASN C 145 0.86 37.04 -24.07
N HIS C 146 1.23 36.05 -24.91
CA HIS C 146 1.79 34.79 -24.46
C HIS C 146 3.14 35.03 -23.77
N ARG C 147 4.02 35.85 -24.38
CA ARG C 147 5.33 36.15 -23.84
C ARG C 147 5.29 37.09 -22.61
N LEU C 148 4.16 37.79 -22.38
CA LEU C 148 3.98 38.64 -21.19
C LEU C 148 3.72 37.78 -19.95
N ARG C 149 3.32 36.52 -20.18
CA ARG C 149 3.07 35.50 -19.14
C ARG C 149 4.16 34.45 -19.13
N ASN C 150 4.70 34.10 -20.31
CA ASN C 150 5.66 33.01 -20.52
C ASN C 150 6.89 33.45 -21.33
N ASP C 151 8.04 33.55 -20.65
CA ASP C 151 9.32 33.94 -21.26
C ASP C 151 10.42 33.08 -20.66
N SER C 152 10.93 32.10 -21.43
CA SER C 152 11.98 31.18 -21.01
C SER C 152 12.68 30.55 -22.20
N VAL C 153 13.77 29.78 -21.90
CA VAL C 153 14.52 29.00 -22.91
C VAL C 153 13.55 28.00 -23.60
N ILE C 154 12.50 27.53 -22.92
CA ILE C 154 11.50 26.59 -23.45
C ILE C 154 10.66 27.29 -24.52
N VAL C 155 10.20 28.53 -24.25
CA VAL C 155 9.43 29.34 -25.20
C VAL C 155 10.29 29.64 -26.44
N ASP C 156 11.56 30.03 -26.23
CA ASP C 156 12.52 30.36 -27.28
C ASP C 156 12.91 29.17 -28.16
N THR C 157 12.91 27.94 -27.59
CA THR C 157 13.31 26.72 -28.29
C THR C 157 12.11 25.96 -28.93
N PHE C 158 10.99 25.75 -28.20
CA PHE C 158 9.92 24.86 -28.62
C PHE C 158 8.56 25.46 -28.94
N HIS C 159 8.34 26.75 -28.64
CA HIS C 159 7.00 27.32 -28.84
C HIS C 159 6.74 27.89 -30.22
N GLY C 160 5.61 27.47 -30.77
CA GLY C 160 5.07 27.92 -32.04
C GLY C 160 3.66 28.45 -31.82
N LEU C 161 2.99 28.84 -32.89
CA LEU C 161 1.66 29.41 -32.83
C LEU C 161 0.76 28.79 -33.89
N PHE C 162 -0.47 28.43 -33.51
CA PHE C 162 -1.41 27.86 -34.47
C PHE C 162 -2.74 28.63 -34.41
N LYS C 163 -3.45 28.67 -35.53
CA LYS C 163 -4.75 29.34 -35.67
C LYS C 163 -5.87 28.33 -35.45
N SER C 164 -6.87 28.69 -34.62
CA SER C 164 -8.04 27.84 -34.37
C SER C 164 -9.29 28.52 -34.89
N THR C 165 -10.06 27.83 -35.76
CA THR C 165 -11.32 28.36 -36.28
C THR C 165 -12.46 27.46 -35.82
N LEU C 166 -13.39 28.02 -35.03
CA LEU C 166 -14.56 27.31 -34.54
C LEU C 166 -15.85 27.91 -35.10
N VAL C 167 -16.72 27.03 -35.67
CA VAL C 167 -18.00 27.43 -36.27
C VAL C 167 -19.17 26.73 -35.56
N CYS C 168 -20.03 27.54 -34.90
CA CYS C 168 -21.20 27.08 -34.15
C CYS C 168 -22.28 26.51 -35.12
N PRO C 169 -22.89 25.33 -34.82
CA PRO C 169 -23.93 24.80 -35.74
C PRO C 169 -25.28 25.52 -35.59
N GLU C 170 -25.48 26.26 -34.49
CA GLU C 170 -26.74 26.95 -34.20
C GLU C 170 -26.76 28.39 -34.78
N CYS C 171 -25.81 29.26 -34.37
CA CYS C 171 -25.78 30.67 -34.81
C CYS C 171 -24.81 30.94 -36.00
N ALA C 172 -24.08 29.91 -36.46
CA ALA C 172 -23.10 29.94 -37.58
C ALA C 172 -21.94 30.96 -37.36
N LYS C 173 -21.72 31.40 -36.10
CA LYS C 173 -20.68 32.39 -35.78
C LYS C 173 -19.31 31.74 -35.73
N VAL C 174 -18.38 32.33 -36.52
CA VAL C 174 -17.00 31.92 -36.77
C VAL C 174 -16.06 32.58 -35.74
N SER C 175 -15.48 31.78 -34.84
CA SER C 175 -14.57 32.22 -33.79
C SER C 175 -13.12 31.84 -34.14
N VAL C 176 -12.27 32.86 -34.38
CA VAL C 176 -10.86 32.67 -34.74
C VAL C 176 -9.97 33.10 -33.55
N THR C 177 -9.07 32.20 -33.11
CA THR C 177 -8.09 32.45 -32.05
C THR C 177 -6.70 31.97 -32.49
N PHE C 178 -5.67 32.55 -31.90
CA PHE C 178 -4.28 32.17 -32.11
C PHE C 178 -3.75 31.64 -30.79
N ASP C 179 -3.23 30.42 -30.80
CA ASP C 179 -2.79 29.79 -29.57
C ASP C 179 -1.40 29.21 -29.68
N PRO C 180 -0.60 29.28 -28.58
CA PRO C 180 0.74 28.71 -28.64
C PRO C 180 0.71 27.18 -28.46
N PHE C 181 1.80 26.54 -28.89
CA PHE C 181 1.98 25.11 -28.72
C PHE C 181 3.46 24.84 -28.45
N CYS C 182 3.81 23.75 -27.73
CA CYS C 182 5.21 23.40 -27.58
C CYS C 182 5.49 22.03 -28.26
N TYR C 183 4.43 21.40 -28.80
CA TYR C 183 4.51 20.15 -29.57
C TYR C 183 3.25 20.01 -30.43
N LEU C 184 3.30 19.16 -31.49
CA LEU C 184 2.17 18.92 -32.37
C LEU C 184 1.74 17.50 -32.26
N THR C 185 0.49 17.27 -31.84
CA THR C 185 -0.07 15.93 -31.75
C THR C 185 -0.75 15.70 -33.09
N LEU C 186 -0.22 14.75 -33.88
CA LEU C 186 -0.74 14.45 -35.19
C LEU C 186 -1.60 13.20 -35.20
N PRO C 187 -2.84 13.29 -35.73
CA PRO C 187 -3.67 12.09 -35.83
C PRO C 187 -3.22 11.25 -37.01
N LEU C 188 -3.32 9.93 -36.89
CA LEU C 188 -2.94 9.05 -37.99
C LEU C 188 -4.18 8.69 -38.78
N PRO C 189 -4.07 8.49 -40.12
CA PRO C 189 -5.28 8.13 -40.91
C PRO C 189 -5.94 6.85 -40.41
N LEU C 190 -7.29 6.80 -40.45
CA LEU C 190 -8.04 5.66 -39.97
C LEU C 190 -8.18 4.61 -41.06
N THR C 209 0.08 -1.06 -46.23
CA THR C 209 0.20 0.29 -46.77
C THR C 209 0.59 1.30 -45.64
N THR C 210 1.73 2.00 -45.85
CA THR C 210 2.28 3.01 -44.95
C THR C 210 1.72 4.39 -45.32
N VAL C 211 1.83 5.36 -44.37
CA VAL C 211 1.38 6.74 -44.57
C VAL C 211 2.59 7.69 -44.47
N ALA C 212 2.49 8.86 -45.11
CA ALA C 212 3.56 9.88 -45.07
C ALA C 212 3.27 10.87 -43.95
N LEU C 213 4.32 11.43 -43.34
CA LEU C 213 4.20 12.44 -42.27
C LEU C 213 3.34 13.63 -42.74
N ARG C 214 3.51 14.04 -44.01
CA ARG C 214 2.77 15.15 -44.62
C ARG C 214 1.25 14.87 -44.66
N ASP C 215 0.85 13.59 -44.77
CA ASP C 215 -0.55 13.19 -44.75
C ASP C 215 -1.11 13.38 -43.35
N CYS C 216 -0.25 13.12 -42.34
CA CYS C 216 -0.60 13.27 -40.92
C CYS C 216 -0.73 14.75 -40.56
N ILE C 217 0.14 15.63 -41.17
CA ILE C 217 0.11 17.08 -40.97
C ILE C 217 -1.16 17.67 -41.64
N GLU C 218 -1.46 17.23 -42.87
CA GLU C 218 -2.65 17.64 -43.62
C GLU C 218 -3.92 17.27 -42.88
N LEU C 219 -3.92 16.08 -42.25
CA LEU C 219 -5.01 15.55 -41.42
C LEU C 219 -5.22 16.43 -40.17
N PHE C 220 -4.11 16.94 -39.59
CA PHE C 220 -4.15 17.83 -38.42
C PHE C 220 -4.79 19.17 -38.77
N THR C 221 -4.57 19.66 -40.00
CA THR C 221 -5.08 20.95 -40.46
C THR C 221 -6.45 20.83 -41.16
N THR C 222 -6.99 19.61 -41.36
CA THR C 222 -8.32 19.46 -42.00
C THR C 222 -9.41 19.64 -40.94
N MET C 223 -10.51 20.29 -41.35
CA MET C 223 -11.63 20.60 -40.47
C MET C 223 -12.34 19.32 -39.95
N GLU C 224 -12.76 19.33 -38.68
CA GLU C 224 -13.43 18.21 -38.03
C GLU C 224 -14.54 18.69 -37.08
N THR C 225 -15.70 17.99 -37.10
CA THR C 225 -16.81 18.31 -36.19
C THR C 225 -16.49 17.67 -34.80
N LEU C 226 -16.50 18.48 -33.72
CA LEU C 226 -16.18 18.02 -32.36
C LEU C 226 -17.26 17.10 -31.79
N PRO C 231 -16.69 19.32 -27.49
CA PRO C 231 -17.68 20.40 -27.57
C PRO C 231 -17.25 21.63 -26.75
N TRP C 232 -17.31 22.81 -27.39
CA TRP C 232 -16.92 24.09 -26.76
C TRP C 232 -18.15 24.99 -26.54
N TYR C 233 -17.99 26.04 -25.70
CA TYR C 233 -19.05 26.99 -25.37
C TYR C 233 -19.09 28.16 -26.35
N CYS C 234 -20.24 28.37 -27.00
CA CYS C 234 -20.46 29.48 -27.91
C CYS C 234 -20.76 30.74 -27.09
N PRO C 235 -20.14 31.92 -27.37
CA PRO C 235 -20.45 33.11 -26.57
C PRO C 235 -21.86 33.65 -26.84
N ASN C 236 -22.42 33.43 -28.05
CA ASN C 236 -23.75 33.89 -28.41
C ASN C 236 -24.85 32.95 -27.91
N CYS C 237 -24.63 31.63 -28.00
CA CYS C 237 -25.59 30.63 -27.53
C CYS C 237 -25.53 30.48 -26.00
N LYS C 238 -24.32 30.65 -25.39
CA LYS C 238 -23.96 30.52 -23.96
C LYS C 238 -23.95 29.03 -23.52
N LYS C 239 -24.32 28.11 -24.44
CA LYS C 239 -24.38 26.66 -24.24
C LYS C 239 -23.20 25.94 -24.92
N HIS C 240 -22.99 24.65 -24.60
CA HIS C 240 -21.97 23.81 -25.22
C HIS C 240 -22.51 23.28 -26.55
N GLN C 241 -21.78 23.51 -27.65
CA GLN C 241 -22.20 23.07 -28.98
C GLN C 241 -21.18 22.15 -29.64
N GLN C 242 -21.65 21.29 -30.56
CA GLN C 242 -20.82 20.36 -31.35
C GLN C 242 -20.39 21.09 -32.62
N ALA C 243 -19.51 22.09 -32.42
CA ALA C 243 -18.97 22.97 -33.45
C ALA C 243 -17.88 22.31 -34.28
N THR C 244 -17.66 22.81 -35.51
CA THR C 244 -16.56 22.35 -36.35
C THR C 244 -15.32 23.11 -35.87
N LYS C 245 -14.14 22.46 -35.99
CA LYS C 245 -12.84 22.98 -35.55
C LYS C 245 -11.79 22.75 -36.63
N LYS C 246 -11.06 23.79 -37.02
CA LYS C 246 -9.99 23.71 -38.01
C LYS C 246 -8.73 24.37 -37.50
N PHE C 247 -7.61 23.64 -37.58
CA PHE C 247 -6.31 24.15 -37.18
C PHE C 247 -5.53 24.58 -38.39
N ASP C 248 -4.69 25.61 -38.21
CA ASP C 248 -3.76 26.10 -39.20
C ASP C 248 -2.45 26.46 -38.51
N LEU C 249 -1.31 26.17 -39.15
CA LEU C 249 -0.01 26.46 -38.53
C LEU C 249 0.38 27.87 -38.90
N TRP C 250 0.69 28.71 -37.88
CA TRP C 250 1.04 30.09 -38.15
C TRP C 250 2.58 30.30 -38.10
N SER C 251 3.22 30.00 -36.98
CA SER C 251 4.66 30.15 -36.83
C SER C 251 5.19 28.89 -36.17
N LEU C 252 6.41 28.47 -36.58
CA LEU C 252 7.00 27.22 -36.10
C LEU C 252 8.29 27.47 -35.33
N PRO C 253 8.60 26.64 -34.29
CA PRO C 253 9.80 26.89 -33.48
C PRO C 253 11.10 26.30 -34.04
N LYS C 254 12.21 26.61 -33.38
CA LYS C 254 13.54 26.08 -33.71
C LYS C 254 13.51 24.54 -33.62
N ILE C 255 12.84 24.00 -32.57
CA ILE C 255 12.73 22.57 -32.30
C ILE C 255 11.25 22.20 -32.35
N LEU C 256 10.86 21.48 -33.40
CA LEU C 256 9.52 21.02 -33.63
C LEU C 256 9.37 19.58 -33.12
N VAL C 257 8.56 19.42 -32.07
CA VAL C 257 8.27 18.12 -31.46
C VAL C 257 6.98 17.61 -32.08
N VAL C 258 7.08 16.47 -32.78
CA VAL C 258 5.97 15.85 -33.52
C VAL C 258 5.57 14.57 -32.82
N HIS C 259 4.41 14.60 -32.17
CA HIS C 259 3.82 13.48 -31.44
C HIS C 259 2.84 12.76 -32.35
N LEU C 260 3.15 11.50 -32.75
CA LEU C 260 2.27 10.68 -33.60
C LEU C 260 1.28 10.01 -32.69
N LYS C 261 -0.02 10.41 -32.77
CA LYS C 261 -1.07 9.94 -31.84
C LYS C 261 -1.40 8.45 -32.11
N ARG C 262 -0.56 7.57 -31.57
CA ARG C 262 -0.70 6.11 -31.72
C ARG C 262 -1.64 5.54 -30.71
N PHE C 263 -1.68 6.11 -29.48
CA PHE C 263 -2.51 5.63 -28.37
C PHE C 263 -3.87 6.27 -28.30
N SER C 264 -4.86 5.44 -27.95
CA SER C 264 -6.24 5.81 -27.70
C SER C 264 -6.58 5.32 -26.31
N TYR C 265 -6.80 6.26 -25.39
CA TYR C 265 -7.13 5.88 -24.03
C TYR C 265 -8.63 5.73 -23.90
N ASN C 266 -9.08 4.46 -24.03
CA ASN C 266 -10.49 4.10 -23.91
C ASN C 266 -10.79 3.91 -22.45
N ARG C 267 -12.08 3.87 -22.09
CA ARG C 267 -12.53 3.75 -20.71
C ARG C 267 -11.80 2.64 -19.94
N TYR C 268 -11.72 1.43 -20.51
CA TYR C 268 -11.16 0.28 -19.81
C TYR C 268 -9.82 -0.26 -20.38
N TRP C 269 -9.32 0.31 -21.48
CA TRP C 269 -8.06 -0.15 -22.09
C TRP C 269 -7.46 0.88 -23.02
N ARG C 270 -6.14 0.74 -23.29
CA ARG C 270 -5.43 1.63 -24.19
C ARG C 270 -5.23 0.94 -25.53
N ASP C 271 -5.63 1.57 -26.63
CA ASP C 271 -5.42 1.04 -27.96
C ASP C 271 -4.13 1.60 -28.56
N LYS C 272 -3.52 0.90 -29.53
CA LYS C 272 -2.33 1.39 -30.20
C LYS C 272 -2.40 1.15 -31.72
N LEU C 273 -2.15 2.21 -32.49
CA LEU C 273 -2.00 2.19 -33.94
C LEU C 273 -0.56 1.82 -34.30
N ASP C 274 -0.38 0.72 -35.04
CA ASP C 274 0.93 0.21 -35.45
C ASP C 274 1.35 0.68 -36.87
N THR C 275 0.63 1.65 -37.46
CA THR C 275 0.90 2.16 -38.81
C THR C 275 2.34 2.71 -38.94
N VAL C 276 2.99 2.38 -40.06
CA VAL C 276 4.30 2.89 -40.40
C VAL C 276 4.07 4.27 -40.98
N VAL C 277 4.58 5.28 -40.30
CA VAL C 277 4.53 6.67 -40.75
C VAL C 277 5.94 6.97 -41.31
N GLU C 278 5.99 7.30 -42.59
CA GLU C 278 7.22 7.66 -43.29
C GLU C 278 7.52 9.13 -43.00
N PHE C 279 8.67 9.40 -42.42
CA PHE C 279 9.03 10.78 -42.09
C PHE C 279 10.45 11.05 -42.59
N PRO C 280 10.75 12.27 -43.11
CA PRO C 280 12.12 12.53 -43.59
C PRO C 280 13.14 12.62 -42.46
N ILE C 281 14.38 12.19 -42.76
CA ILE C 281 15.51 12.27 -41.84
C ILE C 281 16.10 13.68 -41.98
N ARG C 282 16.03 14.21 -43.18
CA ARG C 282 16.57 15.51 -43.55
C ARG C 282 15.59 16.24 -44.47
N GLY C 283 15.68 17.57 -44.48
CA GLY C 283 14.93 18.44 -45.38
C GLY C 283 13.42 18.40 -45.35
N LEU C 284 12.81 18.31 -44.17
CA LEU C 284 11.35 18.34 -44.01
C LEU C 284 10.90 19.78 -44.30
N ASN C 285 10.16 19.96 -45.41
CA ASN C 285 9.65 21.28 -45.76
C ASN C 285 8.25 21.50 -45.16
N MET C 286 8.21 22.30 -44.10
CA MET C 286 7.01 22.64 -43.36
C MET C 286 6.29 23.85 -43.97
N SER C 287 6.96 24.58 -44.85
CA SER C 287 6.45 25.79 -45.52
C SER C 287 5.09 25.62 -46.22
N GLU C 288 4.78 24.42 -46.76
CA GLU C 288 3.50 24.22 -47.44
C GLU C 288 2.31 24.11 -46.46
N PHE C 289 2.57 23.89 -45.16
CA PHE C 289 1.51 23.77 -44.17
C PHE C 289 1.36 25.05 -43.34
N VAL C 290 2.22 26.05 -43.59
CA VAL C 290 2.21 27.32 -42.87
C VAL C 290 1.29 28.27 -43.63
N CYS C 291 0.16 28.67 -43.00
CA CYS C 291 -0.82 29.53 -43.66
C CYS C 291 -0.34 31.01 -43.72
N ASN C 292 0.72 31.39 -42.98
CA ASN C 292 1.32 32.73 -43.09
C ASN C 292 2.19 32.77 -44.38
N LEU C 293 1.68 33.46 -45.40
CA LEU C 293 2.26 33.58 -46.74
C LEU C 293 3.52 34.48 -46.75
N SER C 294 3.67 35.36 -45.73
CA SER C 294 4.79 36.28 -45.56
C SER C 294 5.89 35.67 -44.68
N ALA C 295 5.63 34.46 -44.14
CA ALA C 295 6.57 33.74 -43.27
C ALA C 295 7.83 33.30 -44.00
N ARG C 296 8.92 33.16 -43.21
CA ARG C 296 10.24 32.66 -43.59
C ARG C 296 10.13 31.17 -44.01
N PRO C 297 11.00 30.64 -44.91
CA PRO C 297 10.93 29.19 -45.24
C PRO C 297 11.20 28.32 -44.01
N TYR C 298 10.52 27.19 -43.90
CA TYR C 298 10.69 26.31 -42.75
C TYR C 298 11.20 24.93 -43.19
N VAL C 299 12.56 24.75 -43.21
CA VAL C 299 13.16 23.46 -43.52
C VAL C 299 13.79 22.86 -42.22
N TYR C 300 13.40 21.62 -41.90
CA TYR C 300 13.80 20.90 -40.68
C TYR C 300 14.50 19.57 -40.93
N ASP C 301 15.39 19.21 -40.00
CA ASP C 301 16.14 17.95 -39.99
C ASP C 301 15.85 17.22 -38.70
N LEU C 302 15.75 15.89 -38.78
CA LEU C 302 15.48 15.04 -37.62
C LEU C 302 16.71 15.00 -36.70
N ILE C 303 16.49 15.10 -35.38
CA ILE C 303 17.58 15.07 -34.41
C ILE C 303 17.40 13.92 -33.39
N ALA C 304 16.15 13.48 -33.19
CA ALA C 304 15.81 12.45 -32.22
C ALA C 304 14.44 11.86 -32.48
N VAL C 305 14.26 10.61 -32.02
CA VAL C 305 13.00 9.85 -32.11
C VAL C 305 12.83 9.06 -30.82
N SER C 306 11.65 9.20 -30.16
CA SER C 306 11.22 8.37 -29.04
C SER C 306 10.45 7.18 -29.63
N ASN C 307 10.92 5.95 -29.35
CA ASN C 307 10.33 4.73 -29.89
C ASN C 307 9.59 3.96 -28.80
N HIS C 308 8.51 3.25 -29.20
CA HIS C 308 7.72 2.40 -28.31
C HIS C 308 7.58 1.01 -28.91
N TYR C 309 7.73 -0.01 -28.07
CA TYR C 309 7.58 -1.43 -28.40
C TYR C 309 6.66 -2.06 -27.38
N GLY C 310 5.91 -3.08 -27.80
CA GLY C 310 5.01 -3.78 -26.90
C GLY C 310 3.54 -3.60 -27.21
N ALA C 311 2.97 -4.49 -28.03
CA ALA C 311 1.53 -4.46 -28.31
C ALA C 311 0.72 -4.77 -27.02
N MET C 312 1.19 -5.74 -26.20
CA MET C 312 0.57 -6.15 -24.94
C MET C 312 1.50 -5.79 -23.75
N GLY C 313 0.90 -5.53 -22.59
CA GLY C 313 1.61 -5.25 -21.35
C GLY C 313 2.18 -3.86 -21.26
N VAL C 314 3.16 -3.68 -20.35
CA VAL C 314 3.79 -2.42 -19.98
C VAL C 314 4.51 -1.78 -21.17
N GLY C 315 5.17 -2.59 -21.98
CA GLY C 315 5.89 -2.08 -23.15
C GLY C 315 7.23 -1.47 -22.80
N HIS C 316 7.95 -1.00 -23.83
CA HIS C 316 9.29 -0.46 -23.62
C HIS C 316 9.58 0.71 -24.56
N TYR C 317 10.34 1.69 -24.03
CA TYR C 317 10.77 2.86 -24.77
C TYR C 317 12.27 2.90 -24.89
N THR C 318 12.72 3.31 -26.09
CA THR C 318 14.10 3.55 -26.52
C THR C 318 14.11 4.87 -27.28
N ALA C 319 15.29 5.27 -27.78
CA ALA C 319 15.46 6.48 -28.59
C ALA C 319 16.60 6.36 -29.56
N TYR C 320 16.39 6.95 -30.74
CA TYR C 320 17.36 7.30 -31.76
C TYR C 320 17.67 8.77 -31.55
N ALA C 321 18.92 9.16 -31.58
CA ALA C 321 19.30 10.57 -31.48
C ALA C 321 20.62 10.77 -32.20
N LYS C 322 20.76 11.91 -32.90
CA LYS C 322 21.94 12.35 -33.64
C LYS C 322 22.85 13.10 -32.68
N ASN C 323 24.10 12.64 -32.49
CA ASN C 323 25.04 13.32 -31.59
C ASN C 323 25.53 14.63 -32.26
N LYS C 324 25.29 15.79 -31.62
CA LYS C 324 25.58 17.14 -32.15
C LYS C 324 27.06 17.39 -32.43
N LEU C 325 27.97 16.69 -31.73
CA LEU C 325 29.41 16.87 -31.91
C LEU C 325 30.00 16.08 -33.09
N ASN C 326 29.51 14.86 -33.40
CA ASN C 326 30.07 14.07 -34.51
C ASN C 326 29.09 13.83 -35.69
N GLY C 327 27.84 14.25 -35.54
CA GLY C 327 26.81 14.11 -36.57
C GLY C 327 26.31 12.71 -36.86
N LYS C 328 26.70 11.70 -36.03
CA LYS C 328 26.29 10.30 -36.19
C LYS C 328 25.04 9.95 -35.36
N TRP C 329 24.29 8.94 -35.84
CA TRP C 329 23.08 8.44 -35.21
C TRP C 329 23.36 7.31 -34.26
N TYR C 330 22.65 7.31 -33.15
CA TYR C 330 22.79 6.30 -32.12
C TYR C 330 21.44 5.83 -31.63
N TYR C 331 21.44 4.63 -31.08
CA TYR C 331 20.30 4.02 -30.43
C TYR C 331 20.58 4.03 -28.94
N PHE C 332 19.64 4.56 -28.16
CA PHE C 332 19.72 4.62 -26.69
C PHE C 332 18.63 3.73 -26.12
N ASP C 333 19.02 2.56 -25.64
CA ASP C 333 18.12 1.57 -25.05
C ASP C 333 18.49 1.45 -23.58
N ASP C 334 17.90 2.33 -22.77
CA ASP C 334 18.21 2.52 -21.36
C ASP C 334 19.74 2.78 -21.24
N SER C 335 20.47 1.93 -20.53
CA SER C 335 21.91 2.08 -20.29
C SER C 335 22.78 1.84 -21.55
N ASN C 336 22.26 1.15 -22.57
CA ASN C 336 22.97 0.80 -23.79
C ASN C 336 22.88 1.84 -24.90
N VAL C 337 24.05 2.24 -25.40
CA VAL C 337 24.25 3.21 -26.49
C VAL C 337 25.04 2.51 -27.58
N SER C 338 24.44 2.39 -28.76
CA SER C 338 25.09 1.75 -29.89
C SER C 338 24.94 2.60 -31.15
N LEU C 339 25.95 2.54 -32.02
CA LEU C 339 25.97 3.26 -33.28
C LEU C 339 24.85 2.74 -34.17
N ALA C 340 24.06 3.66 -34.75
CA ALA C 340 22.95 3.34 -35.61
C ALA C 340 23.20 3.83 -37.05
N SER C 341 22.37 3.37 -37.98
CA SER C 341 22.33 3.79 -39.37
C SER C 341 20.94 4.36 -39.62
N GLU C 342 20.87 5.39 -40.47
CA GLU C 342 19.66 6.12 -40.84
C GLU C 342 18.54 5.22 -41.33
N ASP C 343 18.86 4.10 -41.99
CA ASP C 343 17.89 3.15 -42.57
C ASP C 343 17.12 2.36 -41.50
N GLN C 344 17.53 2.49 -40.24
CA GLN C 344 16.87 1.81 -39.11
C GLN C 344 15.84 2.69 -38.42
N ILE C 345 15.92 4.03 -38.57
CA ILE C 345 15.12 5.02 -37.83
C ILE C 345 13.61 4.98 -38.17
N VAL C 346 13.25 4.91 -39.45
CA VAL C 346 11.85 4.95 -39.83
C VAL C 346 11.22 3.56 -39.74
N THR C 347 10.49 3.32 -38.64
CA THR C 347 9.76 2.06 -38.38
C THR C 347 8.45 2.40 -37.70
N LYS C 348 7.61 1.39 -37.45
CA LYS C 348 6.33 1.53 -36.74
C LYS C 348 6.57 1.92 -35.26
N ALA C 349 7.81 1.74 -34.76
CA ALA C 349 8.20 2.06 -33.38
C ALA C 349 8.28 3.56 -33.12
N ALA C 350 8.51 4.37 -34.18
CA ALA C 350 8.59 5.83 -34.09
C ALA C 350 7.30 6.40 -33.49
N TYR C 351 7.44 7.12 -32.40
CA TYR C 351 6.28 7.64 -31.68
C TYR C 351 6.33 9.18 -31.57
N VAL C 352 7.46 9.74 -31.07
CA VAL C 352 7.67 11.17 -30.95
C VAL C 352 8.94 11.54 -31.74
N LEU C 353 8.78 12.46 -32.70
CA LEU C 353 9.87 12.95 -33.57
C LEU C 353 10.32 14.35 -33.16
N PHE C 354 11.64 14.56 -33.11
CA PHE C 354 12.22 15.88 -32.81
C PHE C 354 12.88 16.38 -34.07
N TYR C 355 12.45 17.58 -34.52
CA TYR C 355 12.97 18.21 -35.73
C TYR C 355 13.64 19.51 -35.37
N GLN C 356 14.81 19.78 -35.94
CA GLN C 356 15.52 21.04 -35.74
C GLN C 356 15.50 21.87 -37.04
N ARG C 357 15.09 23.13 -36.94
CA ARG C 357 15.01 24.07 -38.04
C ARG C 357 16.41 24.45 -38.54
N ARG C 358 16.59 24.44 -39.86
CA ARG C 358 17.83 24.84 -40.53
C ARG C 358 17.72 26.35 -40.72
N ASP C 359 18.52 27.14 -39.95
CA ASP C 359 18.44 28.61 -39.91
C ASP C 359 19.48 29.29 -40.78
N ILE D 4 -1.08 -16.61 -37.54
CA ILE D 4 0.14 -16.60 -36.72
C ILE D 4 0.64 -18.04 -36.55
N GLN D 5 1.99 -18.24 -36.61
CA GLN D 5 2.62 -19.55 -36.43
C GLN D 5 2.49 -19.99 -34.96
N PRO D 6 1.99 -21.22 -34.68
CA PRO D 6 1.84 -21.64 -33.26
C PRO D 6 3.20 -21.66 -32.53
N GLY D 7 3.18 -21.11 -31.32
CA GLY D 7 4.36 -21.01 -30.46
C GLY D 7 5.14 -19.72 -30.58
N LEU D 8 4.88 -18.92 -31.64
CA LEU D 8 5.53 -17.62 -31.85
C LEU D 8 4.64 -16.56 -31.23
N CYS D 9 4.54 -16.65 -29.90
CA CYS D 9 3.67 -15.82 -29.09
C CYS D 9 4.48 -15.12 -28.02
N GLY D 10 4.49 -13.78 -28.05
CA GLY D 10 5.15 -12.97 -27.05
C GLY D 10 4.32 -12.92 -25.78
N LEU D 11 4.94 -12.59 -24.66
CA LEU D 11 4.25 -12.49 -23.37
C LEU D 11 4.39 -11.07 -22.86
N GLY D 12 3.28 -10.40 -22.63
CA GLY D 12 3.33 -9.03 -22.15
C GLY D 12 3.96 -8.92 -20.77
N ASN D 13 4.69 -7.81 -20.54
CA ASN D 13 5.27 -7.56 -19.23
C ASN D 13 4.16 -6.94 -18.36
N LEU D 14 3.92 -7.51 -17.18
CA LEU D 14 2.86 -7.04 -16.29
C LEU D 14 3.45 -6.32 -15.06
N GLY D 15 4.64 -5.72 -15.21
CA GLY D 15 5.32 -5.00 -14.16
C GLY D 15 6.37 -5.86 -13.49
N ASN D 16 7.62 -5.74 -13.98
CA ASN D 16 8.80 -6.50 -13.51
C ASN D 16 8.62 -8.03 -13.69
N THR D 17 7.95 -8.46 -14.79
CA THR D 17 7.68 -9.88 -15.00
C THR D 17 8.55 -10.49 -16.14
N PHE D 19 11.46 -11.85 -15.87
CA PHE D 19 12.06 -13.05 -15.28
C PHE D 19 11.16 -14.25 -15.52
N MET D 20 9.85 -14.04 -15.36
CA MET D 20 8.78 -15.01 -15.53
C MET D 20 8.58 -15.35 -17.01
N ASN D 21 8.44 -14.31 -17.87
CA ASN D 21 8.27 -14.48 -19.32
C ASN D 21 9.40 -15.29 -19.95
N SER D 22 10.67 -15.04 -19.56
CA SER D 22 11.88 -15.71 -20.05
C SER D 22 11.81 -17.20 -19.76
N ALA D 23 11.54 -17.54 -18.49
CA ALA D 23 11.38 -18.92 -18.00
C ALA D 23 10.24 -19.61 -18.73
N LEU D 24 9.11 -18.90 -18.91
CA LEU D 24 7.92 -19.41 -19.60
C LEU D 24 8.18 -19.72 -21.08
N GLN D 25 9.02 -18.92 -21.77
CA GLN D 25 9.36 -19.15 -23.17
C GLN D 25 10.21 -20.41 -23.32
N CYS D 26 11.10 -20.66 -22.36
CA CYS D 26 11.94 -21.85 -22.33
C CYS D 26 11.08 -23.09 -22.14
N LEU D 27 10.17 -23.05 -21.17
CA LEU D 27 9.26 -24.16 -20.89
C LEU D 27 8.27 -24.40 -22.03
N SER D 28 7.79 -23.33 -22.67
CA SER D 28 6.87 -23.40 -23.81
C SER D 28 7.49 -24.17 -24.97
N ASN D 29 8.79 -23.97 -25.18
CA ASN D 29 9.55 -24.57 -26.28
C ASN D 29 10.23 -25.91 -25.88
N THR D 30 9.76 -26.50 -24.80
CA THR D 30 10.12 -27.84 -24.32
C THR D 30 8.98 -28.71 -24.82
N ALA D 31 9.15 -29.24 -26.05
CA ALA D 31 8.18 -30.03 -26.79
C ALA D 31 7.55 -31.18 -25.95
N PRO D 32 8.27 -32.04 -25.17
CA PRO D 32 7.56 -33.10 -24.41
C PRO D 32 6.57 -32.56 -23.39
N LEU D 33 6.84 -31.36 -22.82
CA LEU D 33 5.96 -30.72 -21.85
C LEU D 33 4.77 -30.04 -22.54
N THR D 34 4.99 -29.25 -23.62
CA THR D 34 3.91 -28.56 -24.35
C THR D 34 2.97 -29.60 -24.95
N ASP D 35 3.51 -30.66 -25.60
CA ASP D 35 2.71 -31.73 -26.21
C ASP D 35 1.79 -32.40 -25.20
N TYR D 36 2.28 -32.60 -23.97
CA TYR D 36 1.51 -33.20 -22.87
C TYR D 36 0.22 -32.39 -22.60
N PHE D 37 0.33 -31.03 -22.52
CA PHE D 37 -0.81 -30.14 -22.26
C PHE D 37 -1.71 -29.97 -23.46
N LEU D 38 -1.13 -29.89 -24.68
CA LEU D 38 -1.90 -29.75 -25.92
C LEU D 38 -2.69 -31.01 -26.25
N LYS D 39 -2.19 -32.22 -25.82
CA LYS D 39 -2.90 -33.49 -26.02
C LYS D 39 -4.19 -33.50 -25.19
N ASP D 40 -4.25 -32.63 -24.16
CA ASP D 40 -5.40 -32.33 -23.31
C ASP D 40 -6.08 -33.60 -22.73
N GLU D 41 -5.26 -34.48 -22.14
CA GLU D 41 -5.73 -35.72 -21.50
C GLU D 41 -5.17 -35.78 -20.07
N TYR D 42 -4.36 -34.76 -19.72
CA TYR D 42 -3.70 -34.52 -18.44
C TYR D 42 -4.70 -34.26 -17.28
N GLU D 43 -5.99 -33.99 -17.58
CA GLU D 43 -7.03 -33.67 -16.60
C GLU D 43 -7.19 -34.78 -15.54
N ALA D 44 -7.03 -36.04 -15.95
CA ALA D 44 -7.10 -37.19 -15.05
C ALA D 44 -5.91 -37.24 -14.07
N GLU D 45 -4.77 -36.56 -14.43
CA GLU D 45 -3.53 -36.55 -13.66
C GLU D 45 -3.41 -35.37 -12.69
N ILE D 46 -4.33 -34.36 -12.75
CA ILE D 46 -4.30 -33.21 -11.83
C ILE D 46 -4.54 -33.71 -10.40
N ASN D 47 -3.55 -33.49 -9.51
CA ASN D 47 -3.59 -33.89 -8.10
C ASN D 47 -3.97 -32.68 -7.22
N ARG D 48 -5.22 -32.66 -6.77
CA ARG D 48 -5.83 -31.55 -6.00
C ARG D 48 -5.69 -31.71 -4.49
N ASP D 49 -5.31 -32.91 -4.02
CA ASP D 49 -5.17 -33.21 -2.58
C ASP D 49 -3.72 -33.23 -2.10
N ASN D 50 -2.75 -33.20 -3.01
CA ASN D 50 -1.33 -33.25 -2.68
C ASN D 50 -0.92 -32.14 -1.66
N PRO D 51 -0.43 -32.54 -0.45
CA PRO D 51 -0.05 -31.54 0.56
C PRO D 51 1.14 -30.70 0.15
N LEU D 52 1.87 -31.13 -0.90
CA LEU D 52 3.05 -30.42 -1.39
C LEU D 52 2.76 -29.57 -2.64
N GLY D 53 1.54 -29.67 -3.17
CA GLY D 53 1.10 -28.98 -4.37
C GLY D 53 0.27 -27.74 -4.11
N MET D 54 -0.30 -27.18 -5.19
CA MET D 54 -1.13 -25.96 -5.11
C MET D 54 -2.55 -26.27 -5.59
N LYS D 55 -3.07 -27.45 -5.19
CA LYS D 55 -4.42 -27.95 -5.46
C LYS D 55 -4.71 -28.09 -6.98
N GLY D 56 -3.66 -28.26 -7.80
CA GLY D 56 -3.78 -28.40 -9.25
C GLY D 56 -3.86 -27.08 -9.99
N GLU D 57 -3.88 -25.97 -9.23
CA GLU D 57 -4.08 -24.62 -9.77
C GLU D 57 -2.88 -24.08 -10.56
N ILE D 58 -1.65 -24.46 -10.23
CA ILE D 58 -0.49 -23.98 -10.99
C ILE D 58 -0.43 -24.76 -12.32
N ALA D 59 -0.74 -26.06 -12.30
CA ALA D 59 -0.81 -26.90 -13.50
C ALA D 59 -1.90 -26.38 -14.45
N GLU D 60 -3.07 -26.00 -13.91
CA GLU D 60 -4.22 -25.52 -14.68
C GLU D 60 -3.96 -24.16 -15.29
N ALA D 61 -3.31 -23.25 -14.55
CA ALA D 61 -2.97 -21.92 -15.05
C ALA D 61 -1.89 -22.04 -16.16
N TYR D 62 -0.94 -22.96 -15.98
CA TYR D 62 0.10 -23.19 -16.97
C TYR D 62 -0.48 -23.85 -18.23
N ALA D 63 -1.36 -24.84 -18.09
CA ALA D 63 -2.05 -25.53 -19.20
C ALA D 63 -2.82 -24.55 -20.10
N GLU D 64 -3.60 -23.66 -19.46
CA GLU D 64 -4.41 -22.61 -20.08
C GLU D 64 -3.53 -21.66 -20.93
N LEU D 65 -2.40 -21.18 -20.37
CA LEU D 65 -1.44 -20.30 -21.02
C LEU D 65 -0.77 -20.97 -22.23
N ILE D 66 -0.32 -22.22 -22.07
CA ILE D 66 0.32 -22.96 -23.15
C ILE D 66 -0.60 -23.12 -24.31
N LYS D 67 -1.88 -23.44 -24.04
CA LYS D 67 -2.90 -23.61 -25.09
C LYS D 67 -3.08 -22.32 -25.86
N GLN D 68 -3.02 -21.15 -25.16
CA GLN D 68 -3.12 -19.82 -25.78
C GLN D 68 -1.90 -19.56 -26.68
N MET D 69 -0.70 -19.82 -26.15
CA MET D 69 0.58 -19.63 -26.81
C MET D 69 0.74 -20.50 -28.06
N TRP D 70 0.08 -21.67 -28.11
CA TRP D 70 0.21 -22.60 -29.23
C TRP D 70 -1.06 -22.76 -30.08
N SER D 71 -2.05 -21.86 -29.90
CA SER D 71 -3.30 -21.86 -30.66
C SER D 71 -3.13 -21.33 -32.11
N GLY D 72 -2.18 -20.42 -32.31
CA GLY D 72 -1.92 -19.76 -33.59
C GLY D 72 -2.84 -18.59 -33.84
N ARG D 73 -3.60 -18.19 -32.80
CA ARG D 73 -4.59 -17.10 -32.83
C ARG D 73 -4.01 -15.78 -32.37
N ASP D 74 -3.00 -15.79 -31.49
CA ASP D 74 -2.41 -14.58 -30.94
C ASP D 74 -0.90 -14.48 -31.16
N ALA D 75 -0.45 -13.25 -31.47
CA ALA D 75 0.95 -12.88 -31.64
C ALA D 75 1.60 -12.64 -30.28
N HIS D 76 0.76 -12.28 -29.29
CA HIS D 76 1.14 -12.01 -27.90
C HIS D 76 -0.05 -12.19 -26.97
N VAL D 77 0.24 -12.57 -25.73
CA VAL D 77 -0.74 -12.80 -24.66
C VAL D 77 -0.19 -12.11 -23.40
N ALA D 78 -1.08 -11.56 -22.57
CA ALA D 78 -0.73 -11.05 -21.25
C ALA D 78 -1.04 -12.22 -20.27
N PRO D 79 -0.02 -12.86 -19.67
CA PRO D 79 -0.30 -14.03 -18.80
C PRO D 79 -0.84 -13.63 -17.42
N ARG D 80 -2.00 -12.93 -17.38
CA ARG D 80 -2.58 -12.38 -16.16
C ARG D 80 -3.00 -13.43 -15.14
N MET D 81 -3.76 -14.47 -15.54
CA MET D 81 -4.19 -15.49 -14.60
C MET D 81 -2.98 -16.22 -13.99
N PHE D 82 -1.98 -16.56 -14.83
CA PHE D 82 -0.75 -17.24 -14.41
C PHE D 82 0.03 -16.40 -13.41
N LYS D 83 0.26 -15.10 -13.71
CA LYS D 83 0.97 -14.15 -12.86
C LYS D 83 0.31 -14.03 -11.50
N THR D 84 -1.03 -13.92 -11.48
CA THR D 84 -1.88 -13.81 -10.29
C THR D 84 -1.73 -15.06 -9.41
N GLN D 85 -1.82 -16.26 -10.01
CA GLN D 85 -1.72 -17.53 -9.30
C GLN D 85 -0.33 -17.72 -8.69
N VAL D 86 0.72 -17.35 -9.43
CA VAL D 86 2.11 -17.41 -8.97
C VAL D 86 2.27 -16.50 -7.73
N GLY D 87 1.85 -15.25 -7.84
CA GLY D 87 1.90 -14.26 -6.78
C GLY D 87 1.15 -14.62 -5.51
N ARG D 88 0.09 -15.40 -5.66
CA ARG D 88 -0.78 -15.87 -4.58
C ARG D 88 -0.10 -17.00 -3.80
N PHE D 89 0.52 -17.95 -4.50
CA PHE D 89 1.16 -19.11 -3.85
C PHE D 89 2.62 -18.82 -3.44
N ALA D 90 3.34 -18.02 -4.24
CA ALA D 90 4.73 -17.66 -4.00
C ALA D 90 4.86 -16.12 -4.08
N PRO D 91 4.51 -15.42 -2.97
CA PRO D 91 4.54 -13.93 -2.97
C PRO D 91 5.91 -13.30 -3.17
N GLN D 92 7.01 -14.06 -3.00
CA GLN D 92 8.36 -13.55 -3.23
C GLN D 92 8.54 -13.14 -4.71
N PHE D 93 7.76 -13.71 -5.63
CA PHE D 93 7.85 -13.38 -7.06
C PHE D 93 6.96 -12.17 -7.44
N SER D 94 6.30 -11.50 -6.47
CA SER D 94 5.41 -10.41 -6.87
C SER D 94 5.92 -9.01 -6.50
N GLY D 95 7.03 -8.89 -5.78
CA GLY D 95 7.55 -7.55 -5.55
C GLY D 95 8.14 -6.87 -6.80
N TYR D 96 8.66 -5.66 -6.62
CA TYR D 96 9.26 -4.95 -7.75
C TYR D 96 10.80 -4.97 -7.69
N GLN D 97 11.36 -5.84 -6.81
CA GLN D 97 12.81 -5.99 -6.62
C GLN D 97 13.38 -6.94 -7.67
N GLN D 98 14.74 -7.02 -7.78
CA GLN D 98 15.40 -7.93 -8.72
C GLN D 98 14.93 -9.36 -8.55
N GLN D 99 14.60 -10.00 -9.66
CA GLN D 99 14.14 -11.38 -9.69
C GLN D 99 15.11 -12.28 -10.45
N ASP D 100 14.83 -13.57 -10.45
CA ASP D 100 15.72 -14.56 -11.05
C ASP D 100 14.88 -15.58 -11.86
N SER D 101 15.12 -15.65 -13.19
CA SER D 101 14.42 -16.59 -14.06
C SER D 101 14.59 -18.06 -13.60
N GLN D 102 15.73 -18.39 -13.01
CA GLN D 102 16.00 -19.73 -12.53
C GLN D 102 15.22 -20.06 -11.25
N GLU D 103 15.05 -19.07 -10.36
CA GLU D 103 14.31 -19.22 -9.12
C GLU D 103 12.85 -19.50 -9.45
N LEU D 104 12.29 -18.78 -10.44
CA LEU D 104 10.94 -19.02 -10.87
C LEU D 104 10.80 -20.41 -11.53
N LEU D 105 11.77 -20.78 -12.37
CA LEU D 105 11.84 -22.07 -13.06
C LEU D 105 11.82 -23.24 -12.07
N ALA D 106 12.69 -23.20 -11.03
CA ALA D 106 12.77 -24.20 -9.96
C ALA D 106 11.41 -24.31 -9.23
N PHE D 107 10.76 -23.17 -8.93
CA PHE D 107 9.44 -23.13 -8.30
C PHE D 107 8.37 -23.83 -9.16
N LEU D 108 8.33 -23.47 -10.46
CA LEU D 108 7.41 -23.96 -11.46
C LEU D 108 7.60 -25.48 -11.74
N LEU D 109 8.84 -25.93 -11.89
CA LEU D 109 9.15 -27.35 -12.12
C LEU D 109 8.65 -28.20 -10.94
N ASP D 110 8.85 -27.72 -9.69
CA ASP D 110 8.40 -28.41 -8.50
C ASP D 110 6.86 -28.37 -8.38
N GLY D 111 6.25 -27.20 -8.60
CA GLY D 111 4.81 -26.97 -8.54
C GLY D 111 4.04 -27.78 -9.55
N LEU D 112 4.50 -27.79 -10.82
CA LEU D 112 3.90 -28.58 -11.89
C LEU D 112 3.99 -30.08 -11.58
N HIS D 113 5.13 -30.51 -11.02
CA HIS D 113 5.34 -31.89 -10.64
C HIS D 113 4.32 -32.32 -9.58
N GLU D 114 4.17 -31.55 -8.51
CA GLU D 114 3.26 -31.87 -7.42
C GLU D 114 1.80 -31.82 -7.84
N ASP D 115 1.42 -30.82 -8.69
CA ASP D 115 0.05 -30.64 -9.18
C ASP D 115 -0.34 -31.74 -10.18
N LEU D 116 0.66 -32.46 -10.74
CA LEU D 116 0.45 -33.54 -11.72
C LEU D 116 1.06 -34.89 -11.25
N ASN D 117 1.36 -35.02 -9.94
CA ASN D 117 1.95 -36.24 -9.36
C ASN D 117 0.90 -37.35 -9.30
N ARG D 118 1.19 -38.48 -9.97
CA ARG D 118 0.33 -39.68 -10.08
C ARG D 118 0.31 -40.47 -8.76
N VAL D 119 1.26 -40.20 -7.88
CA VAL D 119 1.31 -40.82 -6.56
C VAL D 119 0.36 -40.03 -5.70
N LYS D 120 -0.77 -40.66 -5.35
CA LYS D 120 -1.82 -40.04 -4.54
C LYS D 120 -1.47 -40.09 -3.05
N LYS D 121 -0.69 -41.07 -2.61
CA LYS D 121 -0.27 -41.19 -1.20
C LYS D 121 1.22 -41.54 -1.15
N LYS D 122 2.06 -40.57 -0.73
CA LYS D 122 3.50 -40.76 -0.67
C LYS D 122 3.92 -41.71 0.48
N PRO D 123 4.61 -42.83 0.15
CA PRO D 123 5.03 -43.76 1.20
C PRO D 123 6.45 -43.47 1.74
N TYR D 124 6.90 -44.29 2.72
CA TYR D 124 8.25 -44.28 3.35
C TYR D 124 8.34 -45.38 4.40
N ALA D 130 23.43 -49.17 -0.87
CA ALA D 130 23.53 -48.25 0.26
C ALA D 130 24.89 -48.38 0.93
N ASN D 131 25.44 -49.62 1.01
CA ASN D 131 26.72 -49.92 1.67
C ASN D 131 27.49 -51.09 0.95
N GLY D 132 28.55 -50.71 0.23
CA GLY D 132 29.42 -51.63 -0.49
C GLY D 132 28.82 -52.39 -1.65
N ARG D 133 27.53 -52.11 -1.96
CA ARG D 133 26.78 -52.76 -3.05
C ARG D 133 27.14 -52.13 -4.41
N PRO D 134 26.95 -52.82 -5.55
CA PRO D 134 27.32 -52.20 -6.84
C PRO D 134 26.50 -50.95 -7.16
N ASP D 135 27.13 -49.96 -7.80
CA ASP D 135 26.53 -48.69 -8.20
C ASP D 135 25.24 -48.88 -8.99
N ALA D 136 25.22 -49.85 -9.91
CA ALA D 136 24.06 -50.16 -10.75
C ALA D 136 22.85 -50.60 -9.93
N VAL D 137 23.09 -51.37 -8.87
CA VAL D 137 22.07 -51.90 -7.96
C VAL D 137 21.49 -50.75 -7.11
N VAL D 138 22.36 -49.94 -6.50
CA VAL D 138 22.01 -48.81 -5.63
C VAL D 138 21.25 -47.72 -6.41
N ALA D 139 21.67 -47.44 -7.67
CA ALA D 139 21.09 -46.43 -8.57
C ALA D 139 19.69 -46.82 -9.03
N LYS D 140 19.48 -48.11 -9.33
CA LYS D 140 18.19 -48.66 -9.74
C LYS D 140 17.19 -48.56 -8.60
N GLU D 141 17.67 -48.85 -7.37
CA GLU D 141 16.91 -48.81 -6.13
C GLU D 141 16.46 -47.37 -5.81
N ALA D 142 17.42 -46.40 -5.82
CA ALA D 142 17.17 -44.98 -5.57
C ALA D 142 16.13 -44.40 -6.54
N TRP D 143 16.22 -44.76 -7.84
CA TRP D 143 15.30 -44.30 -8.89
C TRP D 143 13.89 -44.88 -8.70
N GLU D 144 13.78 -46.20 -8.39
CA GLU D 144 12.51 -46.89 -8.15
C GLU D 144 11.79 -46.29 -6.93
N ASN D 145 12.57 -45.97 -5.88
CA ASN D 145 12.10 -45.33 -4.65
C ASN D 145 11.63 -43.91 -4.94
N HIS D 146 12.33 -43.21 -5.87
CA HIS D 146 11.99 -41.86 -6.31
C HIS D 146 10.62 -41.85 -6.99
N ARG D 147 10.41 -42.77 -7.96
CA ARG D 147 9.15 -42.88 -8.71
C ARG D 147 8.00 -43.47 -7.86
N LEU D 148 8.29 -44.01 -6.65
CA LEU D 148 7.20 -44.48 -5.77
C LEU D 148 6.63 -43.30 -4.97
N ARG D 149 7.38 -42.18 -4.93
CA ARG D 149 6.97 -40.93 -4.29
C ARG D 149 6.63 -39.87 -5.33
N ASN D 150 7.33 -39.89 -6.49
CA ASN D 150 7.26 -38.88 -7.55
C ASN D 150 7.13 -39.44 -8.97
N ASP D 151 5.90 -39.45 -9.50
CA ASP D 151 5.58 -39.93 -10.86
C ASP D 151 4.67 -38.91 -11.54
N SER D 152 5.23 -38.17 -12.49
CA SER D 152 4.58 -37.13 -13.26
C SER D 152 5.30 -36.92 -14.59
N VAL D 153 4.73 -36.06 -15.43
CA VAL D 153 5.31 -35.63 -16.71
C VAL D 153 6.65 -34.86 -16.46
N ILE D 154 6.81 -34.22 -15.27
CA ILE D 154 8.02 -33.49 -14.89
C ILE D 154 9.17 -34.48 -14.65
N VAL D 155 8.90 -35.57 -13.91
CA VAL D 155 9.87 -36.66 -13.63
C VAL D 155 10.29 -37.34 -14.95
N ASP D 156 9.31 -37.57 -15.84
CA ASP D 156 9.51 -38.19 -17.15
C ASP D 156 10.34 -37.34 -18.12
N THR D 157 10.21 -36.01 -18.03
CA THR D 157 10.86 -35.05 -18.93
C THR D 157 12.20 -34.50 -18.41
N PHE D 158 12.29 -34.10 -17.15
CA PHE D 158 13.45 -33.37 -16.62
C PHE D 158 14.29 -34.07 -15.56
N HIS D 159 13.85 -35.20 -14.99
CA HIS D 159 14.60 -35.82 -13.89
C HIS D 159 15.69 -36.75 -14.32
N GLY D 160 16.85 -36.52 -13.71
CA GLY D 160 18.04 -37.34 -13.85
C GLY D 160 18.53 -37.80 -12.48
N LEU D 161 19.61 -38.58 -12.47
CA LEU D 161 20.21 -39.10 -11.25
C LEU D 161 21.66 -38.69 -11.16
N PHE D 162 22.09 -38.25 -9.99
CA PHE D 162 23.48 -37.90 -9.77
C PHE D 162 23.99 -38.63 -8.52
N LYS D 163 25.21 -39.19 -8.61
CA LYS D 163 25.87 -39.95 -7.55
C LYS D 163 26.67 -38.99 -6.67
N SER D 164 26.48 -39.05 -5.33
CA SER D 164 27.19 -38.21 -4.36
C SER D 164 28.01 -39.08 -3.43
N THR D 165 29.35 -38.91 -3.43
CA THR D 165 30.29 -39.68 -2.62
C THR D 165 30.93 -38.76 -1.59
N LEU D 166 30.73 -39.08 -0.31
CA LEU D 166 31.29 -38.32 0.80
C LEU D 166 32.19 -39.21 1.66
N VAL D 167 33.46 -38.79 1.81
CA VAL D 167 34.48 -39.52 2.57
C VAL D 167 34.80 -38.73 3.86
N CYS D 168 34.55 -39.39 5.01
CA CYS D 168 34.76 -38.88 6.38
C CYS D 168 36.26 -38.63 6.66
N PRO D 169 36.61 -37.45 7.23
CA PRO D 169 38.05 -37.16 7.47
C PRO D 169 38.67 -37.90 8.66
N GLU D 170 37.85 -38.37 9.63
CA GLU D 170 38.37 -39.05 10.82
C GLU D 170 38.37 -40.60 10.70
N CYS D 171 37.25 -41.23 10.23
CA CYS D 171 37.18 -42.69 10.14
C CYS D 171 37.38 -43.24 8.70
N ALA D 172 37.54 -42.35 7.69
CA ALA D 172 37.76 -42.67 6.26
C ALA D 172 36.60 -43.50 5.66
N VAL D 174 33.32 -44.13 3.58
CA VAL D 174 32.87 -43.82 2.22
C VAL D 174 31.34 -44.00 2.11
N SER D 175 30.60 -42.87 2.06
CA SER D 175 29.14 -42.85 1.94
C SER D 175 28.71 -42.48 0.51
N VAL D 176 28.12 -43.44 -0.22
CA VAL D 176 27.64 -43.26 -1.60
C VAL D 176 26.11 -43.23 -1.62
N THR D 177 25.56 -42.20 -2.26
CA THR D 177 24.13 -41.99 -2.43
C THR D 177 23.85 -41.55 -3.89
N PHE D 178 22.66 -41.90 -4.40
CA PHE D 178 22.17 -41.55 -5.73
C PHE D 178 20.93 -40.68 -5.52
N ASP D 179 21.00 -39.41 -5.93
CA ASP D 179 19.93 -38.44 -5.72
C ASP D 179 19.39 -37.88 -7.01
N PRO D 180 18.06 -37.63 -7.09
CA PRO D 180 17.50 -37.06 -8.32
C PRO D 180 17.75 -35.56 -8.44
N PHE D 181 17.64 -35.05 -9.67
CA PHE D 181 17.78 -33.64 -9.98
C PHE D 181 16.83 -33.30 -11.14
N CYS D 182 16.32 -32.05 -11.24
CA CYS D 182 15.53 -31.68 -12.41
C CYS D 182 16.26 -30.58 -13.21
N TYR D 183 17.40 -30.10 -12.69
CA TYR D 183 18.28 -29.15 -13.37
C TYR D 183 19.69 -29.25 -12.78
N LEU D 184 20.70 -28.76 -13.50
CA LEU D 184 22.08 -28.75 -13.02
C LEU D 184 22.53 -27.32 -12.81
N THR D 185 22.90 -26.96 -11.58
CA THR D 185 23.45 -25.65 -11.26
C THR D 185 24.95 -25.83 -11.35
N LEU D 186 25.55 -25.19 -12.35
CA LEU D 186 26.98 -25.31 -12.61
C LEU D 186 27.72 -24.11 -12.05
N PRO D 187 28.76 -24.34 -11.22
CA PRO D 187 29.56 -23.20 -10.76
C PRO D 187 30.49 -22.73 -11.88
N LEU D 188 30.72 -21.42 -11.98
CA LEU D 188 31.65 -20.91 -12.99
C LEU D 188 33.05 -20.84 -12.37
N PRO D 189 34.14 -21.10 -13.14
CA PRO D 189 35.49 -21.05 -12.55
C PRO D 189 35.83 -19.70 -11.95
N LEU D 190 36.74 -19.73 -10.96
CA LEU D 190 37.26 -18.58 -10.22
C LEU D 190 38.53 -18.04 -10.87
N THR D 209 37.17 -12.79 -19.95
CA THR D 209 37.28 -14.18 -19.49
C THR D 209 36.27 -15.10 -20.23
N THR D 210 36.78 -16.17 -20.91
CA THR D 210 35.96 -17.15 -21.62
C THR D 210 36.27 -18.58 -21.12
N VAL D 211 35.20 -19.30 -20.73
CA VAL D 211 35.27 -20.67 -20.25
C VAL D 211 34.35 -21.55 -21.11
N ALA D 212 34.64 -22.85 -21.17
CA ALA D 212 33.81 -23.81 -21.91
C ALA D 212 32.80 -24.44 -20.97
N LEU D 213 31.62 -24.82 -21.48
CA LEU D 213 30.58 -25.48 -20.69
C LEU D 213 31.14 -26.75 -20.02
N ARG D 214 31.99 -27.51 -20.74
CA ARG D 214 32.61 -28.75 -20.27
C ARG D 214 33.50 -28.50 -19.04
N ASP D 215 34.13 -27.30 -18.93
CA ASP D 215 34.94 -26.90 -17.78
C ASP D 215 34.05 -26.72 -16.55
N CYS D 216 32.87 -26.12 -16.73
CA CYS D 216 31.88 -25.94 -15.65
C CYS D 216 31.31 -27.30 -15.21
N ILE D 217 31.08 -28.24 -16.17
CA ILE D 217 30.57 -29.59 -15.87
C ILE D 217 31.63 -30.34 -15.06
N GLU D 218 32.90 -30.30 -15.52
CA GLU D 218 34.05 -30.92 -14.85
C GLU D 218 34.24 -30.37 -13.44
N LEU D 219 34.07 -29.04 -13.24
CA LEU D 219 34.13 -28.33 -11.96
C LEU D 219 33.06 -28.86 -11.02
N PHE D 220 31.84 -29.11 -11.54
CA PHE D 220 30.71 -29.62 -10.77
C PHE D 220 31.00 -31.05 -10.26
N THR D 221 31.72 -31.86 -11.08
CA THR D 221 32.01 -33.26 -10.75
C THR D 221 33.39 -33.45 -10.06
N THR D 222 34.17 -32.37 -9.84
CA THR D 222 35.46 -32.50 -9.15
C THR D 222 35.23 -32.52 -7.63
N MET D 223 36.01 -33.37 -6.93
CA MET D 223 35.92 -33.53 -5.48
C MET D 223 36.37 -32.24 -4.79
N GLU D 224 35.50 -31.70 -3.93
CA GLU D 224 35.72 -30.43 -3.24
C GLU D 224 35.35 -30.61 -1.76
N THR D 225 36.36 -30.43 -0.88
CA THR D 225 36.26 -30.57 0.59
C THR D 225 35.48 -29.38 1.19
N LEU D 226 34.56 -29.69 2.12
CA LEU D 226 33.73 -28.69 2.83
C LEU D 226 34.18 -28.55 4.28
N TRP D 232 28.77 -32.06 7.04
CA TRP D 232 28.05 -33.32 6.82
C TRP D 232 28.04 -34.16 8.10
N TYR D 233 26.85 -34.68 8.48
CA TYR D 233 26.67 -35.52 9.66
C TYR D 233 26.95 -36.98 9.31
N CYS D 234 28.18 -37.45 9.63
CA CYS D 234 28.61 -38.83 9.37
C CYS D 234 27.99 -39.78 10.42
N PRO D 235 27.55 -41.00 10.04
CA PRO D 235 26.94 -41.88 11.05
C PRO D 235 27.93 -42.78 11.81
N ASN D 236 29.02 -43.23 11.14
CA ASN D 236 30.02 -44.14 11.71
C ASN D 236 30.89 -43.47 12.78
N CYS D 237 31.29 -42.21 12.57
CA CYS D 237 32.13 -41.45 13.52
C CYS D 237 31.28 -40.53 14.41
N LYS D 238 30.20 -39.95 13.84
CA LYS D 238 29.24 -39.01 14.44
C LYS D 238 29.89 -37.62 14.69
N LYS D 239 31.16 -37.43 14.28
CA LYS D 239 31.87 -36.16 14.41
C LYS D 239 31.75 -35.38 13.10
N HIS D 240 30.69 -34.57 13.00
CA HIS D 240 30.36 -33.75 11.83
C HIS D 240 31.30 -32.55 11.73
N ALA D 243 34.84 -33.42 5.41
CA ALA D 243 34.23 -34.34 4.44
C ALA D 243 34.61 -33.96 3.00
N THR D 244 34.94 -34.99 2.16
CA THR D 244 35.34 -34.79 0.76
C THR D 244 34.23 -35.26 -0.21
N LYS D 245 33.25 -34.37 -0.44
CA LYS D 245 32.11 -34.57 -1.31
C LYS D 245 32.52 -34.60 -2.81
N LYS D 246 31.98 -35.58 -3.56
CA LYS D 246 32.19 -35.68 -4.99
C LYS D 246 30.88 -36.03 -5.70
N PHE D 247 30.51 -35.23 -6.73
CA PHE D 247 29.33 -35.49 -7.54
C PHE D 247 29.71 -36.20 -8.81
N ASP D 248 28.83 -37.06 -9.30
CA ASP D 248 29.00 -37.81 -10.53
C ASP D 248 27.66 -37.89 -11.22
N LEU D 249 27.64 -37.83 -12.56
CA LEU D 249 26.38 -37.90 -13.30
C LEU D 249 26.12 -39.36 -13.60
N TRP D 250 24.93 -39.88 -13.18
CA TRP D 250 24.62 -41.31 -13.38
C TRP D 250 23.70 -41.48 -14.59
N SER D 251 22.52 -40.84 -14.57
CA SER D 251 21.55 -40.91 -15.65
C SER D 251 21.04 -39.51 -15.91
N LEU D 252 20.82 -39.19 -17.18
CA LEU D 252 20.41 -37.86 -17.63
C LEU D 252 19.02 -37.85 -18.30
N PRO D 253 18.24 -36.76 -18.18
CA PRO D 253 16.89 -36.77 -18.72
C PRO D 253 16.76 -36.37 -20.20
N LYS D 254 15.51 -36.46 -20.73
CA LYS D 254 15.15 -36.04 -22.08
C LYS D 254 15.50 -34.57 -22.27
N ILE D 255 15.21 -33.74 -21.26
CA ILE D 255 15.43 -32.31 -21.26
C ILE D 255 16.38 -31.96 -20.10
N LEU D 256 17.60 -31.60 -20.45
CA LEU D 256 18.63 -31.20 -19.50
C LEU D 256 18.67 -29.68 -19.38
N VAL D 257 18.31 -29.19 -18.20
CA VAL D 257 18.30 -27.77 -17.86
C VAL D 257 19.61 -27.48 -17.16
N VAL D 258 20.41 -26.59 -17.76
CA VAL D 258 21.73 -26.21 -17.29
C VAL D 258 21.70 -24.74 -16.85
N HIS D 259 21.78 -24.55 -15.52
CA HIS D 259 21.79 -23.26 -14.87
C HIS D 259 23.22 -22.84 -14.61
N LEU D 260 23.64 -21.69 -15.19
CA LEU D 260 24.99 -21.12 -14.99
C LEU D 260 24.96 -20.19 -13.77
N LYS D 261 25.61 -20.57 -12.63
CA LYS D 261 25.60 -19.80 -11.37
C LYS D 261 26.28 -18.41 -11.47
N ARG D 262 25.60 -17.46 -12.14
CA ARG D 262 26.11 -16.10 -12.37
C ARG D 262 25.89 -15.13 -11.16
N PHE D 263 24.79 -15.34 -10.42
CA PHE D 263 24.49 -14.43 -9.33
C PHE D 263 25.05 -14.84 -7.98
N SER D 264 25.58 -13.86 -7.23
CA SER D 264 26.05 -13.98 -5.85
C SER D 264 25.39 -12.85 -5.08
N TYR D 265 25.19 -13.06 -3.79
CA TYR D 265 24.41 -12.19 -2.96
C TYR D 265 25.25 -11.61 -1.84
N ASN D 266 25.61 -10.33 -2.00
CA ASN D 266 26.36 -9.55 -1.02
C ASN D 266 25.38 -8.96 -0.04
N ARG D 267 25.88 -8.43 1.07
CA ARG D 267 25.00 -7.88 2.11
C ARG D 267 23.97 -6.87 1.57
N TYR D 268 24.43 -5.89 0.77
CA TYR D 268 23.55 -4.80 0.31
C TYR D 268 23.23 -4.83 -1.19
N TRP D 269 23.76 -5.79 -1.94
CA TRP D 269 23.50 -5.85 -3.40
C TRP D 269 23.88 -7.19 -3.96
N ARG D 270 23.32 -7.52 -5.13
CA ARG D 270 23.56 -8.75 -5.83
C ARG D 270 24.59 -8.57 -6.93
N ASP D 271 25.63 -9.40 -6.89
CA ASP D 271 26.69 -9.36 -7.88
C ASP D 271 26.37 -10.36 -9.01
N LYS D 272 26.99 -10.11 -10.17
CA LYS D 272 26.78 -10.97 -11.31
C LYS D 272 28.12 -11.25 -12.00
N LEU D 273 28.39 -12.52 -12.31
CA LEU D 273 29.51 -12.97 -13.13
C LEU D 273 29.14 -12.78 -14.59
N ASP D 274 29.91 -11.98 -15.32
CA ASP D 274 29.71 -11.66 -16.73
C ASP D 274 30.58 -12.54 -17.67
N THR D 275 31.20 -13.61 -17.15
CA THR D 275 32.04 -14.54 -17.92
C THR D 275 31.27 -15.14 -19.12
N VAL D 276 31.92 -15.17 -20.29
CA VAL D 276 31.39 -15.79 -21.50
C VAL D 276 31.60 -17.29 -21.33
N VAL D 277 30.50 -18.04 -21.27
CA VAL D 277 30.55 -19.51 -21.20
C VAL D 277 30.20 -19.99 -22.62
N GLU D 278 31.14 -20.70 -23.23
CA GLU D 278 30.98 -21.27 -24.56
C GLU D 278 30.24 -22.58 -24.44
N PHE D 279 29.10 -22.69 -25.12
CA PHE D 279 28.30 -23.90 -25.08
C PHE D 279 27.89 -24.31 -26.52
N PRO D 280 27.82 -25.62 -26.83
CA PRO D 280 27.38 -26.04 -28.18
C PRO D 280 25.88 -25.79 -28.45
N ILE D 281 25.55 -25.46 -29.70
CA ILE D 281 24.18 -25.28 -30.18
C ILE D 281 23.67 -26.71 -30.54
N ARG D 282 24.58 -27.54 -31.10
CA ARG D 282 24.34 -28.91 -31.52
C ARG D 282 25.44 -29.83 -31.04
N GLY D 283 25.05 -31.08 -30.75
CA GLY D 283 25.95 -32.17 -30.40
C GLY D 283 26.72 -32.09 -29.10
N LEU D 284 26.06 -31.70 -28.02
CA LEU D 284 26.68 -31.68 -26.69
C LEU D 284 26.79 -33.13 -26.22
N ASN D 285 28.01 -33.65 -26.13
CA ASN D 285 28.22 -35.03 -25.72
C ASN D 285 28.43 -35.09 -24.22
N MET D 286 27.34 -35.40 -23.50
CA MET D 286 27.30 -35.57 -22.06
C MET D 286 27.84 -36.97 -21.64
N SER D 287 28.04 -37.95 -22.58
CA SER D 287 28.54 -39.33 -22.31
C SER D 287 29.90 -39.30 -21.64
N GLU D 288 30.62 -38.20 -21.95
CA GLU D 288 31.95 -37.82 -21.50
C GLU D 288 32.03 -37.63 -19.96
N PHE D 289 30.91 -37.24 -19.33
CA PHE D 289 30.77 -36.90 -17.91
C PHE D 289 29.93 -37.90 -17.11
N VAL D 290 29.39 -38.92 -17.79
CA VAL D 290 28.51 -39.96 -17.19
C VAL D 290 29.41 -41.09 -16.70
N CYS D 291 29.37 -41.35 -15.38
CA CYS D 291 30.20 -42.39 -14.78
C CYS D 291 29.61 -43.81 -15.02
N ASN D 292 28.34 -43.94 -15.47
CA ASN D 292 27.80 -45.26 -15.82
C ASN D 292 28.30 -45.60 -17.24
N LEU D 293 29.26 -46.53 -17.32
CA LEU D 293 29.88 -46.92 -18.60
C LEU D 293 28.97 -47.84 -19.45
N SER D 294 27.92 -48.43 -18.83
CA SER D 294 26.93 -49.29 -19.50
C SER D 294 25.71 -48.48 -19.95
N ALA D 295 25.69 -47.18 -19.64
CA ALA D 295 24.62 -46.24 -20.00
C ALA D 295 24.53 -46.02 -21.52
N ARG D 296 23.35 -45.59 -21.97
CA ARG D 296 23.03 -45.23 -23.35
C ARG D 296 23.81 -43.95 -23.74
N PRO D 297 24.15 -43.70 -25.03
CA PRO D 297 24.87 -42.44 -25.35
C PRO D 297 24.01 -41.22 -25.05
N TYR D 298 24.64 -40.13 -24.60
CA TYR D 298 23.91 -38.93 -24.26
C TYR D 298 24.37 -37.75 -25.10
N VAL D 299 23.69 -37.51 -26.23
CA VAL D 299 23.99 -36.39 -27.12
C VAL D 299 22.79 -35.44 -27.06
N TYR D 300 23.06 -34.15 -26.80
CA TYR D 300 22.05 -33.09 -26.67
C TYR D 300 22.16 -32.00 -27.74
N ASP D 301 21.03 -31.40 -28.05
CA ASP D 301 20.94 -30.22 -28.93
C ASP D 301 20.17 -29.15 -28.18
N LEU D 302 20.66 -27.89 -28.27
CA LEU D 302 20.07 -26.73 -27.62
C LEU D 302 18.69 -26.43 -28.19
N ILE D 303 17.71 -26.14 -27.31
CA ILE D 303 16.33 -25.80 -27.73
C ILE D 303 15.89 -24.43 -27.22
N ALA D 304 16.51 -23.93 -26.14
CA ALA D 304 16.16 -22.64 -25.52
C ALA D 304 17.27 -22.13 -24.62
N VAL D 305 17.32 -20.80 -24.45
CA VAL D 305 18.26 -20.10 -23.57
C VAL D 305 17.48 -18.95 -22.88
N SER D 306 17.60 -18.86 -21.54
CA SER D 306 17.13 -17.75 -20.75
C SER D 306 18.29 -16.77 -20.65
N ASN D 307 18.11 -15.55 -21.18
CA ASN D 307 19.13 -14.48 -21.20
C ASN D 307 18.87 -13.46 -20.12
N HIS D 308 19.96 -12.85 -19.64
CA HIS D 308 19.94 -11.79 -18.64
C HIS D 308 20.95 -10.70 -19.01
N TYR D 309 20.49 -9.44 -18.90
CA TYR D 309 21.24 -8.22 -19.18
C TYR D 309 21.06 -7.28 -18.00
N GLY D 310 22.00 -6.38 -17.78
CA GLY D 310 21.90 -5.36 -16.75
C GLY D 310 23.02 -5.33 -15.73
N ALA D 311 23.74 -6.48 -15.58
CA ALA D 311 24.85 -6.72 -14.64
C ALA D 311 24.43 -6.51 -13.15
N MET D 312 24.88 -5.41 -12.53
CA MET D 312 24.63 -5.08 -11.13
C MET D 312 23.48 -4.03 -10.96
N GLY D 313 22.95 -3.54 -12.09
CA GLY D 313 21.81 -2.61 -12.16
C GLY D 313 20.46 -3.33 -12.08
N VAL D 314 19.33 -2.65 -12.44
CA VAL D 314 17.98 -3.25 -12.36
C VAL D 314 17.93 -4.64 -13.09
N GLY D 315 18.28 -4.67 -14.36
CA GLY D 315 18.32 -5.92 -15.11
C GLY D 315 17.07 -6.29 -15.86
N HIS D 316 17.25 -7.11 -16.93
CA HIS D 316 16.19 -7.55 -17.85
C HIS D 316 16.49 -8.98 -18.41
N TYR D 317 15.42 -9.79 -18.51
CA TYR D 317 15.46 -11.14 -19.03
C TYR D 317 14.72 -11.28 -20.37
N THR D 318 15.29 -12.10 -21.26
CA THR D 318 14.74 -12.46 -22.56
C THR D 318 14.97 -13.95 -22.78
N ALA D 319 14.58 -14.45 -23.97
CA ALA D 319 14.83 -15.84 -24.33
C ALA D 319 15.10 -16.02 -25.80
N TYR D 320 15.94 -17.03 -26.11
CA TYR D 320 16.16 -17.63 -27.41
C TYR D 320 15.44 -18.95 -27.34
N ALA D 321 14.73 -19.31 -28.40
CA ALA D 321 14.07 -20.60 -28.45
C ALA D 321 13.95 -21.03 -29.89
N LYS D 322 14.14 -22.35 -30.12
CA LYS D 322 14.03 -23.00 -31.42
C LYS D 322 12.60 -23.49 -31.55
N ASN D 323 11.88 -23.01 -32.60
CA ASN D 323 10.49 -23.43 -32.80
C ASN D 323 10.47 -24.88 -33.30
N LYS D 324 9.75 -25.77 -32.57
CA LYS D 324 9.68 -27.21 -32.86
C LYS D 324 9.05 -27.51 -34.22
N LEU D 325 8.15 -26.63 -34.73
CA LEU D 325 7.46 -26.84 -36.00
C LEU D 325 8.28 -26.39 -37.24
N ASN D 326 9.09 -25.31 -37.16
CA ASN D 326 9.83 -24.86 -38.35
C ASN D 326 11.38 -24.95 -38.21
N GLY D 327 11.87 -25.30 -37.01
CA GLY D 327 13.30 -25.43 -36.73
C GLY D 327 14.12 -24.15 -36.71
N LYS D 328 13.46 -22.97 -36.72
CA LYS D 328 14.15 -21.67 -36.69
C LYS D 328 14.27 -21.13 -35.28
N TRP D 329 15.31 -20.30 -35.05
CA TRP D 329 15.59 -19.63 -33.77
C TRP D 329 14.88 -18.29 -33.72
N TYR D 330 14.27 -18.02 -32.56
CA TYR D 330 13.57 -16.77 -32.32
C TYR D 330 14.02 -16.18 -31.03
N TYR D 331 13.95 -14.84 -30.97
CA TYR D 331 14.26 -14.03 -29.82
C TYR D 331 12.95 -13.50 -29.24
N PHE D 332 12.69 -13.83 -27.97
CA PHE D 332 11.46 -13.45 -27.25
C PHE D 332 11.83 -12.46 -26.20
N ASP D 333 11.45 -11.20 -26.42
CA ASP D 333 11.71 -10.07 -25.52
C ASP D 333 10.38 -9.56 -25.07
N ASP D 334 9.87 -10.14 -23.97
CA ASP D 334 8.54 -9.90 -23.45
C ASP D 334 7.53 -10.13 -24.63
N SER D 335 6.73 -9.11 -25.04
CA SER D 335 5.68 -9.17 -26.09
C SER D 335 6.23 -9.33 -27.53
N ASN D 336 7.52 -8.95 -27.73
CA ASN D 336 8.19 -8.97 -29.02
C ASN D 336 8.87 -10.31 -29.35
N VAL D 337 8.54 -10.86 -30.53
CA VAL D 337 9.07 -12.10 -31.09
C VAL D 337 9.73 -11.76 -32.44
N SER D 338 11.02 -11.98 -32.55
CA SER D 338 11.71 -11.70 -33.81
C SER D 338 12.63 -12.86 -34.18
N LEU D 339 12.82 -13.06 -35.49
CA LEU D 339 13.67 -14.10 -36.04
C LEU D 339 15.10 -13.85 -35.60
N ALA D 340 15.77 -14.91 -35.12
CA ALA D 340 17.16 -14.84 -34.66
C ALA D 340 18.06 -15.73 -35.53
N SER D 341 19.37 -15.55 -35.37
CA SER D 341 20.42 -16.35 -36.01
C SER D 341 21.24 -17.01 -34.90
N GLU D 342 21.74 -18.24 -35.16
CA GLU D 342 22.52 -19.02 -34.20
C GLU D 342 23.74 -18.28 -33.62
N ASP D 343 24.33 -17.37 -34.42
CA ASP D 343 25.55 -16.63 -34.05
C ASP D 343 25.33 -15.60 -32.94
N GLN D 344 24.07 -15.36 -32.55
CA GLN D 344 23.72 -14.40 -31.48
C GLN D 344 23.56 -15.04 -30.10
N ILE D 345 23.32 -16.37 -30.08
CA ILE D 345 22.94 -17.12 -28.90
C ILE D 345 24.08 -17.27 -27.85
N VAL D 346 25.31 -17.60 -28.28
CA VAL D 346 26.40 -17.76 -27.33
C VAL D 346 27.02 -16.40 -27.02
N THR D 347 26.64 -15.81 -25.89
CA THR D 347 27.16 -14.56 -25.36
C THR D 347 27.18 -14.64 -23.84
N LYS D 348 27.68 -13.58 -23.18
CA LYS D 348 27.71 -13.46 -21.72
C LYS D 348 26.28 -13.40 -21.12
N ALA D 349 25.26 -13.12 -21.97
CA ALA D 349 23.85 -13.01 -21.59
C ALA D 349 23.22 -14.37 -21.26
N ALA D 350 23.79 -15.46 -21.80
CA ALA D 350 23.27 -16.81 -21.55
C ALA D 350 23.32 -17.13 -20.07
N TYR D 351 22.14 -17.43 -19.48
CA TYR D 351 22.05 -17.70 -18.05
C TYR D 351 21.56 -19.16 -17.79
N VAL D 352 20.45 -19.58 -18.41
CA VAL D 352 19.89 -20.93 -18.27
C VAL D 352 19.77 -21.55 -19.68
N LEU D 353 20.38 -22.72 -19.88
CA LEU D 353 20.39 -23.47 -21.15
C LEU D 353 19.47 -24.68 -21.06
N PHE D 354 18.67 -24.87 -22.13
CA PHE D 354 17.74 -26.02 -22.27
C PHE D 354 18.24 -26.88 -23.39
N TYR D 355 18.54 -28.15 -23.08
CA TYR D 355 19.05 -29.12 -24.04
C TYR D 355 18.10 -30.31 -24.18
N GLN D 356 17.88 -30.76 -25.42
CA GLN D 356 17.04 -31.92 -25.68
C GLN D 356 17.91 -33.11 -26.16
N ARG D 357 17.68 -34.28 -25.54
CA ARG D 357 18.38 -35.52 -25.81
C ARG D 357 17.98 -36.12 -27.15
N ARG D 358 18.98 -36.63 -27.89
CA ARG D 358 18.78 -37.34 -29.15
C ARG D 358 18.39 -38.78 -28.84
N ASP D 359 17.16 -39.20 -29.25
CA ASP D 359 16.62 -40.54 -28.96
C ASP D 359 16.35 -41.39 -30.24
N ASP D 360 17.30 -42.25 -30.64
CA ASP D 360 17.14 -43.14 -31.83
C ASP D 360 17.29 -44.62 -31.37
N GLU D 361 16.17 -45.19 -30.85
CA GLU D 361 16.08 -46.56 -30.32
C GLU D 361 17.17 -46.80 -29.23
N PHE D 362 17.12 -46.02 -28.12
CA PHE D 362 18.07 -46.11 -27.01
C PHE D 362 17.37 -46.49 -25.69
N ILE E 4 -33.01 -3.93 25.82
CA ILE E 4 -32.21 -5.06 25.32
C ILE E 4 -31.67 -5.85 26.53
N GLN E 5 -31.75 -7.19 26.47
CA GLN E 5 -31.23 -8.09 27.51
C GLN E 5 -29.67 -8.03 27.52
N PRO E 6 -29.03 -7.85 28.71
CA PRO E 6 -27.55 -7.74 28.74
C PRO E 6 -26.87 -8.99 28.22
N GLY E 7 -25.85 -8.79 27.37
CA GLY E 7 -25.09 -9.87 26.77
C GLY E 7 -25.55 -10.25 25.39
N LEU E 8 -26.80 -9.88 25.03
CA LEU E 8 -27.38 -10.17 23.72
C LEU E 8 -27.04 -9.03 22.77
N CYS E 9 -25.74 -8.89 22.55
CA CYS E 9 -25.13 -7.84 21.77
C CYS E 9 -24.27 -8.41 20.66
N GLY E 10 -24.65 -8.11 19.42
CA GLY E 10 -23.89 -8.54 18.26
C GLY E 10 -22.68 -7.66 18.07
N LEU E 11 -21.73 -8.11 17.26
CA LEU E 11 -20.53 -7.35 16.96
C LEU E 11 -20.48 -7.12 15.47
N GLY E 12 -20.40 -5.86 15.06
CA GLY E 12 -20.32 -5.55 13.63
C GLY E 12 -19.06 -6.10 12.98
N ASN E 13 -19.20 -6.52 11.71
CA ASN E 13 -18.05 -7.02 10.95
C ASN E 13 -17.32 -5.78 10.41
N LEU E 14 -16.01 -5.68 10.65
CA LEU E 14 -15.23 -4.53 10.22
C LEU E 14 -14.31 -4.88 9.03
N GLY E 15 -14.76 -5.81 8.21
CA GLY E 15 -14.01 -6.29 7.05
C GLY E 15 -13.17 -7.50 7.38
N ASN E 16 -13.74 -8.69 7.16
CA ASN E 16 -13.16 -10.02 7.46
C ASN E 16 -12.80 -10.19 8.97
N THR E 17 -13.65 -9.71 9.88
CA THR E 17 -13.35 -9.82 11.31
C THR E 17 -14.29 -10.78 12.05
N PHE E 19 -13.98 -13.94 12.53
CA PHE E 19 -13.13 -14.84 13.31
C PHE E 19 -12.94 -14.28 14.72
N MET E 20 -12.72 -12.95 14.81
CA MET E 20 -12.53 -12.19 16.04
C MET E 20 -13.85 -12.15 16.82
N ASN E 21 -14.98 -11.78 16.17
CA ASN E 21 -16.31 -11.73 16.80
C ASN E 21 -16.73 -13.10 17.37
N SER E 22 -16.50 -14.19 16.63
CA SER E 22 -16.80 -15.54 17.09
C SER E 22 -16.04 -15.82 18.42
N ALA E 23 -14.70 -15.56 18.42
CA ALA E 23 -13.83 -15.70 19.59
C ALA E 23 -14.30 -14.80 20.75
N LEU E 24 -14.60 -13.54 20.45
CA LEU E 24 -15.09 -12.58 21.44
C LEU E 24 -16.46 -12.99 22.04
N GLN E 25 -17.36 -13.62 21.26
CA GLN E 25 -18.67 -14.07 21.78
C GLN E 25 -18.54 -15.24 22.74
N CYS E 26 -17.56 -16.12 22.52
CA CYS E 26 -17.31 -17.26 23.39
C CYS E 26 -16.74 -16.74 24.72
N LEU E 27 -15.81 -15.79 24.65
CA LEU E 27 -15.23 -15.18 25.86
C LEU E 27 -16.24 -14.29 26.57
N SER E 28 -17.12 -13.62 25.81
CA SER E 28 -18.14 -12.76 26.42
C SER E 28 -19.08 -13.61 27.27
N ASN E 29 -19.30 -14.87 26.84
CA ASN E 29 -20.24 -15.75 27.51
C ASN E 29 -19.54 -16.77 28.41
N THR E 30 -18.33 -16.39 28.89
CA THR E 30 -17.55 -17.08 29.91
C THR E 30 -17.78 -16.20 31.14
N ALA E 31 -18.81 -16.55 31.92
CA ALA E 31 -19.28 -15.82 33.11
C ALA E 31 -18.15 -15.44 34.11
N PRO E 32 -17.21 -16.33 34.53
CA PRO E 32 -16.15 -15.89 35.48
C PRO E 32 -15.30 -14.75 34.95
N LEU E 33 -15.08 -14.69 33.63
CA LEU E 33 -14.29 -13.65 32.98
C LEU E 33 -15.11 -12.37 32.83
N THR E 34 -16.36 -12.45 32.35
CA THR E 34 -17.21 -11.26 32.21
C THR E 34 -17.47 -10.61 33.59
N ASP E 35 -17.84 -11.42 34.58
CA ASP E 35 -18.11 -10.93 35.93
C ASP E 35 -16.92 -10.17 36.51
N TYR E 36 -15.69 -10.67 36.24
CA TYR E 36 -14.46 -10.03 36.68
C TYR E 36 -14.36 -8.57 36.14
N PHE E 37 -14.66 -8.34 34.85
CA PHE E 37 -14.61 -7.00 34.24
C PHE E 37 -15.80 -6.12 34.66
N LEU E 38 -17.02 -6.69 34.77
CA LEU E 38 -18.20 -5.94 35.19
C LEU E 38 -18.11 -5.52 36.67
N LYS E 39 -17.40 -6.32 37.50
CA LYS E 39 -17.14 -6.06 38.93
C LYS E 39 -16.38 -4.74 39.05
N ASP E 40 -15.59 -4.40 38.01
CA ASP E 40 -14.84 -3.16 37.79
C ASP E 40 -13.91 -2.85 38.96
N GLU E 41 -13.11 -3.84 39.39
CA GLU E 41 -12.13 -3.64 40.46
C GLU E 41 -10.77 -4.15 39.98
N TYR E 42 -10.76 -4.68 38.72
CA TYR E 42 -9.62 -5.22 37.96
C TYR E 42 -8.54 -4.16 37.66
N GLU E 43 -8.86 -2.84 37.82
CA GLU E 43 -7.96 -1.73 37.52
C GLU E 43 -6.64 -1.83 38.30
N ALA E 44 -6.71 -2.32 39.55
CA ALA E 44 -5.53 -2.50 40.39
C ALA E 44 -4.62 -3.63 39.88
N GLU E 45 -5.19 -4.56 39.06
CA GLU E 45 -4.48 -5.73 38.53
C GLU E 45 -3.88 -5.53 37.12
N ILE E 46 -4.18 -4.40 36.44
CA ILE E 46 -3.62 -4.10 35.12
C ILE E 46 -2.09 -3.93 35.26
N ASN E 47 -1.32 -4.77 34.54
CA ASN E 47 0.14 -4.79 34.54
C ASN E 47 0.67 -4.09 33.28
N ARG E 48 1.15 -2.84 33.45
CA ARG E 48 1.62 -1.98 32.36
C ARG E 48 3.10 -2.12 32.07
N ASP E 49 3.88 -2.76 32.94
CA ASP E 49 5.34 -2.91 32.78
C ASP E 49 5.75 -4.31 32.32
N ASN E 50 4.80 -5.27 32.29
CA ASN E 50 5.08 -6.66 31.94
C ASN E 50 5.77 -6.79 30.56
N PRO E 51 7.01 -7.36 30.51
CA PRO E 51 7.71 -7.48 29.20
C PRO E 51 7.02 -8.44 28.23
N LEU E 52 6.07 -9.23 28.72
CA LEU E 52 5.35 -10.21 27.90
C LEU E 52 3.94 -9.73 27.54
N GLY E 53 3.52 -8.59 28.09
CA GLY E 53 2.22 -8.01 27.87
C GLY E 53 2.16 -6.88 26.87
N MET E 54 1.00 -6.21 26.78
CA MET E 54 0.77 -5.13 25.83
C MET E 54 0.47 -3.84 26.56
N LYS E 55 1.22 -3.61 27.66
CA LYS E 55 1.15 -2.43 28.54
C LYS E 55 -0.25 -2.24 29.15
N GLY E 56 -1.01 -3.33 29.32
CA GLY E 56 -2.36 -3.31 29.86
C GLY E 56 -3.45 -2.95 28.88
N GLU E 57 -3.05 -2.57 27.64
CA GLU E 57 -3.91 -2.05 26.59
C GLU E 57 -4.89 -3.09 25.99
N ILE E 58 -4.53 -4.38 25.94
CA ILE E 58 -5.46 -5.39 25.42
C ILE E 58 -6.52 -5.67 26.49
N ALA E 59 -6.12 -5.65 27.78
CA ALA E 59 -7.07 -5.84 28.89
C ALA E 59 -8.04 -4.68 28.97
N GLU E 60 -7.56 -3.45 28.73
CA GLU E 60 -8.37 -2.23 28.78
C GLU E 60 -9.37 -2.17 27.63
N ALA E 61 -8.94 -2.53 26.40
CA ALA E 61 -9.80 -2.55 25.21
C ALA E 61 -10.84 -3.63 25.35
N TYR E 62 -10.48 -4.78 25.93
CA TYR E 62 -11.39 -5.89 26.18
C TYR E 62 -12.44 -5.52 27.25
N ALA E 63 -12.02 -5.01 28.41
CA ALA E 63 -12.90 -4.56 29.51
C ALA E 63 -13.96 -3.56 29.03
N GLU E 64 -13.55 -2.57 28.22
CA GLU E 64 -14.38 -1.52 27.64
C GLU E 64 -15.48 -2.14 26.75
N LEU E 65 -15.09 -3.06 25.85
CA LEU E 65 -15.97 -3.76 24.93
C LEU E 65 -16.98 -4.64 25.68
N ILE E 66 -16.51 -5.42 26.69
CA ILE E 66 -17.37 -6.29 27.48
C ILE E 66 -18.43 -5.47 28.23
N LYS E 67 -18.04 -4.30 28.77
CA LYS E 67 -18.99 -3.41 29.46
C LYS E 67 -20.09 -2.94 28.49
N GLN E 68 -19.72 -2.65 27.22
CA GLN E 68 -20.66 -2.26 26.16
C GLN E 68 -21.62 -3.41 25.81
N MET E 69 -21.07 -4.64 25.69
CA MET E 69 -21.81 -5.85 25.34
C MET E 69 -22.77 -6.28 26.45
N TRP E 70 -22.49 -5.95 27.74
CA TRP E 70 -23.36 -6.34 28.86
C TRP E 70 -24.07 -5.14 29.52
N SER E 71 -24.17 -3.98 28.82
CA SER E 71 -24.84 -2.77 29.33
C SER E 71 -26.37 -2.85 29.21
N GLY E 72 -26.84 -3.55 28.19
CA GLY E 72 -28.27 -3.69 27.88
C GLY E 72 -28.82 -2.53 27.08
N ARG E 73 -27.91 -1.64 26.62
CA ARG E 73 -28.24 -0.43 25.87
C ARG E 73 -28.18 -0.62 24.36
N ASP E 74 -27.35 -1.54 23.88
CA ASP E 74 -27.16 -1.78 22.45
C ASP E 74 -27.41 -3.22 22.04
N ALA E 75 -28.01 -3.38 20.87
CA ALA E 75 -28.30 -4.64 20.23
C ALA E 75 -27.04 -5.14 19.52
N HIS E 76 -26.16 -4.21 19.16
CA HIS E 76 -24.87 -4.45 18.47
C HIS E 76 -23.94 -3.29 18.66
N VAL E 77 -22.62 -3.58 18.65
CA VAL E 77 -21.55 -2.58 18.74
C VAL E 77 -20.49 -2.94 17.69
N ALA E 78 -19.80 -1.91 17.16
CA ALA E 78 -18.69 -2.09 16.23
C ALA E 78 -17.41 -2.07 17.07
N PRO E 79 -16.70 -3.21 17.24
CA PRO E 79 -15.53 -3.22 18.14
C PRO E 79 -14.29 -2.58 17.51
N ARG E 80 -14.40 -1.28 17.15
CA ARG E 80 -13.35 -0.53 16.46
C ARG E 80 -12.08 -0.37 17.29
N MET E 81 -12.19 0.04 18.56
CA MET E 81 -11.03 0.23 19.43
C MET E 81 -10.29 -1.10 19.63
N PHE E 82 -11.03 -2.17 19.88
CA PHE E 82 -10.49 -3.51 20.08
C PHE E 82 -9.75 -3.99 18.82
N LYS E 83 -10.38 -3.91 17.64
CA LYS E 83 -9.81 -4.31 16.36
C LYS E 83 -8.51 -3.55 16.06
N THR E 84 -8.49 -2.23 16.34
CA THR E 84 -7.35 -1.33 16.17
C THR E 84 -6.19 -1.78 17.08
N GLN E 85 -6.47 -2.05 18.37
CA GLN E 85 -5.46 -2.46 19.35
C GLN E 85 -4.87 -3.83 18.98
N VAL E 86 -5.71 -4.77 18.54
CA VAL E 86 -5.29 -6.10 18.09
C VAL E 86 -4.36 -5.94 16.88
N GLY E 87 -4.79 -5.21 15.86
CA GLY E 87 -4.04 -4.95 14.64
C GLY E 87 -2.71 -4.27 14.84
N ARG E 88 -2.58 -3.51 15.92
CA ARG E 88 -1.40 -2.77 16.31
C ARG E 88 -0.36 -3.69 16.97
N PHE E 89 -0.79 -4.57 17.88
CA PHE E 89 0.10 -5.49 18.59
C PHE E 89 0.31 -6.82 17.86
N ALA E 90 -0.70 -7.30 17.12
CA ALA E 90 -0.63 -8.53 16.33
C ALA E 90 -1.13 -8.26 14.88
N PRO E 91 -0.25 -7.66 14.02
CA PRO E 91 -0.66 -7.32 12.64
C PRO E 91 -1.05 -8.52 11.75
N GLN E 92 -0.69 -9.75 12.12
CA GLN E 92 -1.06 -10.94 11.35
C GLN E 92 -2.61 -11.12 11.29
N PHE E 93 -3.34 -10.54 12.25
CA PHE E 93 -4.81 -10.62 12.30
C PHE E 93 -5.47 -9.56 11.39
N SER E 94 -4.66 -8.90 10.50
CA SER E 94 -5.13 -7.86 9.59
C SER E 94 -5.12 -8.33 8.13
N GLY E 95 -6.27 -8.17 7.47
CA GLY E 95 -6.46 -8.52 6.07
C GLY E 95 -7.73 -9.26 5.71
N TYR E 96 -7.84 -9.62 4.41
CA TYR E 96 -8.97 -10.31 3.79
C TYR E 96 -8.58 -11.73 3.35
N GLN E 97 -7.61 -12.35 4.06
CA GLN E 97 -7.19 -13.74 3.85
C GLN E 97 -7.96 -14.66 4.84
N GLN E 98 -7.89 -15.99 4.65
CA GLN E 98 -8.51 -16.95 5.56
C GLN E 98 -8.04 -16.73 7.00
N GLN E 99 -8.96 -16.69 7.93
CA GLN E 99 -8.58 -16.45 9.30
C GLN E 99 -8.93 -17.63 10.21
N ASP E 100 -8.35 -17.67 11.44
CA ASP E 100 -8.55 -18.78 12.40
C ASP E 100 -8.99 -18.24 13.79
N SER E 101 -10.24 -18.48 14.20
CA SER E 101 -10.80 -18.01 15.49
C SER E 101 -10.02 -18.55 16.74
N GLN E 102 -9.42 -19.75 16.64
CA GLN E 102 -8.58 -20.33 17.68
C GLN E 102 -7.25 -19.58 17.82
N GLU E 103 -6.67 -19.13 16.68
CA GLU E 103 -5.41 -18.39 16.68
C GLU E 103 -5.63 -17.04 17.40
N LEU E 104 -6.76 -16.37 17.12
CA LEU E 104 -7.08 -15.14 17.81
C LEU E 104 -7.33 -15.38 19.32
N LEU E 105 -8.05 -16.46 19.65
CA LEU E 105 -8.39 -16.87 21.01
C LEU E 105 -7.12 -17.10 21.85
N ALA E 106 -6.17 -17.90 21.34
CA ALA E 106 -4.87 -18.17 21.96
C ALA E 106 -4.08 -16.86 22.20
N PHE E 107 -4.09 -15.95 21.22
CA PHE E 107 -3.46 -14.64 21.36
C PHE E 107 -4.08 -13.82 22.51
N LEU E 108 -5.40 -13.75 22.55
CA LEU E 108 -6.21 -13.00 23.51
C LEU E 108 -6.10 -13.58 24.94
N LEU E 109 -6.17 -14.92 25.08
CA LEU E 109 -6.01 -15.57 26.38
C LEU E 109 -4.61 -15.27 26.98
N ASP E 110 -3.56 -15.28 26.14
CA ASP E 110 -2.20 -14.98 26.59
C ASP E 110 -2.03 -13.48 26.90
N GLY E 111 -2.57 -12.63 26.02
CA GLY E 111 -2.54 -11.18 26.16
C GLY E 111 -3.24 -10.67 27.39
N LEU E 112 -4.47 -11.18 27.64
CA LEU E 112 -5.24 -10.82 28.82
C LEU E 112 -4.52 -11.28 30.07
N HIS E 113 -3.93 -12.50 30.04
CA HIS E 113 -3.17 -13.02 31.17
C HIS E 113 -1.98 -12.12 31.55
N GLU E 114 -1.19 -11.73 30.57
CA GLU E 114 -0.02 -10.91 30.83
C GLU E 114 -0.39 -9.48 31.26
N ASP E 115 -1.45 -8.91 30.65
CA ASP E 115 -1.92 -7.56 30.97
C ASP E 115 -2.57 -7.51 32.34
N LEU E 116 -2.95 -8.67 32.90
CA LEU E 116 -3.59 -8.77 34.21
C LEU E 116 -2.80 -9.66 35.19
N ASN E 117 -1.49 -9.90 34.89
CA ASN E 117 -0.62 -10.74 35.71
C ASN E 117 -0.23 -10.02 37.02
N ARG E 118 -0.60 -10.63 38.14
CA ARG E 118 -0.35 -10.13 39.49
C ARG E 118 1.15 -10.24 39.88
N VAL E 119 1.89 -11.09 39.17
CA VAL E 119 3.34 -11.26 39.37
C VAL E 119 4.03 -10.12 38.63
N LYS E 120 4.53 -9.14 39.40
CA LYS E 120 5.19 -7.95 38.85
C LYS E 120 6.64 -8.24 38.44
N LYS E 121 7.31 -9.20 39.09
CA LYS E 121 8.67 -9.62 38.79
C LYS E 121 8.74 -11.14 38.73
N LYS E 122 8.83 -11.70 37.50
CA LYS E 122 8.87 -13.15 37.28
C LYS E 122 10.22 -13.74 37.74
N PRO E 123 10.19 -14.71 38.68
CA PRO E 123 11.45 -15.34 39.14
C PRO E 123 11.89 -16.55 38.29
N TYR E 124 13.16 -16.98 38.46
CA TYR E 124 13.75 -18.10 37.72
C TYR E 124 14.34 -19.15 38.67
N GLY E 132 12.01 -39.51 41.83
CA GLY E 132 11.30 -40.58 42.53
C GLY E 132 10.30 -40.13 43.58
N ARG E 133 9.78 -38.90 43.43
CA ARG E 133 8.81 -38.33 44.37
C ARG E 133 7.37 -38.68 43.88
N PRO E 134 6.36 -38.76 44.79
CA PRO E 134 4.98 -39.06 44.32
C PRO E 134 4.41 -38.00 43.38
N ASP E 135 3.55 -38.42 42.44
CA ASP E 135 2.90 -37.57 41.44
C ASP E 135 2.17 -36.39 42.09
N ALA E 136 1.47 -36.63 43.22
CA ALA E 136 0.72 -35.60 43.94
C ALA E 136 1.63 -34.46 44.44
N VAL E 137 2.84 -34.83 44.90
CA VAL E 137 3.85 -33.91 45.44
C VAL E 137 4.45 -33.07 44.26
N VAL E 138 4.84 -33.74 43.16
CA VAL E 138 5.45 -33.12 41.99
C VAL E 138 4.44 -32.18 41.27
N ALA E 139 3.15 -32.59 41.16
CA ALA E 139 2.10 -31.79 40.53
C ALA E 139 1.81 -30.50 41.33
N LYS E 140 1.74 -30.60 42.69
CA LYS E 140 1.52 -29.46 43.61
C LYS E 140 2.65 -28.43 43.47
N GLU E 141 3.89 -28.93 43.35
CA GLU E 141 5.10 -28.15 43.17
C GLU E 141 5.06 -27.41 41.82
N ALA E 142 4.74 -28.13 40.73
CA ALA E 142 4.64 -27.61 39.36
C ALA E 142 3.60 -26.49 39.26
N TRP E 143 2.44 -26.66 39.93
CA TRP E 143 1.35 -25.69 39.95
C TRP E 143 1.74 -24.43 40.72
N GLU E 144 2.38 -24.60 41.90
CA GLU E 144 2.82 -23.49 42.74
C GLU E 144 3.90 -22.68 42.03
N ASN E 145 4.84 -23.36 41.32
CA ASN E 145 5.91 -22.70 40.55
C ASN E 145 5.34 -21.94 39.36
N HIS E 146 4.29 -22.48 38.73
CA HIS E 146 3.56 -21.86 37.62
C HIS E 146 2.90 -20.57 38.11
N ARG E 147 2.24 -20.60 39.30
CA ARG E 147 1.56 -19.43 39.88
C ARG E 147 2.56 -18.39 40.45
N LEU E 148 3.84 -18.77 40.66
CA LEU E 148 4.88 -17.82 41.12
C LEU E 148 5.34 -16.95 39.95
N ARG E 149 5.05 -17.38 38.71
CA ARG E 149 5.33 -16.67 37.47
C ARG E 149 4.05 -16.10 36.84
N ASN E 150 2.93 -16.84 36.96
CA ASN E 150 1.66 -16.54 36.32
C ASN E 150 0.48 -16.58 37.30
N ASP E 151 -0.06 -15.40 37.65
CA ASP E 151 -1.18 -15.27 38.58
C ASP E 151 -2.11 -14.20 38.06
N SER E 152 -3.25 -14.61 37.51
CA SER E 152 -4.25 -13.72 36.96
C SER E 152 -5.60 -14.41 36.87
N VAL E 153 -6.66 -13.64 36.54
CA VAL E 153 -8.01 -14.14 36.34
C VAL E 153 -8.03 -15.25 35.23
N ILE E 154 -7.10 -15.23 34.25
CA ILE E 154 -7.01 -16.23 33.17
C ILE E 154 -6.47 -17.56 33.75
N VAL E 155 -5.49 -17.50 34.66
CA VAL E 155 -4.96 -18.68 35.35
C VAL E 155 -6.09 -19.30 36.19
N ASP E 156 -6.81 -18.46 36.94
CA ASP E 156 -7.90 -18.88 37.82
C ASP E 156 -9.09 -19.49 37.07
N THR E 157 -9.37 -19.05 35.83
CA THR E 157 -10.53 -19.49 35.06
C THR E 157 -10.23 -20.65 34.10
N PHE E 158 -9.11 -20.57 33.33
CA PHE E 158 -8.82 -21.47 32.22
C PHE E 158 -7.63 -22.44 32.38
N HIS E 159 -6.78 -22.26 33.41
CA HIS E 159 -5.58 -23.10 33.48
C HIS E 159 -5.79 -24.41 34.19
N GLY E 160 -5.33 -25.43 33.47
CA GLY E 160 -5.28 -26.82 33.90
C GLY E 160 -3.84 -27.30 33.94
N LEU E 161 -3.66 -28.56 34.30
CA LEU E 161 -2.35 -29.21 34.40
C LEU E 161 -2.41 -30.59 33.76
N PHE E 162 -1.42 -30.88 32.93
CA PHE E 162 -1.33 -32.19 32.31
C PHE E 162 0.04 -32.82 32.64
N LYS E 163 0.05 -34.16 32.72
CA LYS E 163 1.20 -34.99 33.03
C LYS E 163 1.86 -35.44 31.74
N SER E 164 3.17 -35.33 31.71
CA SER E 164 3.97 -35.80 30.58
C SER E 164 4.89 -36.92 31.13
N THR E 165 4.73 -38.14 30.61
CA THR E 165 5.52 -39.31 31.01
C THR E 165 6.40 -39.69 29.83
N LEU E 166 7.73 -39.59 30.01
CA LEU E 166 8.73 -39.94 28.98
C LEU E 166 9.55 -41.14 29.47
N VAL E 167 9.51 -42.24 28.69
CA VAL E 167 10.21 -43.49 29.03
C VAL E 167 11.40 -43.69 28.06
N CYS E 168 12.63 -43.59 28.60
CA CYS E 168 13.89 -43.74 27.84
C CYS E 168 14.18 -45.22 27.50
N PRO E 169 14.49 -45.54 26.22
CA PRO E 169 14.87 -46.92 25.88
C PRO E 169 16.34 -47.18 26.25
N GLU E 170 16.73 -48.46 26.39
CA GLU E 170 18.08 -48.90 26.77
C GLU E 170 18.34 -48.63 28.27
N CYS E 171 17.86 -47.47 28.78
CA CYS E 171 18.00 -47.03 30.17
C CYS E 171 16.75 -47.40 31.00
N ALA E 172 15.54 -47.34 30.36
CA ALA E 172 14.21 -47.63 30.92
C ALA E 172 13.75 -46.58 31.96
N LYS E 173 14.44 -45.42 32.02
CA LYS E 173 14.14 -44.32 32.94
C LYS E 173 12.82 -43.63 32.58
N VAL E 174 11.94 -43.50 33.58
CA VAL E 174 10.63 -42.87 33.49
C VAL E 174 10.75 -41.44 34.03
N SER E 175 10.66 -40.44 33.13
CA SER E 175 10.73 -39.01 33.47
C SER E 175 9.32 -38.37 33.45
N VAL E 176 8.85 -37.93 34.62
CA VAL E 176 7.51 -37.33 34.78
C VAL E 176 7.63 -35.81 34.99
N THR E 177 6.84 -35.04 34.22
CA THR E 177 6.73 -33.59 34.35
C THR E 177 5.24 -33.20 34.33
N PHE E 178 4.91 -32.10 35.01
CA PHE E 178 3.56 -31.55 35.06
C PHE E 178 3.59 -30.17 34.43
N ASP E 179 2.81 -29.98 33.38
CA ASP E 179 2.82 -28.72 32.64
C ASP E 179 1.44 -28.09 32.54
N PRO E 180 1.35 -26.74 32.64
CA PRO E 180 0.04 -26.09 32.54
C PRO E 180 -0.46 -25.94 31.09
N PHE E 181 -1.77 -25.67 30.96
CA PHE E 181 -2.45 -25.43 29.70
C PHE E 181 -3.60 -24.43 29.91
N CYS E 182 -4.05 -23.68 28.85
CA CYS E 182 -5.26 -22.85 29.00
C CYS E 182 -6.33 -23.31 28.01
N TYR E 183 -6.00 -24.25 27.12
CA TYR E 183 -6.92 -24.89 26.19
C TYR E 183 -6.36 -26.25 25.78
N LEU E 184 -7.22 -27.13 25.23
CA LEU E 184 -6.80 -28.44 24.74
C LEU E 184 -6.97 -28.49 23.23
N THR E 185 -5.88 -28.75 22.50
CA THR E 185 -5.96 -28.94 21.05
C THR E 185 -6.09 -30.45 20.87
N LEU E 186 -7.25 -30.88 20.35
CA LEU E 186 -7.53 -32.29 20.17
C LEU E 186 -7.40 -32.68 18.71
N PRO E 187 -6.62 -33.75 18.44
CA PRO E 187 -6.54 -34.23 17.04
C PRO E 187 -7.78 -35.03 16.68
N LEU E 188 -8.24 -34.94 15.44
CA LEU E 188 -9.38 -35.72 15.00
C LEU E 188 -8.89 -37.03 14.38
N PRO E 189 -9.63 -38.17 14.52
CA PRO E 189 -9.15 -39.43 13.93
C PRO E 189 -9.01 -39.39 12.41
N LEU E 190 -8.29 -40.40 11.83
CA LEU E 190 -8.05 -40.61 10.39
C LEU E 190 -7.36 -39.40 9.76
N THR E 210 -18.71 -39.78 11.49
CA THR E 210 -19.06 -39.16 12.77
C THR E 210 -18.25 -39.82 13.92
N VAL E 211 -17.55 -38.97 14.68
CA VAL E 211 -16.70 -39.38 15.80
C VAL E 211 -17.21 -38.73 17.09
N ALA E 212 -16.90 -39.33 18.25
CA ALA E 212 -17.27 -38.78 19.55
C ALA E 212 -16.13 -37.92 20.09
N LEU E 213 -16.46 -36.90 20.88
CA LEU E 213 -15.45 -36.04 21.52
C LEU E 213 -14.46 -36.88 22.38
N ARG E 214 -14.97 -37.89 23.08
CA ARG E 214 -14.19 -38.79 23.93
C ARG E 214 -13.10 -39.57 23.13
N ASP E 215 -13.37 -39.85 21.83
CA ASP E 215 -12.43 -40.49 20.93
C ASP E 215 -11.24 -39.55 20.65
N CYS E 216 -11.52 -38.23 20.48
CA CYS E 216 -10.52 -37.17 20.25
C CYS E 216 -9.69 -36.93 21.51
N ILE E 217 -10.31 -37.09 22.73
CA ILE E 217 -9.62 -36.94 24.01
C ILE E 217 -8.68 -38.13 24.20
N GLU E 218 -9.17 -39.35 23.90
CA GLU E 218 -8.41 -40.60 24.01
C GLU E 218 -7.20 -40.58 23.09
N LEU E 219 -7.37 -40.04 21.87
CA LEU E 219 -6.31 -39.88 20.87
C LEU E 219 -5.21 -38.92 21.37
N PHE E 220 -5.61 -37.85 22.09
CA PHE E 220 -4.68 -36.88 22.69
C PHE E 220 -3.83 -37.53 23.82
N THR E 221 -4.44 -38.46 24.59
CA THR E 221 -3.79 -39.10 25.72
C THR E 221 -3.11 -40.43 25.33
N THR E 222 -3.17 -40.87 24.05
CA THR E 222 -2.50 -42.11 23.63
C THR E 222 -1.01 -41.82 23.42
N MET E 223 -0.17 -42.79 23.87
CA MET E 223 1.29 -42.76 23.82
C MET E 223 1.80 -42.70 22.38
N GLU E 224 2.78 -41.80 22.13
CA GLU E 224 3.43 -41.57 20.83
C GLU E 224 4.96 -41.53 20.99
N GLN E 241 16.21 -37.49 24.65
CA GLN E 241 16.55 -38.10 23.35
C GLN E 241 15.32 -38.83 22.75
N GLN E 242 15.55 -39.94 21.98
CA GLN E 242 14.50 -40.76 21.37
C GLN E 242 13.80 -41.54 22.49
N ALA E 243 12.50 -41.23 22.76
CA ALA E 243 11.70 -41.83 23.83
C ALA E 243 10.19 -41.79 23.53
N THR E 244 9.39 -42.57 24.28
CA THR E 244 7.94 -42.58 24.16
C THR E 244 7.38 -41.43 25.02
N LYS E 245 6.33 -40.74 24.54
CA LYS E 245 5.71 -39.62 25.23
C LYS E 245 4.21 -39.87 25.38
N LYS E 246 3.67 -39.74 26.61
CA LYS E 246 2.26 -39.93 26.84
C LYS E 246 1.69 -38.78 27.65
N PHE E 247 0.63 -38.11 27.13
CA PHE E 247 -0.08 -37.06 27.87
C PHE E 247 -1.15 -37.66 28.71
N ASP E 248 -1.34 -37.09 29.89
CA ASP E 248 -2.38 -37.46 30.81
C ASP E 248 -2.93 -36.20 31.45
N LEU E 249 -4.23 -36.15 31.71
CA LEU E 249 -4.83 -34.96 32.32
C LEU E 249 -4.74 -35.09 33.84
N TRP E 250 -4.17 -34.10 34.53
CA TRP E 250 -4.00 -34.16 35.99
C TRP E 250 -5.10 -33.37 36.70
N SER E 251 -5.20 -32.05 36.38
CA SER E 251 -6.20 -31.17 36.95
C SER E 251 -6.81 -30.34 35.86
N LEU E 252 -8.12 -30.10 35.94
CA LEU E 252 -8.87 -29.39 34.90
C LEU E 252 -9.48 -28.09 35.44
N PRO E 253 -9.58 -27.03 34.58
CA PRO E 253 -10.07 -25.74 35.06
C PRO E 253 -11.59 -25.56 35.11
N LYS E 254 -12.02 -24.38 35.64
CA LYS E 254 -13.41 -23.95 35.71
C LYS E 254 -14.00 -23.90 34.29
N ILE E 255 -13.22 -23.38 33.34
CA ILE E 255 -13.61 -23.22 31.94
C ILE E 255 -12.64 -24.01 31.07
N LEU E 256 -13.14 -25.13 30.50
CA LEU E 256 -12.36 -25.98 29.62
C LEU E 256 -12.60 -25.58 28.14
N VAL E 257 -11.57 -25.10 27.48
CA VAL E 257 -11.61 -24.72 26.06
C VAL E 257 -11.06 -25.89 25.25
N VAL E 258 -11.90 -26.47 24.37
CA VAL E 258 -11.59 -27.63 23.55
C VAL E 258 -11.53 -27.22 22.08
N HIS E 259 -10.31 -27.16 21.55
CA HIS E 259 -10.03 -26.83 20.17
C HIS E 259 -9.95 -28.12 19.31
N LEU E 260 -10.88 -28.26 18.34
CA LEU E 260 -10.93 -29.41 17.43
C LEU E 260 -9.99 -29.11 16.26
N LYS E 261 -8.84 -29.81 16.17
CA LYS E 261 -7.85 -29.51 15.13
C LYS E 261 -8.37 -29.91 13.72
N ARG E 262 -9.22 -29.06 13.14
CA ARG E 262 -9.82 -29.26 11.80
C ARG E 262 -8.89 -28.81 10.67
N PHE E 263 -8.07 -27.76 10.91
CA PHE E 263 -7.19 -27.19 9.90
C PHE E 263 -5.78 -27.79 9.89
N SER E 264 -5.25 -27.95 8.66
CA SER E 264 -3.89 -28.43 8.35
C SER E 264 -3.27 -27.39 7.46
N TYR E 265 -2.25 -26.70 7.98
CA TYR E 265 -1.60 -25.66 7.22
C TYR E 265 -0.47 -26.26 6.39
N ASN E 266 -0.77 -26.53 5.11
CA ASN E 266 0.19 -27.07 4.15
C ASN E 266 0.99 -25.92 3.57
N ARG E 267 2.09 -26.21 2.89
CA ARG E 267 2.98 -25.21 2.30
C ARG E 267 2.23 -24.13 1.51
N TYR E 268 1.32 -24.53 0.59
CA TYR E 268 0.64 -23.58 -0.27
C TYR E 268 -0.88 -23.44 -0.03
N TRP E 269 -1.46 -24.21 0.88
CA TRP E 269 -2.91 -24.13 1.14
C TRP E 269 -3.29 -24.72 2.48
N ARG E 270 -4.48 -24.36 2.98
CA ARG E 270 -5.00 -24.85 4.25
C ARG E 270 -6.04 -25.94 4.00
N ASP E 271 -5.87 -27.11 4.63
CA ASP E 271 -6.85 -28.18 4.52
C ASP E 271 -7.85 -28.10 5.68
N LYS E 272 -9.06 -28.65 5.50
CA LYS E 272 -10.05 -28.67 6.59
C LYS E 272 -10.74 -30.02 6.67
N LEU E 273 -10.78 -30.59 7.87
CA LEU E 273 -11.52 -31.80 8.21
C LEU E 273 -12.96 -31.43 8.51
N ASP E 274 -13.91 -31.98 7.74
CA ASP E 274 -15.34 -31.71 7.86
C ASP E 274 -16.09 -32.73 8.73
N THR E 275 -15.33 -33.59 9.47
CA THR E 275 -15.89 -34.65 10.32
C THR E 275 -16.84 -34.06 11.39
N VAL E 276 -18.01 -34.72 11.56
CA VAL E 276 -18.97 -34.38 12.59
C VAL E 276 -18.43 -34.97 13.88
N VAL E 277 -18.12 -34.12 14.84
CA VAL E 277 -17.64 -34.52 16.16
C VAL E 277 -18.84 -34.34 17.08
N GLU E 278 -19.30 -35.45 17.67
CA GLU E 278 -20.41 -35.47 18.61
C GLU E 278 -19.88 -35.09 19.97
N PHE E 279 -20.41 -34.01 20.53
CA PHE E 279 -19.99 -33.53 21.83
C PHE E 279 -21.23 -33.26 22.69
N PRO E 280 -21.19 -33.57 24.01
CA PRO E 280 -22.38 -33.32 24.84
C PRO E 280 -22.66 -31.84 25.09
N ILE E 281 -23.94 -31.49 25.22
CA ILE E 281 -24.38 -30.13 25.55
C ILE E 281 -24.34 -30.01 27.08
N ARG E 282 -24.74 -31.11 27.75
CA ARG E 282 -24.77 -31.24 29.21
C ARG E 282 -24.11 -32.53 29.66
N GLY E 283 -23.47 -32.48 30.81
CA GLY E 283 -22.87 -33.63 31.47
C GLY E 283 -21.66 -34.28 30.85
N LEU E 284 -20.69 -33.48 30.37
CA LEU E 284 -19.46 -34.05 29.82
C LEU E 284 -18.62 -34.57 30.98
N ASN E 285 -18.47 -35.90 31.09
CA ASN E 285 -17.69 -36.47 32.19
C ASN E 285 -16.23 -36.63 31.78
N MET E 286 -15.40 -35.73 32.29
CA MET E 286 -13.97 -35.68 32.03
C MET E 286 -13.18 -36.58 32.99
N SER E 287 -13.82 -37.03 34.07
CA SER E 287 -13.22 -37.88 35.12
C SER E 287 -12.56 -39.16 34.62
N GLU E 288 -13.04 -39.74 33.51
CA GLU E 288 -12.45 -40.98 33.01
C GLU E 288 -11.09 -40.75 32.33
N PHE E 289 -10.77 -39.50 31.98
CA PHE E 289 -9.50 -39.16 31.33
C PHE E 289 -8.50 -38.56 32.32
N VAL E 290 -8.91 -38.37 33.60
CA VAL E 290 -8.08 -37.77 34.65
C VAL E 290 -7.32 -38.87 35.35
N CYS E 291 -5.97 -38.83 35.24
CA CYS E 291 -5.09 -39.84 35.84
C CYS E 291 -4.92 -39.67 37.34
N ASN E 292 -5.28 -38.53 37.93
CA ASN E 292 -5.23 -38.40 39.38
C ASN E 292 -6.48 -39.13 39.94
N LEU E 293 -6.26 -40.30 40.55
CA LEU E 293 -7.32 -41.15 41.06
C LEU E 293 -7.94 -40.62 42.36
N SER E 294 -7.24 -39.68 43.05
CA SER E 294 -7.70 -39.02 44.28
C SER E 294 -8.40 -37.68 43.95
N ALA E 295 -8.42 -37.30 42.66
CA ALA E 295 -9.04 -36.07 42.17
C ALA E 295 -10.55 -36.08 42.31
N ARG E 296 -11.10 -34.88 42.36
CA ARG E 296 -12.52 -34.56 42.40
C ARG E 296 -13.18 -34.94 41.07
N PRO E 297 -14.51 -35.29 41.06
CA PRO E 297 -15.19 -35.53 39.76
C PRO E 297 -15.19 -34.29 38.88
N TYR E 298 -15.08 -34.49 37.57
CA TYR E 298 -15.05 -33.40 36.61
C TYR E 298 -16.20 -33.51 35.61
N VAL E 299 -17.33 -32.84 35.91
CA VAL E 299 -18.48 -32.82 34.99
C VAL E 299 -18.64 -31.40 34.44
N TYR E 300 -18.73 -31.28 33.11
CA TYR E 300 -18.85 -29.99 32.42
C TYR E 300 -20.14 -29.88 31.65
N ASP E 301 -20.56 -28.63 31.41
CA ASP E 301 -21.71 -28.26 30.60
C ASP E 301 -21.25 -27.23 29.60
N LEU E 302 -21.70 -27.38 28.34
CA LEU E 302 -21.35 -26.47 27.26
C LEU E 302 -21.91 -25.06 27.50
N ILE E 303 -21.08 -24.03 27.21
CA ILE E 303 -21.53 -22.63 27.39
C ILE E 303 -21.41 -21.84 26.08
N ALA E 304 -20.54 -22.27 25.16
CA ALA E 304 -20.29 -21.59 23.89
C ALA E 304 -19.59 -22.49 22.88
N VAL E 305 -19.80 -22.20 21.58
CA VAL E 305 -19.18 -22.88 20.44
C VAL E 305 -18.80 -21.84 19.39
N SER E 306 -17.53 -21.89 18.92
CA SER E 306 -17.04 -21.13 17.77
C SER E 306 -17.25 -22.01 16.55
N ASN E 307 -18.08 -21.54 15.61
CA ASN E 307 -18.43 -22.25 14.35
C ASN E 307 -17.71 -21.69 13.15
N HIS E 308 -17.38 -22.57 12.17
CA HIS E 308 -16.76 -22.16 10.90
C HIS E 308 -17.53 -22.78 9.73
N TYR E 309 -17.77 -22.00 8.70
CA TYR E 309 -18.42 -22.38 7.45
C TYR E 309 -17.59 -21.89 6.28
N GLY E 310 -17.72 -22.55 5.15
CA GLY E 310 -17.00 -22.13 3.96
C GLY E 310 -15.94 -23.10 3.52
N ALA E 311 -16.33 -23.96 2.59
CA ALA E 311 -15.53 -25.01 1.97
C ALA E 311 -14.42 -24.40 1.13
N MET E 312 -14.73 -23.35 0.37
CA MET E 312 -13.79 -22.62 -0.48
C MET E 312 -13.86 -21.15 -0.10
N GLY E 313 -12.71 -20.48 -0.22
CA GLY E 313 -12.57 -19.06 0.08
C GLY E 313 -12.25 -18.74 1.53
N VAL E 314 -12.51 -17.49 1.89
CA VAL E 314 -12.24 -16.88 3.19
C VAL E 314 -13.08 -17.52 4.30
N GLY E 315 -14.31 -17.93 3.99
CA GLY E 315 -15.18 -18.55 4.97
C GLY E 315 -15.81 -17.59 5.95
N HIS E 316 -16.54 -18.15 6.94
CA HIS E 316 -17.25 -17.34 7.92
C HIS E 316 -17.33 -18.02 9.27
N TYR E 317 -17.13 -17.22 10.33
CA TYR E 317 -17.19 -17.66 11.71
C TYR E 317 -18.40 -17.09 12.41
N THR E 318 -19.07 -17.94 13.21
CA THR E 318 -20.19 -17.49 14.03
C THR E 318 -20.00 -18.10 15.42
N ALA E 319 -21.01 -17.97 16.27
CA ALA E 319 -20.97 -18.55 17.61
C ALA E 319 -22.35 -18.88 18.13
N TYR E 320 -22.41 -19.98 18.90
CA TYR E 320 -23.49 -20.37 19.79
C TYR E 320 -23.01 -20.02 21.17
N ALA E 321 -23.89 -19.46 21.99
CA ALA E 321 -23.56 -19.15 23.39
C ALA E 321 -24.80 -19.17 24.23
N LYS E 322 -24.65 -19.66 25.47
CA LYS E 322 -25.72 -19.74 26.47
C LYS E 322 -25.64 -18.47 27.34
N ASN E 323 -26.73 -17.68 27.37
CA ASN E 323 -26.76 -16.43 28.16
C ASN E 323 -26.86 -16.78 29.63
N LYS E 324 -25.90 -16.28 30.44
CA LYS E 324 -25.79 -16.60 31.88
C LYS E 324 -26.97 -16.10 32.71
N LEU E 325 -27.66 -15.02 32.24
CA LEU E 325 -28.77 -14.42 32.98
C LEU E 325 -30.13 -15.12 32.72
N ASN E 326 -30.39 -15.64 31.51
CA ASN E 326 -31.68 -16.30 31.25
C ASN E 326 -31.57 -17.84 30.91
N GLY E 327 -30.34 -18.35 30.77
CA GLY E 327 -30.07 -19.75 30.46
C GLY E 327 -30.44 -20.22 29.07
N LYS E 328 -30.76 -19.31 28.14
CA LYS E 328 -31.14 -19.66 26.75
C LYS E 328 -29.94 -19.61 25.81
N TRP E 329 -30.01 -20.38 24.71
CA TRP E 329 -28.99 -20.45 23.67
C TRP E 329 -29.28 -19.45 22.58
N TYR E 330 -28.22 -18.77 22.15
CA TYR E 330 -28.32 -17.77 21.10
C TYR E 330 -27.27 -18.04 20.05
N TYR E 331 -27.58 -17.61 18.84
CA TYR E 331 -26.70 -17.66 17.68
C TYR E 331 -26.24 -16.23 17.38
N PHE E 332 -24.94 -16.03 17.49
CA PHE E 332 -24.29 -14.74 17.25
C PHE E 332 -23.61 -14.79 15.88
N ASP E 333 -24.23 -14.11 14.88
CA ASP E 333 -23.71 -14.04 13.52
C ASP E 333 -23.36 -12.58 13.26
N ASP E 334 -22.12 -12.21 13.63
CA ASP E 334 -21.64 -10.83 13.59
C ASP E 334 -22.65 -9.93 14.36
N SER E 335 -23.27 -8.94 13.72
CA SER E 335 -24.20 -8.00 14.37
C SER E 335 -25.54 -8.63 14.77
N ASN E 336 -25.91 -9.78 14.14
CA ASN E 336 -27.19 -10.46 14.38
C ASN E 336 -27.16 -11.46 15.52
N VAL E 337 -28.10 -11.29 16.48
CA VAL E 337 -28.27 -12.18 17.64
C VAL E 337 -29.68 -12.74 17.58
N SER E 338 -29.79 -14.07 17.46
CA SER E 338 -31.10 -14.70 17.36
C SER E 338 -31.16 -15.91 18.29
N LEU E 339 -32.36 -16.16 18.81
CA LEU E 339 -32.62 -17.28 19.69
C LEU E 339 -32.36 -18.60 18.97
N ALA E 340 -31.62 -19.50 19.63
CA ALA E 340 -31.26 -20.80 19.09
C ALA E 340 -31.88 -21.92 19.92
N SER E 341 -31.79 -23.15 19.36
CA SER E 341 -32.21 -24.38 20.01
C SER E 341 -30.98 -25.29 20.04
N GLU E 342 -30.88 -26.09 21.12
CA GLU E 342 -29.81 -27.03 21.39
C GLU E 342 -29.55 -28.02 20.25
N ASP E 343 -30.61 -28.39 19.49
CA ASP E 343 -30.53 -29.35 18.37
C ASP E 343 -29.76 -28.82 17.17
N GLN E 344 -29.41 -27.52 17.18
CA GLN E 344 -28.68 -26.88 16.10
C GLN E 344 -27.16 -26.83 16.36
N ILE E 345 -26.74 -26.93 17.63
CA ILE E 345 -25.35 -26.74 18.08
C ILE E 345 -24.38 -27.82 17.54
N VAL E 346 -24.73 -29.11 17.62
CA VAL E 346 -23.81 -30.18 17.23
C VAL E 346 -23.89 -30.42 15.73
N THR E 347 -22.93 -29.87 14.98
CA THR E 347 -22.81 -30.02 13.52
C THR E 347 -21.30 -30.06 13.18
N LYS E 348 -20.97 -30.24 11.89
CA LYS E 348 -19.60 -30.22 11.39
C LYS E 348 -18.98 -28.82 11.54
N ALA E 349 -19.83 -27.78 11.75
CA ALA E 349 -19.41 -26.38 11.89
C ALA E 349 -18.69 -26.13 13.21
N ALA E 350 -18.94 -26.96 14.25
CA ALA E 350 -18.31 -26.82 15.57
C ALA E 350 -16.80 -26.92 15.46
N TYR E 351 -16.09 -25.87 15.90
CA TYR E 351 -14.65 -25.81 15.79
C TYR E 351 -13.97 -25.69 17.18
N VAL E 352 -14.42 -24.74 18.01
CA VAL E 352 -13.88 -24.54 19.37
C VAL E 352 -15.07 -24.60 20.36
N LEU E 353 -14.96 -25.50 21.34
CA LEU E 353 -15.97 -25.73 22.38
C LEU E 353 -15.54 -25.15 23.72
N PHE E 354 -16.47 -24.45 24.39
CA PHE E 354 -16.26 -23.87 25.73
C PHE E 354 -17.17 -24.61 26.71
N TYR E 355 -16.56 -25.19 27.74
CA TYR E 355 -17.26 -25.98 28.76
C TYR E 355 -17.04 -25.38 30.16
N GLN E 356 -18.10 -25.36 30.97
CA GLN E 356 -18.04 -24.85 32.34
C GLN E 356 -18.22 -26.00 33.34
N ARG E 357 -17.27 -26.14 34.27
CA ARG E 357 -17.27 -27.19 35.28
C ARG E 357 -18.36 -26.98 36.34
N ARG E 358 -19.01 -28.08 36.73
CA ARG E 358 -20.01 -28.11 37.77
C ARG E 358 -19.29 -28.07 39.11
N ASP E 359 -19.48 -26.98 39.85
CA ASP E 359 -18.88 -26.82 41.18
C ASP E 359 -20.00 -26.80 42.22
N ASP E 360 -21.13 -27.45 41.86
CA ASP E 360 -22.37 -27.59 42.63
C ASP E 360 -22.07 -28.26 44.04
N GLU E 361 -21.96 -29.61 44.06
CA GLU E 361 -21.64 -30.42 45.22
C GLU E 361 -20.14 -30.27 45.58
N PHE E 362 -19.82 -30.28 46.90
CA PHE E 362 -18.44 -30.17 47.38
C PHE E 362 -17.69 -31.46 47.08
N TYR E 363 -16.41 -31.34 46.70
CA TYR E 363 -15.63 -32.51 46.38
C TYR E 363 -14.40 -32.66 47.29
N LYS E 364 -13.40 -31.72 47.22
CA LYS E 364 -12.16 -31.77 48.02
C LYS E 364 -11.50 -30.38 48.13
N HIS F 3 -24.08 -37.34 -8.84
CA HIS F 3 -23.25 -36.13 -8.86
C HIS F 3 -24.01 -34.92 -8.25
N ILE F 4 -23.65 -33.69 -8.68
CA ILE F 4 -24.22 -32.41 -8.26
C ILE F 4 -25.18 -31.92 -9.36
N GLN F 5 -26.35 -31.34 -8.97
CA GLN F 5 -27.33 -30.80 -9.90
C GLN F 5 -26.76 -29.52 -10.56
N PRO F 6 -26.81 -29.39 -11.92
CA PRO F 6 -26.24 -28.18 -12.56
C PRO F 6 -26.92 -26.91 -12.11
N GLY F 7 -26.10 -25.91 -11.79
CA GLY F 7 -26.54 -24.61 -11.32
C GLY F 7 -26.57 -24.45 -9.81
N LEU F 8 -26.52 -25.57 -9.07
CA LEU F 8 -26.51 -25.56 -7.61
C LEU F 8 -25.04 -25.52 -7.18
N CYS F 9 -24.40 -24.41 -7.49
CA CYS F 9 -22.99 -24.16 -7.28
C CYS F 9 -22.78 -22.86 -6.51
N GLY F 10 -22.18 -22.98 -5.33
CA GLY F 10 -21.86 -21.84 -4.50
C GLY F 10 -20.61 -21.13 -5.01
N LEU F 11 -20.41 -19.89 -4.60
CA LEU F 11 -19.25 -19.08 -4.99
C LEU F 11 -18.48 -18.70 -3.74
N GLY F 12 -17.22 -19.09 -3.66
CA GLY F 12 -16.40 -18.76 -2.51
C GLY F 12 -16.21 -17.27 -2.33
N ASN F 13 -16.16 -16.80 -1.08
CA ASN F 13 -15.89 -15.39 -0.78
C ASN F 13 -14.38 -15.20 -0.85
N LEU F 14 -13.93 -14.21 -1.63
CA LEU F 14 -12.49 -13.97 -1.80
C LEU F 14 -12.05 -12.69 -1.06
N GLY F 15 -12.73 -12.37 0.05
CA GLY F 15 -12.47 -11.18 0.85
C GLY F 15 -13.36 -10.02 0.44
N ASN F 16 -14.52 -9.88 1.14
CA ASN F 16 -15.56 -8.86 0.91
C ASN F 16 -16.16 -8.95 -0.52
N THR F 17 -16.37 -10.17 -1.04
CA THR F 17 -16.90 -10.32 -2.42
C THR F 17 -18.33 -10.85 -2.42
N PHE F 19 -21.13 -9.25 -2.29
CA PHE F 19 -21.90 -8.35 -3.16
C PHE F 19 -21.85 -8.86 -4.60
N MET F 20 -20.63 -9.30 -5.02
CA MET F 20 -20.33 -9.84 -6.34
C MET F 20 -21.00 -11.21 -6.51
N ASN F 21 -20.84 -12.12 -5.50
CA ASN F 21 -21.45 -13.47 -5.54
C ASN F 21 -22.94 -13.44 -5.70
N SER F 22 -23.61 -12.54 -4.94
CA SER F 22 -25.07 -12.33 -4.93
C SER F 22 -25.58 -11.94 -6.32
N ALA F 23 -24.95 -10.92 -6.94
CA ALA F 23 -25.25 -10.43 -8.28
C ALA F 23 -25.03 -11.54 -9.30
N LEU F 24 -23.92 -12.28 -9.16
CA LEU F 24 -23.56 -13.39 -10.04
C LEU F 24 -24.56 -14.57 -9.96
N GLN F 25 -25.13 -14.86 -8.77
CA GLN F 25 -26.12 -15.92 -8.62
C GLN F 25 -27.45 -15.55 -9.30
N CYS F 26 -27.80 -14.25 -9.28
CA CYS F 26 -28.99 -13.75 -9.92
C CYS F 26 -28.84 -13.86 -11.44
N LEU F 27 -27.69 -13.44 -11.97
CA LEU F 27 -27.40 -13.52 -13.39
C LEU F 27 -27.28 -14.98 -13.86
N SER F 28 -26.68 -15.85 -13.04
CA SER F 28 -26.52 -17.27 -13.35
C SER F 28 -27.88 -17.95 -13.57
N ASN F 29 -28.86 -17.53 -12.77
CA ASN F 29 -30.19 -18.11 -12.80
C ASN F 29 -31.16 -17.32 -13.72
N THR F 30 -30.61 -16.52 -14.62
CA THR F 30 -31.31 -15.85 -15.71
C THR F 30 -31.07 -16.77 -16.90
N ALA F 31 -32.01 -17.72 -17.12
CA ALA F 31 -31.95 -18.78 -18.12
C ALA F 31 -31.64 -18.25 -19.55
N PRO F 32 -32.25 -17.15 -20.10
CA PRO F 32 -31.88 -16.73 -21.47
C PRO F 32 -30.40 -16.35 -21.60
N LEU F 33 -29.81 -15.81 -20.52
CA LEU F 33 -28.39 -15.43 -20.49
C LEU F 33 -27.48 -16.66 -20.31
N THR F 34 -27.78 -17.57 -19.35
CA THR F 34 -26.94 -18.77 -19.12
C THR F 34 -26.99 -19.67 -20.35
N ASP F 35 -28.19 -19.89 -20.95
CA ASP F 35 -28.36 -20.71 -22.16
C ASP F 35 -27.52 -20.20 -23.30
N TYR F 36 -27.44 -18.86 -23.46
CA TYR F 36 -26.62 -18.21 -24.49
C TYR F 36 -25.13 -18.64 -24.38
N PHE F 37 -24.56 -18.64 -23.15
CA PHE F 37 -23.17 -19.03 -22.90
C PHE F 37 -22.95 -20.54 -22.98
N LEU F 38 -23.91 -21.34 -22.47
CA LEU F 38 -23.81 -22.81 -22.49
C LEU F 38 -23.92 -23.35 -23.92
N LYS F 39 -24.67 -22.65 -24.82
CA LYS F 39 -24.82 -23.02 -26.23
C LYS F 39 -23.46 -22.92 -26.94
N ASP F 40 -22.54 -22.11 -26.35
CA ASP F 40 -21.14 -21.93 -26.74
C ASP F 40 -20.96 -21.61 -28.24
N GLU F 41 -21.74 -20.64 -28.74
CA GLU F 41 -21.67 -20.19 -30.13
C GLU F 41 -21.51 -18.65 -30.16
N TYR F 42 -21.49 -18.06 -28.95
CA TYR F 42 -21.31 -16.64 -28.62
C TYR F 42 -19.91 -16.11 -29.04
N GLU F 43 -18.94 -17.02 -29.32
CA GLU F 43 -17.56 -16.68 -29.67
C GLU F 43 -17.48 -15.71 -30.87
N ALA F 44 -18.39 -15.89 -31.85
CA ALA F 44 -18.48 -15.03 -33.03
C ALA F 44 -18.95 -13.61 -32.67
N GLU F 45 -19.62 -13.45 -31.51
CA GLU F 45 -20.19 -12.17 -31.07
C GLU F 45 -19.28 -11.36 -30.12
N ILE F 46 -18.17 -11.95 -29.63
CA ILE F 46 -17.23 -11.26 -28.75
C ILE F 46 -16.61 -10.07 -29.53
N ASN F 47 -16.81 -8.84 -29.02
CA ASN F 47 -16.32 -7.60 -29.61
C ASN F 47 -15.06 -7.14 -28.86
N ARG F 48 -13.89 -7.35 -29.48
CA ARG F 48 -12.57 -7.05 -28.91
C ARG F 48 -12.04 -5.65 -29.21
N ASP F 49 -12.66 -4.94 -30.16
CA ASP F 49 -12.24 -3.59 -30.57
C ASP F 49 -13.11 -2.47 -30.00
N ASN F 50 -14.24 -2.82 -29.37
CA ASN F 50 -15.19 -1.85 -28.83
C ASN F 50 -14.52 -0.86 -27.84
N PRO F 51 -14.52 0.45 -28.15
CA PRO F 51 -13.88 1.43 -27.24
C PRO F 51 -14.61 1.57 -25.90
N LEU F 52 -15.84 1.01 -25.80
CA LEU F 52 -16.64 1.08 -24.57
C LEU F 52 -16.62 -0.25 -23.79
N GLY F 53 -15.99 -1.26 -24.36
CA GLY F 53 -15.88 -2.59 -23.77
C GLY F 53 -14.57 -2.88 -23.07
N MET F 54 -14.39 -4.14 -22.68
CA MET F 54 -13.19 -4.56 -21.98
C MET F 54 -12.46 -5.63 -22.81
N LYS F 55 -12.47 -5.44 -24.16
CA LYS F 55 -11.79 -6.26 -25.17
C LYS F 55 -12.32 -7.71 -25.21
N GLY F 56 -13.56 -7.92 -24.77
CA GLY F 56 -14.19 -9.23 -24.72
C GLY F 56 -13.94 -10.02 -23.45
N GLU F 57 -12.95 -9.58 -22.63
CA GLU F 57 -12.43 -10.23 -21.42
C GLU F 57 -13.43 -10.35 -20.25
N ILE F 58 -14.41 -9.43 -20.10
CA ILE F 58 -15.41 -9.59 -19.05
C ILE F 58 -16.41 -10.67 -19.52
N ALA F 59 -16.75 -10.68 -20.83
CA ALA F 59 -17.66 -11.69 -21.40
C ALA F 59 -17.03 -13.09 -21.32
N GLU F 60 -15.72 -13.18 -21.59
CA GLU F 60 -14.97 -14.43 -21.56
C GLU F 60 -14.81 -14.97 -20.13
N ALA F 61 -14.52 -14.10 -19.14
CA ALA F 61 -14.38 -14.50 -17.73
C ALA F 61 -15.75 -14.94 -17.19
N TYR F 62 -16.81 -14.26 -17.60
CA TYR F 62 -18.17 -14.59 -17.21
C TYR F 62 -18.62 -15.94 -17.81
N ALA F 63 -18.42 -16.15 -19.12
CA ALA F 63 -18.74 -17.40 -19.82
C ALA F 63 -18.05 -18.63 -19.19
N GLU F 64 -16.75 -18.51 -18.88
CA GLU F 64 -15.91 -19.53 -18.25
C GLU F 64 -16.51 -19.93 -16.88
N LEU F 65 -16.86 -18.93 -16.05
CA LEU F 65 -17.46 -19.12 -14.73
C LEU F 65 -18.84 -19.79 -14.81
N ILE F 66 -19.71 -19.34 -15.73
CA ILE F 66 -21.07 -19.87 -15.91
C ILE F 66 -21.02 -21.33 -16.34
N LYS F 67 -20.03 -21.69 -17.18
CA LYS F 67 -19.82 -23.08 -17.62
C LYS F 67 -19.43 -23.96 -16.43
N GLN F 68 -18.61 -23.41 -15.49
CA GLN F 68 -18.20 -24.11 -14.26
C GLN F 68 -19.40 -24.33 -13.33
N MET F 69 -20.21 -23.28 -13.14
CA MET F 69 -21.38 -23.28 -12.26
C MET F 69 -22.48 -24.22 -12.78
N TRP F 70 -22.52 -24.49 -14.10
CA TRP F 70 -23.57 -25.31 -14.72
C TRP F 70 -23.06 -26.66 -15.26
N SER F 71 -21.82 -27.05 -14.89
CA SER F 71 -21.21 -28.31 -15.33
C SER F 71 -21.77 -29.54 -14.59
N GLY F 72 -22.17 -29.34 -13.32
CA GLY F 72 -22.65 -30.41 -12.45
C GLY F 72 -21.52 -31.17 -11.78
N ARG F 73 -20.29 -30.65 -11.92
CA ARG F 73 -19.08 -31.27 -11.38
C ARG F 73 -18.68 -30.70 -10.03
N ASP F 74 -19.03 -29.43 -9.75
CA ASP F 74 -18.66 -28.76 -8.49
C ASP F 74 -19.84 -28.23 -7.72
N ALA F 75 -19.75 -28.37 -6.38
CA ALA F 75 -20.74 -27.87 -5.41
C ALA F 75 -20.47 -26.37 -5.15
N HIS F 76 -19.23 -25.94 -5.38
CA HIS F 76 -18.77 -24.56 -5.22
C HIS F 76 -17.49 -24.33 -6.02
N VAL F 77 -17.30 -23.07 -6.44
CA VAL F 77 -16.10 -22.62 -7.16
C VAL F 77 -15.68 -21.27 -6.57
N ALA F 78 -14.37 -20.99 -6.60
CA ALA F 78 -13.81 -19.69 -6.20
C ALA F 78 -13.67 -18.89 -7.49
N PRO F 79 -14.47 -17.81 -7.69
CA PRO F 79 -14.40 -17.09 -8.99
C PRO F 79 -13.18 -16.16 -9.10
N ARG F 80 -11.95 -16.74 -9.02
CA ARG F 80 -10.70 -16.00 -8.98
C ARG F 80 -10.40 -15.19 -10.24
N MET F 81 -10.50 -15.80 -11.43
CA MET F 81 -10.26 -15.10 -12.69
C MET F 81 -11.24 -13.94 -12.85
N PHE F 82 -12.54 -14.18 -12.55
CA PHE F 82 -13.59 -13.17 -12.67
C PHE F 82 -13.33 -11.98 -11.74
N LYS F 83 -13.05 -12.26 -10.45
CA LYS F 83 -12.74 -11.25 -9.43
C LYS F 83 -11.55 -10.39 -9.83
N THR F 84 -10.48 -11.03 -10.36
CA THR F 84 -9.25 -10.39 -10.83
C THR F 84 -9.56 -9.43 -11.99
N GLN F 85 -10.32 -9.90 -12.99
CA GLN F 85 -10.68 -9.10 -14.16
C GLN F 85 -11.53 -7.89 -13.78
N VAL F 86 -12.49 -8.07 -12.83
CA VAL F 86 -13.35 -7.01 -12.32
C VAL F 86 -12.48 -5.92 -11.64
N GLY F 87 -11.58 -6.29 -10.74
CA GLY F 87 -10.70 -5.36 -10.01
C GLY F 87 -9.67 -4.65 -10.86
N ARG F 88 -9.43 -5.20 -12.06
CA ARG F 88 -8.50 -4.65 -13.06
C ARG F 88 -9.23 -3.54 -13.84
N PHE F 89 -10.46 -3.78 -14.28
CA PHE F 89 -11.23 -2.82 -15.05
C PHE F 89 -12.01 -1.83 -14.18
N ALA F 90 -12.49 -2.28 -13.03
CA ALA F 90 -13.25 -1.45 -12.10
C ALA F 90 -12.66 -1.57 -10.66
N PRO F 91 -11.55 -0.82 -10.37
CA PRO F 91 -10.89 -0.91 -9.06
C PRO F 91 -11.74 -0.49 -7.85
N GLN F 92 -12.88 0.21 -8.07
CA GLN F 92 -13.77 0.62 -6.99
C GLN F 92 -14.41 -0.61 -6.30
N PHE F 93 -14.48 -1.75 -7.00
CA PHE F 93 -15.05 -2.98 -6.47
C PHE F 93 -14.00 -3.83 -5.73
N SER F 94 -12.72 -3.45 -5.89
CA SER F 94 -11.62 -4.19 -5.30
C SER F 94 -11.14 -3.50 -4.02
N GLY F 95 -11.95 -2.60 -3.48
CA GLY F 95 -11.67 -1.94 -2.22
C GLY F 95 -11.91 -2.89 -1.06
N TYR F 96 -12.18 -2.35 0.14
CA TYR F 96 -12.40 -3.17 1.34
C TYR F 96 -13.64 -2.71 2.15
N GLN F 97 -14.27 -1.62 1.69
CA GLN F 97 -15.42 -0.88 2.25
C GLN F 97 -16.77 -1.53 1.88
N GLN F 98 -17.90 -1.01 2.41
CA GLN F 98 -19.26 -1.49 2.09
C GLN F 98 -19.48 -1.45 0.58
N GLN F 99 -20.00 -2.55 0.02
CA GLN F 99 -20.23 -2.61 -1.41
C GLN F 99 -21.73 -2.68 -1.71
N ASP F 100 -22.08 -2.53 -2.99
CA ASP F 100 -23.45 -2.53 -3.48
C ASP F 100 -23.61 -3.55 -4.61
N SER F 101 -24.44 -4.60 -4.39
CA SER F 101 -24.66 -5.65 -5.41
C SER F 101 -25.29 -5.09 -6.71
N GLN F 102 -26.11 -4.04 -6.59
CA GLN F 102 -26.73 -3.36 -7.74
C GLN F 102 -25.66 -2.59 -8.57
N GLU F 103 -24.69 -1.97 -7.88
CA GLU F 103 -23.61 -1.23 -8.53
C GLU F 103 -22.78 -2.22 -9.38
N LEU F 104 -22.47 -3.41 -8.82
CA LEU F 104 -21.75 -4.43 -9.56
C LEU F 104 -22.60 -4.96 -10.75
N LEU F 105 -23.90 -5.18 -10.53
CA LEU F 105 -24.86 -5.63 -11.53
C LEU F 105 -24.91 -4.67 -12.73
N ALA F 106 -25.08 -3.35 -12.48
CA ALA F 106 -25.09 -2.31 -13.51
C ALA F 106 -23.76 -2.31 -14.31
N PHE F 107 -22.61 -2.46 -13.63
CA PHE F 107 -21.30 -2.56 -14.26
C PHE F 107 -21.22 -3.76 -15.22
N LEU F 108 -21.64 -4.94 -14.71
CA LEU F 108 -21.61 -6.22 -15.41
C LEU F 108 -22.58 -6.26 -16.59
N LEU F 109 -23.82 -5.75 -16.42
CA LEU F 109 -24.80 -5.69 -17.51
C LEU F 109 -24.28 -4.83 -18.68
N ASP F 110 -23.65 -3.69 -18.36
CA ASP F 110 -23.08 -2.79 -19.37
C ASP F 110 -21.85 -3.43 -20.00
N GLY F 111 -21.00 -4.03 -19.15
CA GLY F 111 -19.78 -4.70 -19.54
C GLY F 111 -19.99 -5.83 -20.50
N LEU F 112 -20.93 -6.72 -20.17
CA LEU F 112 -21.30 -7.87 -21.00
C LEU F 112 -21.90 -7.38 -22.34
N HIS F 113 -22.74 -6.34 -22.29
CA HIS F 113 -23.34 -5.76 -23.48
C HIS F 113 -22.26 -5.26 -24.47
N GLU F 114 -21.28 -4.49 -23.99
CA GLU F 114 -20.25 -3.93 -24.86
C GLU F 114 -19.29 -5.01 -25.39
N ASP F 115 -18.97 -6.02 -24.56
CA ASP F 115 -18.11 -7.13 -24.96
C ASP F 115 -18.80 -8.08 -25.92
N LEU F 116 -20.12 -7.97 -26.05
CA LEU F 116 -20.90 -8.83 -26.94
C LEU F 116 -21.75 -8.01 -27.93
N ASN F 117 -21.44 -6.70 -28.08
CA ASN F 117 -22.14 -5.77 -28.96
C ASN F 117 -21.86 -6.11 -30.43
N ARG F 118 -22.94 -6.42 -31.19
CA ARG F 118 -22.91 -6.81 -32.60
C ARG F 118 -22.63 -5.60 -33.50
N VAL F 119 -22.81 -4.38 -32.96
CA VAL F 119 -22.55 -3.13 -33.66
C VAL F 119 -21.05 -2.88 -33.55
N LYS F 120 -20.34 -3.12 -34.66
CA LYS F 120 -18.89 -2.98 -34.74
C LYS F 120 -18.48 -1.50 -34.88
N LYS F 121 -19.34 -0.66 -35.50
CA LYS F 121 -19.09 0.77 -35.66
C LYS F 121 -20.34 1.57 -35.24
N LYS F 122 -20.28 2.22 -34.05
CA LYS F 122 -21.41 2.99 -33.53
C LYS F 122 -21.61 4.28 -34.31
N PRO F 123 -22.81 4.49 -34.91
CA PRO F 123 -23.06 5.73 -35.67
C PRO F 123 -23.61 6.88 -34.81
N LEU F 127 -29.83 14.64 -30.33
CA LEU F 127 -31.01 14.05 -29.68
C LEU F 127 -32.27 14.38 -30.51
N LYS F 128 -32.80 13.38 -31.24
CA LYS F 128 -33.97 13.53 -32.11
C LYS F 128 -35.28 13.71 -31.32
N ASP F 129 -36.06 14.74 -31.69
CA ASP F 129 -37.37 15.05 -31.07
C ASP F 129 -38.47 14.95 -32.14
N ALA F 130 -39.58 14.28 -31.79
CA ALA F 130 -40.69 14.13 -32.71
C ALA F 130 -41.75 15.14 -32.41
N ASN F 131 -42.05 15.93 -33.43
CA ASN F 131 -42.96 17.05 -33.38
C ASN F 131 -44.34 16.63 -33.92
N GLY F 132 -45.29 16.48 -32.98
CA GLY F 132 -46.69 16.15 -33.24
C GLY F 132 -46.97 14.78 -33.81
N ARG F 133 -45.96 13.90 -33.81
CA ARG F 133 -46.04 12.54 -34.34
C ARG F 133 -46.61 11.59 -33.28
N PRO F 134 -47.31 10.49 -33.68
CA PRO F 134 -47.86 9.56 -32.67
C PRO F 134 -46.77 8.88 -31.82
N ASP F 135 -47.11 8.58 -30.55
CA ASP F 135 -46.24 7.90 -29.59
C ASP F 135 -45.65 6.59 -30.15
N ALA F 136 -46.48 5.80 -30.85
CA ALA F 136 -46.09 4.52 -31.46
C ALA F 136 -44.97 4.70 -32.49
N VAL F 137 -45.03 5.78 -33.28
CA VAL F 137 -44.06 6.12 -34.33
C VAL F 137 -42.73 6.57 -33.68
N VAL F 138 -42.80 7.48 -32.68
CA VAL F 138 -41.65 8.04 -31.97
C VAL F 138 -40.92 6.95 -31.14
N ALA F 139 -41.68 6.06 -30.46
CA ALA F 139 -41.12 4.96 -29.66
C ALA F 139 -40.38 3.93 -30.53
N LYS F 140 -40.98 3.56 -31.71
CA LYS F 140 -40.41 2.62 -32.69
C LYS F 140 -39.07 3.16 -33.21
N GLU F 141 -39.03 4.48 -33.49
CA GLU F 141 -37.86 5.21 -33.96
C GLU F 141 -36.75 5.19 -32.90
N ALA F 142 -37.09 5.52 -31.63
CA ALA F 142 -36.18 5.54 -30.49
C ALA F 142 -35.52 4.17 -30.25
N TRP F 143 -36.32 3.07 -30.37
CA TRP F 143 -35.88 1.69 -30.18
C TRP F 143 -34.95 1.26 -31.32
N GLU F 144 -35.30 1.60 -32.58
CA GLU F 144 -34.50 1.27 -33.76
C GLU F 144 -33.15 1.98 -33.72
N ASN F 145 -33.13 3.26 -33.28
CA ASN F 145 -31.92 4.08 -33.16
C ASN F 145 -31.03 3.53 -32.04
N HIS F 146 -31.64 3.03 -30.96
CA HIS F 146 -30.97 2.39 -29.83
C HIS F 146 -30.27 1.12 -30.29
N ARG F 147 -30.96 0.28 -31.09
CA ARG F 147 -30.41 -0.97 -31.62
C ARG F 147 -29.36 -0.75 -32.75
N LEU F 148 -29.31 0.47 -33.37
CA LEU F 148 -28.30 0.78 -34.38
C LEU F 148 -26.95 1.06 -33.70
N ARG F 149 -26.98 1.33 -32.39
CA ARG F 149 -25.80 1.55 -31.55
C ARG F 149 -25.54 0.36 -30.63
N ASN F 150 -26.64 -0.27 -30.13
CA ASN F 150 -26.60 -1.34 -29.13
C ASN F 150 -27.39 -2.58 -29.55
N ASP F 151 -26.69 -3.65 -29.93
CA ASP F 151 -27.30 -4.90 -30.36
C ASP F 151 -26.51 -6.06 -29.75
N SER F 152 -27.05 -6.66 -28.67
CA SER F 152 -26.42 -7.78 -27.93
C SER F 152 -27.45 -8.67 -27.26
N VAL F 153 -27.01 -9.82 -26.72
CA VAL F 153 -27.82 -10.73 -25.92
C VAL F 153 -28.38 -9.95 -24.69
N ILE F 154 -27.65 -8.91 -24.21
CA ILE F 154 -28.07 -8.09 -23.07
C ILE F 154 -29.29 -7.23 -23.47
N VAL F 155 -29.26 -6.60 -24.68
CA VAL F 155 -30.36 -5.80 -25.23
C VAL F 155 -31.58 -6.70 -25.41
N ASP F 156 -31.38 -7.89 -25.98
CA ASP F 156 -32.44 -8.88 -26.25
C ASP F 156 -33.08 -9.45 -24.98
N THR F 157 -32.31 -9.56 -23.88
CA THR F 157 -32.78 -10.13 -22.62
C THR F 157 -33.34 -9.10 -21.61
N PHE F 158 -32.62 -7.98 -21.39
CA PHE F 158 -32.95 -7.04 -20.32
C PHE F 158 -33.45 -5.64 -20.72
N HIS F 159 -33.39 -5.25 -22.01
CA HIS F 159 -33.75 -3.88 -22.36
C HIS F 159 -35.23 -3.66 -22.64
N GLY F 160 -35.72 -2.61 -21.99
CA GLY F 160 -37.06 -2.08 -22.13
C GLY F 160 -36.99 -0.63 -22.56
N LEU F 161 -38.14 0.00 -22.71
CA LEU F 161 -38.25 1.40 -23.14
C LEU F 161 -39.25 2.12 -22.24
N PHE F 162 -38.87 3.31 -21.77
CA PHE F 162 -39.76 4.11 -20.96
C PHE F 162 -39.95 5.48 -21.62
N LYS F 163 -41.13 6.05 -21.43
CA LYS F 163 -41.56 7.33 -21.99
C LYS F 163 -41.31 8.41 -20.96
N SER F 164 -40.77 9.53 -21.41
CA SER F 164 -40.53 10.68 -20.54
C SER F 164 -41.31 11.89 -21.08
N THR F 165 -42.22 12.49 -20.27
CA THR F 165 -43.06 13.62 -20.68
C THR F 165 -42.76 14.86 -19.83
N LEU F 166 -42.36 15.94 -20.50
CA LEU F 166 -42.08 17.22 -19.85
C LEU F 166 -43.05 18.28 -20.37
N VAL F 167 -43.80 18.96 -19.48
CA VAL F 167 -44.74 20.00 -19.89
C VAL F 167 -44.39 21.33 -19.19
N CYS F 168 -44.12 22.37 -20.00
CA CYS F 168 -43.77 23.73 -19.59
C CYS F 168 -44.95 24.44 -18.89
N PRO F 169 -44.74 25.09 -17.72
CA PRO F 169 -45.86 25.78 -17.06
C PRO F 169 -46.21 27.14 -17.71
N GLU F 170 -45.29 27.68 -18.55
CA GLU F 170 -45.42 28.97 -19.24
C GLU F 170 -46.18 28.86 -20.60
N CYS F 171 -45.65 28.05 -21.57
CA CYS F 171 -46.19 27.90 -22.93
C CYS F 171 -47.02 26.60 -23.13
N ALA F 172 -47.13 25.73 -22.09
CA ALA F 172 -47.88 24.45 -22.08
C ALA F 172 -47.34 23.43 -23.11
N LYS F 173 -46.07 23.57 -23.55
CA LYS F 173 -45.44 22.67 -24.52
C LYS F 173 -45.16 21.30 -23.87
N VAL F 174 -45.64 20.23 -24.53
CA VAL F 174 -45.51 18.84 -24.10
C VAL F 174 -44.37 18.21 -24.91
N SER F 175 -43.22 17.95 -24.25
CA SER F 175 -42.05 17.31 -24.85
C SER F 175 -41.96 15.83 -24.43
N VAL F 176 -42.13 14.91 -25.41
CA VAL F 176 -42.10 13.47 -25.20
C VAL F 176 -40.79 12.86 -25.76
N THR F 177 -40.12 12.04 -24.94
CA THR F 177 -38.91 11.29 -25.31
C THR F 177 -39.07 9.83 -24.89
N PHE F 178 -38.45 8.92 -25.64
CA PHE F 178 -38.45 7.49 -25.33
C PHE F 178 -37.01 7.06 -25.09
N ASP F 179 -36.76 6.51 -23.90
CA ASP F 179 -35.41 6.12 -23.51
C ASP F 179 -35.31 4.67 -23.07
N PRO F 180 -34.21 3.96 -23.44
CA PRO F 180 -34.07 2.57 -23.00
C PRO F 180 -33.61 2.43 -21.56
N PHE F 181 -33.86 1.26 -20.97
CA PHE F 181 -33.42 0.91 -19.63
C PHE F 181 -33.03 -0.59 -19.59
N CYS F 182 -32.10 -1.02 -18.71
CA CYS F 182 -31.86 -2.46 -18.57
C CYS F 182 -32.27 -2.93 -17.15
N TYR F 183 -32.68 -1.99 -16.29
CA TYR F 183 -33.21 -2.26 -14.95
C TYR F 183 -34.08 -1.08 -14.51
N LEU F 184 -34.95 -1.29 -13.51
CA LEU F 184 -35.77 -0.21 -12.96
C LEU F 184 -35.36 0.08 -11.54
N THR F 185 -34.90 1.32 -11.26
CA THR F 185 -34.60 1.75 -9.89
C THR F 185 -35.90 2.37 -9.36
N LEU F 186 -36.50 1.71 -8.35
CA LEU F 186 -37.76 2.14 -7.77
C LEU F 186 -37.54 2.84 -6.44
N PRO F 187 -38.14 4.05 -6.29
CA PRO F 187 -38.05 4.72 -4.98
C PRO F 187 -39.04 4.09 -4.00
N LEU F 188 -38.67 4.00 -2.72
CA LEU F 188 -39.59 3.46 -1.72
C LEU F 188 -40.38 4.61 -1.10
N PRO F 189 -41.68 4.42 -0.75
CA PRO F 189 -42.46 5.51 -0.12
C PRO F 189 -41.89 5.94 1.22
N LEU F 190 -42.40 7.08 1.69
CA LEU F 190 -42.09 7.71 2.96
C LEU F 190 -43.39 7.77 3.80
N LYS F 191 -43.25 7.87 5.16
CA LYS F 191 -44.33 7.94 6.17
C LYS F 191 -45.17 6.66 6.18
N THR F 210 -44.91 -1.82 5.91
CA THR F 210 -44.96 -2.73 4.77
C THR F 210 -45.69 -2.06 3.58
N VAL F 211 -44.99 -2.06 2.43
CA VAL F 211 -45.46 -1.46 1.18
C VAL F 211 -45.51 -2.55 0.09
N ALA F 212 -46.36 -2.36 -0.93
CA ALA F 212 -46.44 -3.29 -2.06
C ALA F 212 -45.50 -2.82 -3.19
N LEU F 213 -44.98 -3.77 -3.99
CA LEU F 213 -44.13 -3.47 -5.14
C LEU F 213 -44.84 -2.51 -6.12
N ARG F 214 -46.15 -2.72 -6.33
CA ARG F 214 -46.98 -1.91 -7.22
C ARG F 214 -47.04 -0.44 -6.76
N ASP F 215 -46.92 -0.18 -5.43
CA ASP F 215 -46.89 1.18 -4.87
C ASP F 215 -45.59 1.87 -5.27
N CYS F 216 -44.46 1.10 -5.29
CA CYS F 216 -43.15 1.56 -5.68
C CYS F 216 -43.13 1.88 -7.18
N ILE F 217 -43.80 1.02 -8.00
CA ILE F 217 -43.89 1.20 -9.46
C ILE F 217 -44.70 2.45 -9.75
N GLU F 218 -45.87 2.60 -9.07
CA GLU F 218 -46.77 3.75 -9.20
C GLU F 218 -46.06 5.05 -8.83
N LEU F 219 -45.23 5.04 -7.76
CA LEU F 219 -44.42 6.17 -7.30
C LEU F 219 -43.40 6.60 -8.38
N PHE F 220 -42.79 5.60 -9.07
CA PHE F 220 -41.84 5.85 -10.15
C PHE F 220 -42.54 6.54 -11.37
N THR F 221 -43.79 6.18 -11.65
CA THR F 221 -44.55 6.68 -12.80
C THR F 221 -45.43 7.91 -12.46
N THR F 222 -45.45 8.37 -11.17
CA THR F 222 -46.22 9.56 -10.82
C THR F 222 -45.46 10.81 -11.22
N MET F 223 -46.20 11.82 -11.71
CA MET F 223 -45.68 13.10 -12.18
C MET F 223 -45.06 13.88 -11.04
N GLU F 224 -43.78 14.23 -11.23
CA GLU F 224 -42.96 15.01 -10.32
C GLU F 224 -43.05 16.48 -10.76
N THR F 225 -43.39 17.37 -9.82
CA THR F 225 -43.56 18.81 -10.08
C THR F 225 -42.22 19.47 -10.49
N LEU F 226 -41.06 18.93 -10.03
CA LEU F 226 -39.69 19.36 -10.33
C LEU F 226 -39.51 20.87 -10.11
N GLN F 242 -38.52 24.41 -14.87
CA GLN F 242 -39.52 24.51 -13.80
C GLN F 242 -40.76 23.65 -14.13
N ALA F 243 -40.64 22.81 -15.18
CA ALA F 243 -41.63 21.91 -15.81
C ALA F 243 -41.89 20.62 -15.02
N THR F 244 -43.05 19.99 -15.30
CA THR F 244 -43.44 18.72 -14.69
C THR F 244 -42.80 17.59 -15.50
N LYS F 245 -42.36 16.51 -14.81
CA LYS F 245 -41.73 15.34 -15.44
C LYS F 245 -42.48 14.06 -15.05
N LYS F 246 -42.85 13.25 -16.05
CA LYS F 246 -43.57 12.00 -15.79
C LYS F 246 -42.95 10.85 -16.58
N PHE F 247 -42.70 9.73 -15.88
CA PHE F 247 -42.22 8.49 -16.50
C PHE F 247 -43.37 7.55 -16.74
N ASP F 248 -43.30 6.80 -17.83
CA ASP F 248 -44.28 5.81 -18.21
C ASP F 248 -43.55 4.63 -18.80
N LEU F 249 -44.04 3.42 -18.56
CA LEU F 249 -43.40 2.23 -19.09
C LEU F 249 -44.01 1.97 -20.47
N TRP F 250 -43.17 1.88 -21.52
CA TRP F 250 -43.67 1.68 -22.88
C TRP F 250 -43.57 0.20 -23.27
N SER F 251 -42.36 -0.38 -23.22
CA SER F 251 -42.14 -1.78 -23.54
C SER F 251 -41.25 -2.40 -22.46
N LEU F 252 -41.52 -3.66 -22.11
CA LEU F 252 -40.83 -4.35 -21.03
C LEU F 252 -40.08 -5.56 -21.54
N PRO F 253 -38.90 -5.90 -20.94
CA PRO F 253 -38.10 -7.00 -21.47
C PRO F 253 -38.51 -8.39 -20.96
N LYS F 254 -37.84 -9.44 -21.52
CA LYS F 254 -37.99 -10.83 -21.11
C LYS F 254 -37.64 -10.96 -19.63
N ILE F 255 -36.56 -10.27 -19.20
CA ILE F 255 -36.04 -10.30 -17.82
C ILE F 255 -36.08 -8.88 -17.26
N LEU F 256 -37.02 -8.66 -16.34
CA LEU F 256 -37.19 -7.36 -15.69
C LEU F 256 -36.43 -7.35 -14.34
N VAL F 257 -35.40 -6.51 -14.25
CA VAL F 257 -34.59 -6.34 -13.04
C VAL F 257 -35.13 -5.11 -12.31
N VAL F 258 -35.56 -5.31 -11.06
CA VAL F 258 -36.12 -4.27 -10.21
C VAL F 258 -35.19 -4.05 -9.01
N HIS F 259 -34.55 -2.89 -9.01
CA HIS F 259 -33.71 -2.42 -7.93
C HIS F 259 -34.55 -1.55 -7.00
N LEU F 260 -34.67 -1.98 -5.73
CA LEU F 260 -35.37 -1.25 -4.69
C LEU F 260 -34.40 -0.26 -4.09
N LYS F 261 -34.63 1.04 -4.26
CA LYS F 261 -33.65 2.05 -3.78
C LYS F 261 -33.64 2.17 -2.22
N ARG F 262 -32.93 1.22 -1.56
CA ARG F 262 -32.83 1.13 -0.10
C ARG F 262 -31.74 2.04 0.45
N PHE F 263 -30.63 2.22 -0.28
CA PHE F 263 -29.47 2.99 0.16
C PHE F 263 -29.50 4.46 -0.24
N SER F 264 -28.98 5.30 0.68
CA SER F 264 -28.77 6.75 0.56
C SER F 264 -27.34 7.04 0.93
N TYR F 265 -26.55 7.48 -0.04
CA TYR F 265 -25.15 7.75 0.21
C TYR F 265 -24.95 9.18 0.67
N ASN F 266 -24.86 9.36 2.01
CA ASN F 266 -24.64 10.65 2.64
C ASN F 266 -23.14 10.91 2.65
N ARG F 267 -22.74 12.14 2.93
CA ARG F 267 -21.34 12.56 2.94
C ARG F 267 -20.41 11.59 3.73
N TYR F 268 -20.80 11.22 4.96
CA TYR F 268 -19.96 10.42 5.84
C TYR F 268 -20.51 9.02 6.15
N TRP F 269 -21.69 8.67 5.67
CA TRP F 269 -22.26 7.35 5.94
C TRP F 269 -23.35 7.01 4.96
N ARG F 270 -23.63 5.71 4.85
CA ARG F 270 -24.68 5.19 3.97
C ARG F 270 -25.89 4.84 4.80
N ASP F 271 -27.05 5.38 4.42
CA ASP F 271 -28.31 5.07 5.09
C ASP F 271 -28.99 3.89 4.39
N LYS F 272 -29.84 3.15 5.12
CA LYS F 272 -30.57 2.05 4.53
C LYS F 272 -32.01 2.04 5.02
N LEU F 273 -32.96 1.94 4.07
CA LEU F 273 -34.39 1.76 4.31
C LEU F 273 -34.64 0.29 4.55
N ASP F 274 -35.19 -0.05 5.73
CA ASP F 274 -35.47 -1.44 6.15
C ASP F 274 -36.94 -1.86 5.87
N THR F 275 -37.69 -1.05 5.08
CA THR F 275 -39.09 -1.31 4.76
C THR F 275 -39.28 -2.68 4.07
N VAL F 276 -40.29 -3.42 4.51
CA VAL F 276 -40.68 -4.69 3.90
C VAL F 276 -41.48 -4.33 2.65
N VAL F 277 -40.96 -4.68 1.49
CA VAL F 277 -41.64 -4.47 0.22
C VAL F 277 -42.22 -5.84 -0.16
N GLU F 278 -43.54 -5.92 -0.27
CA GLU F 278 -44.26 -7.11 -0.66
C GLU F 278 -44.22 -7.21 -2.17
N PHE F 279 -43.70 -8.30 -2.68
CA PHE F 279 -43.61 -8.51 -4.11
C PHE F 279 -44.12 -9.91 -4.45
N PRO F 280 -44.84 -10.09 -5.58
CA PRO F 280 -45.30 -11.44 -5.91
C PRO F 280 -44.18 -12.38 -6.36
N ILE F 281 -44.36 -13.66 -6.07
CA ILE F 281 -43.43 -14.71 -6.47
C ILE F 281 -43.83 -15.17 -7.88
N ARG F 282 -45.11 -15.37 -8.12
CA ARG F 282 -45.65 -15.80 -9.40
C ARG F 282 -46.84 -14.91 -9.75
N GLY F 283 -47.00 -14.60 -11.03
CA GLY F 283 -48.08 -13.79 -11.58
C GLY F 283 -48.04 -12.28 -11.36
N LEU F 284 -46.87 -11.62 -11.49
CA LEU F 284 -46.80 -10.17 -11.38
C LEU F 284 -47.39 -9.58 -12.65
N ASN F 285 -48.57 -8.93 -12.56
CA ASN F 285 -49.18 -8.33 -13.74
C ASN F 285 -48.69 -6.89 -13.91
N MET F 286 -47.77 -6.73 -14.87
CA MET F 286 -47.15 -5.45 -15.17
C MET F 286 -47.97 -4.65 -16.19
N SER F 287 -48.92 -5.30 -16.88
CA SER F 287 -49.78 -4.71 -17.91
C SER F 287 -50.46 -3.39 -17.49
N GLU F 288 -50.77 -3.19 -16.21
CA GLU F 288 -51.45 -1.97 -15.76
C GLU F 288 -50.56 -0.70 -15.82
N PHE F 289 -49.23 -0.88 -15.82
CA PHE F 289 -48.28 0.24 -15.83
C PHE F 289 -47.80 0.55 -17.26
N VAL F 290 -48.10 -0.35 -18.22
CA VAL F 290 -47.72 -0.25 -19.63
C VAL F 290 -48.72 0.66 -20.34
N CYS F 291 -48.18 1.71 -21.00
CA CYS F 291 -48.89 2.77 -21.71
C CYS F 291 -49.28 2.40 -23.11
N ASN F 292 -48.46 1.60 -23.80
CA ASN F 292 -48.84 1.14 -25.12
C ASN F 292 -50.05 0.21 -24.91
N LEU F 293 -51.28 0.77 -25.06
CA LEU F 293 -52.54 0.03 -24.85
C LEU F 293 -52.79 -1.05 -25.92
N SER F 294 -51.99 -1.03 -27.01
CA SER F 294 -52.04 -2.03 -28.08
C SER F 294 -50.98 -3.15 -27.83
N ALA F 295 -50.17 -2.98 -26.77
CA ALA F 295 -49.13 -3.93 -26.39
C ALA F 295 -49.70 -5.25 -25.87
N ARG F 296 -48.85 -6.30 -25.95
CA ARG F 296 -49.11 -7.66 -25.50
C ARG F 296 -49.19 -7.70 -23.95
N PRO F 297 -49.91 -8.67 -23.33
CA PRO F 297 -49.93 -8.74 -21.86
C PRO F 297 -48.53 -8.99 -21.25
N TYR F 298 -48.29 -8.44 -20.06
CA TYR F 298 -47.02 -8.59 -19.40
C TYR F 298 -47.16 -9.22 -18.00
N VAL F 299 -47.09 -10.57 -17.94
CA VAL F 299 -47.14 -11.32 -16.69
C VAL F 299 -45.72 -11.90 -16.42
N TYR F 300 -45.21 -11.64 -15.19
CA TYR F 300 -43.87 -12.04 -14.75
C TYR F 300 -43.91 -12.99 -13.57
N ASP F 301 -42.86 -13.81 -13.48
CA ASP F 301 -42.59 -14.74 -12.38
C ASP F 301 -41.21 -14.47 -11.86
N LEU F 302 -41.06 -14.43 -10.54
CA LEU F 302 -39.77 -14.18 -9.89
C LEU F 302 -38.81 -15.32 -10.17
N ILE F 303 -37.52 -15.01 -10.45
CA ILE F 303 -36.53 -16.06 -10.72
C ILE F 303 -35.34 -15.95 -9.77
N ALA F 304 -35.10 -14.77 -9.19
CA ALA F 304 -33.98 -14.52 -8.30
C ALA F 304 -34.16 -13.25 -7.49
N VAL F 305 -33.55 -13.21 -6.30
CA VAL F 305 -33.53 -12.06 -5.39
C VAL F 305 -32.13 -11.92 -4.81
N SER F 306 -31.54 -10.71 -4.90
CA SER F 306 -30.31 -10.32 -4.23
C SER F 306 -30.71 -9.75 -2.88
N ASN F 307 -30.24 -10.39 -1.78
CA ASN F 307 -30.52 -10.01 -0.39
C ASN F 307 -29.36 -9.28 0.24
N HIS F 308 -29.64 -8.38 1.19
CA HIS F 308 -28.64 -7.66 1.97
C HIS F 308 -29.00 -7.69 3.46
N TYR F 309 -28.00 -7.94 4.31
CA TYR F 309 -28.11 -7.96 5.77
C TYR F 309 -26.98 -7.17 6.39
N GLY F 310 -27.09 -6.93 7.70
CA GLY F 310 -26.08 -6.21 8.47
C GLY F 310 -26.55 -4.82 8.79
N ALA F 311 -26.46 -4.44 10.06
CA ALA F 311 -26.91 -3.14 10.53
C ALA F 311 -25.77 -2.19 10.89
N MET F 312 -24.64 -2.72 11.42
CA MET F 312 -23.56 -1.86 11.90
C MET F 312 -22.31 -1.78 10.97
N GLY F 313 -21.85 -2.92 10.43
CA GLY F 313 -20.60 -2.96 9.69
C GLY F 313 -20.66 -3.12 8.19
N VAL F 314 -19.75 -3.95 7.65
CA VAL F 314 -19.58 -4.20 6.22
C VAL F 314 -20.82 -4.85 5.56
N GLY F 315 -21.70 -5.47 6.36
CA GLY F 315 -22.88 -6.13 5.85
C GLY F 315 -22.59 -7.39 5.05
N HIS F 316 -23.63 -8.03 4.52
CA HIS F 316 -23.50 -9.28 3.78
C HIS F 316 -24.62 -9.45 2.75
N TYR F 317 -24.24 -9.96 1.57
CA TYR F 317 -25.14 -10.23 0.47
C TYR F 317 -25.25 -11.71 0.21
N THR F 318 -26.49 -12.17 -0.03
CA THR F 318 -26.81 -13.54 -0.40
C THR F 318 -27.79 -13.47 -1.57
N ALA F 319 -28.32 -14.63 -1.98
CA ALA F 319 -29.31 -14.69 -3.05
C ALA F 319 -30.27 -15.86 -2.86
N TYR F 320 -31.53 -15.65 -3.28
CA TYR F 320 -32.55 -16.64 -3.57
C TYR F 320 -32.56 -16.79 -5.09
N ALA F 321 -32.65 -18.01 -5.58
CA ALA F 321 -32.77 -18.23 -7.00
C ALA F 321 -33.53 -19.51 -7.26
N LYS F 322 -34.35 -19.50 -8.32
CA LYS F 322 -35.15 -20.63 -8.78
C LYS F 322 -34.32 -21.39 -9.81
N ASN F 323 -34.05 -22.69 -9.56
CA ASN F 323 -33.29 -23.50 -10.51
C ASN F 323 -34.17 -23.79 -11.75
N LYS F 324 -33.69 -23.41 -12.95
CA LYS F 324 -34.43 -23.59 -14.22
C LYS F 324 -34.72 -25.04 -14.58
N LEU F 325 -33.88 -25.99 -14.11
CA LEU F 325 -34.04 -27.41 -14.44
C LEU F 325 -35.04 -28.14 -13.52
N ASN F 326 -35.14 -27.79 -12.22
CA ASN F 326 -36.07 -28.51 -11.33
C ASN F 326 -37.21 -27.61 -10.76
N GLY F 327 -37.15 -26.30 -11.03
CA GLY F 327 -38.16 -25.35 -10.59
C GLY F 327 -38.22 -25.05 -9.10
N LYS F 328 -37.21 -25.52 -8.31
CA LYS F 328 -37.14 -25.31 -6.87
C LYS F 328 -36.32 -24.07 -6.52
N TRP F 329 -36.61 -23.48 -5.35
CA TRP F 329 -35.96 -22.29 -4.82
C TRP F 329 -34.79 -22.68 -3.93
N TYR F 330 -33.66 -21.98 -4.11
CA TYR F 330 -32.46 -22.24 -3.33
C TYR F 330 -31.93 -20.95 -2.76
N TYR F 331 -31.20 -21.04 -1.63
CA TYR F 331 -30.53 -19.92 -0.96
C TYR F 331 -29.04 -20.10 -1.15
N PHE F 332 -28.40 -19.11 -1.78
CA PHE F 332 -26.97 -19.10 -2.08
C PHE F 332 -26.28 -18.10 -1.17
N ASP F 333 -25.55 -18.60 -0.20
CA ASP F 333 -24.81 -17.81 0.78
C ASP F 333 -23.34 -18.10 0.56
N ASP F 334 -22.73 -17.33 -0.34
CA ASP F 334 -21.37 -17.52 -0.81
C ASP F 334 -21.23 -19.00 -1.28
N SER F 335 -20.34 -19.80 -0.67
CA SER F 335 -20.07 -21.20 -1.05
C SER F 335 -21.25 -22.18 -0.72
N ASN F 336 -22.13 -21.80 0.20
CA ASN F 336 -23.26 -22.62 0.67
C ASN F 336 -24.53 -22.46 -0.13
N VAL F 337 -25.09 -23.60 -0.58
CA VAL F 337 -26.32 -23.72 -1.35
C VAL F 337 -27.27 -24.62 -0.57
N SER F 338 -28.42 -24.07 -0.19
CA SER F 338 -29.42 -24.85 0.53
C SER F 338 -30.80 -24.66 -0.04
N LEU F 339 -31.63 -25.71 0.04
CA LEU F 339 -33.00 -25.70 -0.43
C LEU F 339 -33.80 -24.69 0.37
N ALA F 340 -34.57 -23.86 -0.34
CA ALA F 340 -35.42 -22.82 0.22
C ALA F 340 -36.90 -23.09 -0.11
N SER F 341 -37.80 -22.31 0.49
CA SER F 341 -39.24 -22.37 0.21
C SER F 341 -39.72 -20.98 -0.16
N GLU F 342 -40.84 -20.92 -0.87
CA GLU F 342 -41.42 -19.66 -1.34
C GLU F 342 -41.75 -18.69 -0.20
N ASP F 343 -42.18 -19.20 0.96
CA ASP F 343 -42.57 -18.38 2.12
C ASP F 343 -41.38 -17.66 2.77
N GLN F 344 -40.15 -17.97 2.33
CA GLN F 344 -38.93 -17.36 2.89
C GLN F 344 -38.41 -16.16 2.10
N ILE F 345 -38.77 -16.08 0.81
CA ILE F 345 -38.23 -15.07 -0.12
C ILE F 345 -38.59 -13.63 0.27
N VAL F 346 -39.86 -13.32 0.56
CA VAL F 346 -40.28 -11.93 0.81
C VAL F 346 -39.94 -11.53 2.24
N THR F 347 -38.87 -10.73 2.38
CA THR F 347 -38.42 -10.16 3.66
C THR F 347 -37.86 -8.75 3.37
N LYS F 348 -37.48 -8.02 4.43
CA LYS F 348 -36.83 -6.70 4.35
C LYS F 348 -35.44 -6.80 3.67
N ALA F 349 -34.86 -8.03 3.61
CA ALA F 349 -33.54 -8.31 3.01
C ALA F 349 -33.57 -8.18 1.49
N ALA F 350 -34.75 -8.32 0.84
CA ALA F 350 -34.91 -8.23 -0.61
C ALA F 350 -34.47 -6.87 -1.09
N TYR F 351 -33.45 -6.84 -1.96
CA TYR F 351 -32.87 -5.61 -2.45
C TYR F 351 -33.02 -5.49 -3.99
N VAL F 352 -32.66 -6.54 -4.75
CA VAL F 352 -32.77 -6.57 -6.22
C VAL F 352 -33.58 -7.80 -6.59
N LEU F 353 -34.69 -7.59 -7.32
CA LEU F 353 -35.60 -8.62 -7.81
C LEU F 353 -35.42 -8.86 -9.31
N PHE F 354 -35.34 -10.13 -9.74
CA PHE F 354 -35.26 -10.56 -11.15
C PHE F 354 -36.57 -11.28 -11.48
N TYR F 355 -37.29 -10.80 -12.49
CA TYR F 355 -38.55 -11.36 -12.97
C TYR F 355 -38.41 -11.83 -14.40
N GLN F 356 -39.08 -12.94 -14.75
CA GLN F 356 -39.06 -13.50 -16.10
C GLN F 356 -40.47 -13.48 -16.69
N ARG F 357 -40.60 -12.86 -17.88
CA ARG F 357 -41.86 -12.74 -18.60
C ARG F 357 -42.37 -14.07 -19.10
N ARG F 358 -43.71 -14.22 -19.05
CA ARG F 358 -44.41 -15.38 -19.55
C ARG F 358 -44.63 -15.20 -21.02
N ASP F 359 -44.01 -16.06 -21.83
CA ASP F 359 -44.13 -16.02 -23.28
C ASP F 359 -44.87 -17.29 -23.70
N ASP F 360 -46.11 -17.41 -23.15
CA ASP F 360 -47.06 -18.50 -23.35
C ASP F 360 -47.39 -18.71 -24.84
N GLU F 361 -47.62 -17.59 -25.58
CA GLU F 361 -47.94 -17.58 -27.01
C GLU F 361 -47.14 -16.50 -27.74
#